data_9HNT
#
_entry.id   9HNT
#
loop_
_entity.id
_entity.type
_entity.pdbx_description
1 polymer 'Green fluorescent protein,Gamma-aminobutyric acid receptor subunit alpha-5'
2 polymer 'Gamma-aminobutyric acid receptor subunit beta-3,Gamma-aminobutyric acid receptor subunit beta-3,Gamma-aminobutyric acid receptor subunit beta-3,Green fluorescent protein'
3 polymer 'Megabody 25'
4 branched 2-acetamido-2-deoxy-beta-D-glucopyranose-(1-4)-2-acetamido-2-deoxy-beta-D-glucopyranose
5 branched beta-D-mannopyranose-(1-4)-2-acetamido-2-deoxy-beta-D-glucopyranose-(1-4)-2-acetamido-2-deoxy-beta-D-glucopyranose
6 branched alpha-D-mannopyranose-(1-3)-alpha-D-mannopyranose-(1-6)-[alpha-D-mannopyranose-(1-3)]beta-D-mannopyranose-(1-4)-2-acetamido-2-deoxy-beta-D-glucopyranose-(1-4)-2-acetamido-2-deoxy-beta-D-glucopyranose
7 branched alpha-D-mannopyranose-(1-3)-alpha-D-mannopyranose-(1-6)-[alpha-D-mannopyranose-(1-3)]beta-D-mannopyranose-(1-3)-2-acetamido-2-deoxy-beta-D-glucopyranose-(1-4)-2-acetamido-2-deoxy-beta-D-glucopyranose
8 branched beta-D-mannopyranose-(1-3)-2-acetamido-2-deoxy-beta-D-glucopyranose-(1-4)-2-acetamido-2-deoxy-beta-D-glucopyranose
9 branched 2-acetamido-2-deoxy-beta-D-glucopyranose-(1-6)-2-acetamido-2-deoxy-beta-D-glucopyranose
10 non-polymer Etomidate
11 non-polymer 'GAMMA-AMINO-BUTANOIC ACID'
12 non-polymer '4-(2-HYDROXYETHYL)-1-PIPERAZINE ETHANESULFONIC ACID'
13 non-polymer 2-acetamido-2-deoxy-beta-D-glucopyranose
#
loop_
_entity_poly.entity_id
_entity_poly.type
_entity_poly.pdbx_seq_one_letter_code
_entity_poly.pdbx_strand_id
1 'polypeptide(L)'
;MRKSPGLSDCLWAWILLLSTLTGRSYGQMSKGEELFTGVVPILVELDGDVNGHKFSVRGEGEGDATNGKLTLKFICTTGK
LPVPWPTLVTTLTYGVQCFSRYPDHMKRHDFFKSAMPEGYVQERTISFKDDGTYKTRAEVKFEGDTLVNRIELKGIDFKE
DGNILGHKLEYNFNSHNVYITADKQKNGIKANFKIRHNVEDGSVQLADHYQQNTPIGDGPVLLPDNHYLSTQSVLSKDPN
EKRDHMVLLEFVTAAGITHGMDELYKAANALAAWSHPQFEKGGGSGGGSGGGSWSHPQFEKSSSNNNNNENLYFQAMPTS
SVKDETNDNITIFTRILDGLLDGYDNRLRPGLGERITQVRTDIYVTSFGPVSDTEMEYTIDVFFRQSWKDERLRFKGPMQ
RLPLNNLLASKIWTPDTFFHNGKKSIAHNMTTPNKLLRLEDDGTLLYTMRLTISAECPMQLEDFPMDAHACPLKFGSYAY
PNSEVVYVWTNGSTKSVVVAEDGSRLNQYHLMGQTVGTENISTSTGEYTIMTAHFHLKRKIGYFVIQTYLPCIMTVILSQ
VSFWLNRESVPARTVFGVTTVLTMTTLSISARNSLPKVAYATAMDWFIAVCYAFVFSALIEFATVNYFTKSQPARAASIS
KIDKMSRIVFPVLFGTFNLVYWATYLNREPVIKGAASPK
;
A,D
2 'polypeptide(L)'
;MWGLAGGRLFGIFSAPVLVAVVCCAQSVNDPGNMSFVKETVDKLLKGYDIRLRPDFGGPPVCVGMNIDIASIDMVSEVNM
DYTLTMYFQQYWRDKRLAYSGIPLNLTLDNRVADQLWVPDTYFLNDKKSFVHGVTVKNRMIRLHPDGTVLYGLRITTTAA
CMMDLRRYPLDEQNCTLEIESYGYTTDDIEFYWRGGDKAVTGVERIELPQFSIVEHRLVSRNVVFATGAYPRLSLSFRLK
RNIGYFILQTYMPSILITILSWVSFWINYDASAARVALGITTVLTMTTINTHLRETLPKIPYVKAIDMYLMGCFVFVFLA
LLEYAFVNYIFFSQPGRAMVSKGEELFTGVVPILVEMDGDVNGRKFSVRGVGEGDATHGKLTLKFICTSGKLPVPWPTLV
TTLSYGVQCFSRYPDHMKQHDFFKSAMPEGYVQERTIFFKDDGSYKTRAEVKFEGDTLVNRIVLKGTDFKEDGNILGHKL
EYNMNVGNVYITADKQKNGIKANFEIRHNVEDGGVQLADHYQQNTPIGDGSVLLPDNHYLSVQVKLSKDPNEKRDHMVLL
EFRTAAGITPGMDELYKGRAAAIDRWSRIVFPFTFSLFNLVYWLYYVNSRENLYFQAHHHHHH
;
B,C,E
3 'polypeptide(L)'
;MKKIWLALAGLVLAFSASAQVQLVESGGGLVQTKTTTSVIDTTNDAQNLLTQAQTIVNTLKDYCPILIAKSSSSNGGTNN
ANTPSWQTAGGGKNSCATFGAEFSAASDMINNAQKIVQETQQLSANQPKNITQPHNLNLNSPSSLTALAQKMLKNAQSQA
EILKLANQVESDFNKLSSGHLKDYIGKCDASAISSANMTMQNQKNNWGNGCAGVEETQSLLKTSAADFNNQTPQINQAQN
LANTLIQELGNNTYEQLSRLLTNDNGTNSKTSAQAINQAVNNLNERAKTLAGGTTNSPAYQATLLALRSVLGLWNSMGYA
VICGGYTKSPGENNQKDFHYTDENGNGTTINCGGSTNSNGTHSYNGTNTLKADKNVSLSIEQYEKIHEAYQILSKALKQA
GLAPLNSKGEKLEAHVTTSKYGSLRLSCAASGHTFNYPIMGWFRQAPGKEREFVGAISWSGGSTSYADSVKDRFTISRDN
AKNTVYLEMNNLKPEDTAVYYCAAKGRYSGGLYYPTNYDYWGQGTQVTVSSHHHHHHEPEA
;
P
#
loop_
_chem_comp.id
_chem_comp.type
_chem_comp.name
_chem_comp.formula
ABU non-polymer 'GAMMA-AMINO-BUTANOIC ACID' 'C4 H9 N O2'
BMA D-saccharide, beta linking beta-D-mannopyranose 'C6 H12 O6'
EPE non-polymer '4-(2-HYDROXYETHYL)-1-PIPERAZINE ETHANESULFONIC ACID' 'C8 H18 N2 O4 S'
MAN D-saccharide, alpha linking alpha-D-mannopyranose 'C6 H12 O6'
NAG D-saccharide, beta linking 2-acetamido-2-deoxy-beta-D-glucopyranose 'C8 H15 N O6'
V8D non-polymer Etomidate 'C14 H16 N2 O2'
#
# COMPACT_ATOMS: atom_id res chain seq x y z
N ASP A 324 32.80 -41.12 6.91
CA ASP A 324 32.64 -42.57 6.89
C ASP A 324 32.12 -43.05 5.54
N GLU A 325 32.93 -43.84 4.84
CA GLU A 325 32.52 -44.47 3.59
C GLU A 325 32.06 -43.44 2.56
N THR A 326 32.70 -42.28 2.55
CA THR A 326 32.21 -41.15 1.75
C THR A 326 32.13 -41.48 0.27
N ASN A 327 33.01 -42.34 -0.25
CA ASN A 327 32.96 -42.67 -1.67
C ASN A 327 31.68 -43.41 -2.03
N ASP A 328 31.31 -44.41 -1.23
CA ASP A 328 30.14 -45.24 -1.53
C ASP A 328 28.89 -44.81 -0.79
N ASN A 329 28.98 -43.80 0.08
CA ASN A 329 27.84 -43.42 0.90
C ASN A 329 26.71 -42.86 0.04
N ILE A 330 27.05 -41.94 -0.87
CA ILE A 330 26.06 -41.40 -1.80
C ILE A 330 25.41 -42.52 -2.59
N THR A 331 26.22 -43.43 -3.12
CA THR A 331 25.69 -44.50 -3.96
C THR A 331 24.73 -45.39 -3.17
N ILE A 332 25.15 -45.83 -1.99
CA ILE A 332 24.33 -46.75 -1.21
C ILE A 332 23.04 -46.08 -0.79
N PHE A 333 23.08 -44.80 -0.43
CA PHE A 333 21.83 -44.18 0.00
C PHE A 333 20.91 -43.82 -1.15
N THR A 334 21.43 -43.40 -2.31
CA THR A 334 20.52 -43.22 -3.44
C THR A 334 19.86 -44.55 -3.81
N ARG A 335 20.65 -45.63 -3.81
CA ARG A 335 20.11 -46.95 -4.14
C ARG A 335 19.05 -47.38 -3.11
N ILE A 336 19.35 -47.22 -1.82
CA ILE A 336 18.43 -47.66 -0.79
C ILE A 336 17.17 -46.81 -0.79
N LEU A 337 17.29 -45.52 -1.07
CA LEU A 337 16.12 -44.65 -1.10
C LEU A 337 15.22 -44.97 -2.30
N ASP A 338 15.83 -45.18 -3.47
CA ASP A 338 15.04 -45.59 -4.62
C ASP A 338 14.32 -46.89 -4.35
N GLY A 339 15.00 -47.86 -3.75
CA GLY A 339 14.31 -49.06 -3.31
C GLY A 339 13.26 -48.80 -2.25
N LEU A 340 13.45 -47.74 -1.46
CA LEU A 340 12.54 -47.42 -0.37
C LEU A 340 11.20 -46.93 -0.88
N LEU A 341 11.18 -46.05 -1.88
CA LEU A 341 9.92 -45.47 -2.33
C LEU A 341 9.62 -45.80 -3.78
N ASP A 342 9.93 -47.02 -4.21
CA ASP A 342 9.31 -47.57 -5.41
C ASP A 342 8.20 -48.53 -5.03
N GLY A 343 7.07 -48.40 -5.71
CA GLY A 343 5.87 -49.11 -5.30
C GLY A 343 5.12 -48.33 -4.24
N TYR A 344 5.84 -47.48 -3.50
CA TYR A 344 5.22 -46.59 -2.53
C TYR A 344 4.33 -45.58 -3.24
N ASP A 345 3.23 -45.22 -2.58
CA ASP A 345 2.33 -44.20 -3.10
C ASP A 345 1.84 -43.32 -1.96
N ASN A 346 1.86 -42.01 -2.20
CA ASN A 346 1.47 -41.02 -1.20
C ASN A 346 -0.04 -40.89 -1.05
N ARG A 347 -0.81 -41.61 -1.86
CA ARG A 347 -2.26 -41.46 -1.84
C ARG A 347 -2.90 -42.07 -0.60
N LEU A 348 -2.14 -42.78 0.22
CA LEU A 348 -2.69 -43.56 1.33
C LEU A 348 -1.94 -43.26 2.62
N ARG A 349 -2.67 -43.26 3.73
CA ARG A 349 -2.06 -43.09 5.04
C ARG A 349 -1.11 -44.25 5.33
N PRO A 350 -0.15 -44.07 6.23
CA PRO A 350 0.60 -45.21 6.74
C PRO A 350 -0.30 -46.07 7.62
N GLY A 351 -0.51 -47.30 7.19
CA GLY A 351 -1.46 -48.16 7.86
C GLY A 351 -2.91 -47.79 7.65
N LEU A 352 -3.27 -47.36 6.44
CA LEU A 352 -4.63 -46.89 6.19
C LEU A 352 -5.66 -47.96 6.57
N GLY A 353 -5.49 -49.17 6.06
CA GLY A 353 -6.48 -50.19 6.29
C GLY A 353 -6.39 -50.91 7.61
N GLU A 354 -5.44 -50.55 8.47
CA GLU A 354 -5.15 -51.38 9.64
C GLU A 354 -5.04 -50.62 10.95
N ARG A 355 -4.81 -49.32 10.96
CA ARG A 355 -4.37 -48.64 12.16
C ARG A 355 -4.87 -47.20 12.20
N ILE A 356 -4.80 -46.61 13.39
CA ILE A 356 -4.93 -45.17 13.55
C ILE A 356 -3.55 -44.55 13.46
N THR A 357 -3.43 -43.51 12.63
CA THR A 357 -2.17 -42.79 12.50
C THR A 357 -2.12 -41.70 13.54
N GLN A 358 -1.01 -41.63 14.28
CA GLN A 358 -0.81 -40.64 15.33
C GLN A 358 0.25 -39.65 14.87
N VAL A 359 -0.11 -38.38 14.83
CA VAL A 359 0.76 -37.32 14.34
C VAL A 359 1.12 -36.45 15.54
N ARG A 360 2.19 -36.80 16.23
CA ARG A 360 2.68 -35.96 17.32
C ARG A 360 3.11 -34.61 16.76
N THR A 361 2.65 -33.53 17.38
CA THR A 361 2.92 -32.20 16.87
C THR A 361 3.54 -31.33 17.95
N ASP A 362 4.16 -30.24 17.49
CA ASP A 362 4.85 -29.28 18.35
C ASP A 362 4.94 -27.97 17.61
N ILE A 363 5.09 -26.88 18.35
CA ILE A 363 5.18 -25.54 17.76
C ILE A 363 6.26 -24.76 18.49
N TYR A 364 7.04 -23.97 17.75
CA TYR A 364 8.03 -23.06 18.32
C TYR A 364 7.78 -21.67 17.75
N VAL A 365 7.24 -20.78 18.57
CA VAL A 365 6.83 -19.45 18.10
C VAL A 365 8.08 -18.58 17.98
N THR A 366 8.46 -18.25 16.76
CA THR A 366 9.62 -17.39 16.54
C THR A 366 9.32 -15.95 16.95
N SER A 367 8.11 -15.47 16.69
CA SER A 367 7.76 -14.09 17.02
C SER A 367 6.25 -13.95 17.03
N PHE A 368 5.70 -13.50 18.15
CA PHE A 368 4.26 -13.27 18.26
C PHE A 368 3.92 -11.84 17.87
N GLY A 369 2.71 -11.66 17.37
CA GLY A 369 2.21 -10.34 17.04
C GLY A 369 2.61 -9.93 15.64
N PRO A 370 2.17 -8.75 15.20
CA PRO A 370 1.36 -7.74 15.91
C PRO A 370 -0.13 -8.11 15.97
N VAL A 371 -0.89 -7.43 16.81
CA VAL A 371 -2.33 -7.66 16.95
C VAL A 371 -3.06 -6.45 16.39
N SER A 372 -4.13 -6.71 15.64
CA SER A 372 -4.92 -5.66 14.99
C SER A 372 -6.32 -5.66 15.55
N ASP A 373 -6.70 -4.56 16.19
CA ASP A 373 -8.05 -4.45 16.74
C ASP A 373 -9.07 -4.17 15.65
N THR A 374 -8.70 -3.36 14.65
CA THR A 374 -9.65 -3.03 13.60
C THR A 374 -9.98 -4.23 12.73
N GLU A 375 -9.05 -5.16 12.55
CA GLU A 375 -9.33 -6.41 11.87
C GLU A 375 -9.68 -7.54 12.82
N MET A 376 -9.44 -7.38 14.13
CA MET A 376 -9.67 -8.43 15.10
C MET A 376 -8.89 -9.69 14.72
N GLU A 377 -7.58 -9.54 14.60
CA GLU A 377 -6.70 -10.63 14.23
C GLU A 377 -5.37 -10.47 14.94
N TYR A 378 -4.51 -11.46 14.79
CA TYR A 378 -3.13 -11.38 15.23
C TYR A 378 -2.26 -12.22 14.31
N THR A 379 -1.01 -11.80 14.14
CA THR A 379 -0.08 -12.48 13.26
C THR A 379 1.01 -13.15 14.08
N ILE A 380 1.30 -14.41 13.77
CA ILE A 380 2.23 -15.23 14.54
C ILE A 380 3.12 -15.98 13.57
N ASP A 381 4.41 -16.07 13.92
CA ASP A 381 5.40 -16.77 13.11
C ASP A 381 5.91 -17.96 13.91
N VAL A 382 5.89 -19.14 13.31
CA VAL A 382 6.12 -20.39 14.03
C VAL A 382 6.91 -21.36 13.17
N PHE A 383 7.74 -22.19 13.82
CA PHE A 383 8.20 -23.45 13.24
C PHE A 383 7.21 -24.53 13.64
N PHE A 384 6.45 -25.05 12.69
CA PHE A 384 5.37 -25.99 12.98
C PHE A 384 5.87 -27.40 12.68
N ARG A 385 5.92 -28.23 13.72
CA ARG A 385 6.66 -29.49 13.67
C ARG A 385 5.72 -30.66 13.87
N GLN A 386 5.89 -31.70 13.04
CA GLN A 386 5.02 -32.86 13.04
C GLN A 386 5.87 -34.11 12.94
N SER A 387 5.37 -35.23 13.47
CA SER A 387 6.11 -36.48 13.44
C SER A 387 5.14 -37.64 13.46
N TRP A 388 5.55 -38.75 12.87
CA TRP A 388 4.70 -39.93 12.78
C TRP A 388 5.54 -41.11 12.35
N LYS A 389 4.92 -42.29 12.39
CA LYS A 389 5.56 -43.53 11.96
C LYS A 389 4.92 -44.01 10.67
N ASP A 390 5.73 -44.14 9.62
CA ASP A 390 5.31 -44.71 8.35
C ASP A 390 6.04 -46.03 8.19
N GLU A 391 5.27 -47.12 8.05
CA GLU A 391 5.87 -48.45 8.08
C GLU A 391 6.50 -48.83 6.75
N ARG A 392 6.17 -48.15 5.65
CA ARG A 392 6.81 -48.45 4.37
C ARG A 392 8.26 -47.99 4.33
N LEU A 393 8.67 -47.12 5.25
CA LEU A 393 9.92 -46.40 5.13
C LEU A 393 10.99 -46.85 6.09
N ARG A 394 10.80 -47.98 6.77
CA ARG A 394 11.86 -48.52 7.61
C ARG A 394 13.00 -49.04 6.72
N PHE A 395 14.23 -48.82 7.16
CA PHE A 395 15.39 -49.23 6.40
C PHE A 395 16.54 -49.55 7.34
N LYS A 396 17.59 -50.15 6.79
CA LYS A 396 18.82 -50.43 7.51
C LYS A 396 20.00 -50.06 6.63
N GLY A 397 20.95 -49.32 7.20
CA GLY A 397 22.07 -48.82 6.44
C GLY A 397 23.19 -48.35 7.34
N PRO A 398 24.22 -47.72 6.75
CA PRO A 398 25.40 -47.33 7.51
C PRO A 398 25.17 -46.21 8.51
N MET A 399 24.03 -45.53 8.48
CA MET A 399 23.70 -44.56 9.51
C MET A 399 22.20 -44.54 9.72
N GLN A 400 21.79 -44.04 10.87
CA GLN A 400 20.44 -44.29 11.38
C GLN A 400 19.42 -43.25 10.95
N ARG A 401 19.80 -41.98 10.83
CA ARG A 401 18.84 -40.93 10.54
C ARG A 401 19.33 -40.12 9.34
N LEU A 402 18.40 -39.80 8.43
CA LEU A 402 18.75 -39.22 7.15
C LEU A 402 18.17 -37.81 7.04
N PRO A 403 18.99 -36.77 6.87
CA PRO A 403 18.45 -35.42 6.61
C PRO A 403 18.06 -35.24 5.14
N LEU A 404 16.86 -35.72 4.81
CA LEU A 404 16.39 -35.70 3.43
C LEU A 404 16.24 -34.25 2.94
N ASN A 405 16.35 -34.09 1.63
CA ASN A 405 16.04 -32.82 1.01
C ASN A 405 14.53 -32.59 1.02
N ASN A 406 14.12 -31.34 1.24
CA ASN A 406 12.71 -31.04 1.39
C ASN A 406 11.91 -31.24 0.11
N LEU A 407 12.57 -31.42 -1.03
CA LEU A 407 11.84 -31.77 -2.24
C LEU A 407 11.14 -33.11 -2.10
N LEU A 408 11.74 -34.03 -1.37
CA LEU A 408 11.20 -35.38 -1.28
C LEU A 408 9.89 -35.44 -0.51
N ALA A 409 9.52 -34.38 0.21
CA ALA A 409 8.22 -34.36 0.87
C ALA A 409 7.08 -34.42 -0.13
N SER A 410 7.35 -34.12 -1.40
CA SER A 410 6.30 -34.17 -2.41
C SER A 410 5.88 -35.60 -2.70
N LYS A 411 6.78 -36.56 -2.55
CA LYS A 411 6.50 -37.96 -2.87
C LYS A 411 6.02 -38.76 -1.67
N ILE A 412 6.35 -38.33 -0.46
CA ILE A 412 6.03 -39.06 0.76
C ILE A 412 4.74 -38.48 1.35
N TRP A 413 3.95 -39.35 1.97
CA TRP A 413 2.71 -38.90 2.59
C TRP A 413 3.02 -38.04 3.81
N THR A 414 2.34 -36.90 3.91
CA THR A 414 2.50 -36.00 5.03
C THR A 414 1.11 -35.50 5.46
N PRO A 415 0.88 -35.32 6.75
CA PRO A 415 -0.46 -34.94 7.21
C PRO A 415 -0.87 -33.58 6.69
N ASP A 416 -2.17 -33.42 6.45
CA ASP A 416 -2.72 -32.20 5.87
C ASP A 416 -3.40 -31.33 6.94
N THR A 417 -2.58 -30.84 7.87
CA THR A 417 -3.11 -29.98 8.91
C THR A 417 -3.49 -28.62 8.35
N PHE A 418 -4.50 -28.00 8.98
CA PHE A 418 -4.91 -26.66 8.61
C PHE A 418 -5.42 -25.97 9.87
N PHE A 419 -5.20 -24.65 9.93
CA PHE A 419 -5.52 -23.86 11.11
C PHE A 419 -6.94 -23.32 10.96
N HIS A 420 -7.82 -23.71 11.89
CA HIS A 420 -9.23 -23.35 11.75
C HIS A 420 -9.42 -21.84 11.78
N ASN A 421 -8.58 -21.12 12.50
CA ASN A 421 -8.72 -19.68 12.64
C ASN A 421 -7.98 -18.90 11.57
N GLY A 422 -7.22 -19.56 10.70
CA GLY A 422 -6.33 -18.86 9.80
C GLY A 422 -7.09 -17.98 8.83
N LYS A 423 -6.77 -16.68 8.81
CA LYS A 423 -7.26 -15.80 7.76
C LYS A 423 -6.39 -15.89 6.52
N LYS A 424 -5.07 -15.82 6.72
CA LYS A 424 -4.09 -15.78 5.65
C LYS A 424 -2.79 -16.27 6.22
N SER A 425 -1.95 -16.85 5.36
CA SER A 425 -0.70 -17.39 5.85
C SER A 425 0.30 -17.50 4.71
N ILE A 426 1.57 -17.59 5.08
CA ILE A 426 2.67 -17.78 4.14
C ILE A 426 3.46 -18.98 4.61
N ALA A 427 3.53 -20.01 3.77
CA ALA A 427 4.53 -21.06 3.95
C ALA A 427 5.77 -20.61 3.19
N HIS A 428 6.73 -20.04 3.91
CA HIS A 428 7.78 -19.26 3.26
C HIS A 428 8.48 -20.11 2.20
N ASN A 429 8.75 -19.48 1.06
CA ASN A 429 9.05 -20.17 -0.17
C ASN A 429 10.36 -19.72 -0.79
N MET A 430 11.18 -19.03 -0.02
CA MET A 430 12.32 -18.27 -0.53
C MET A 430 13.60 -19.08 -0.46
N THR A 431 14.30 -19.19 -1.59
CA THR A 431 15.50 -20.00 -1.73
C THR A 431 15.26 -21.40 -1.16
N THR A 432 14.39 -22.15 -1.83
CA THR A 432 13.90 -23.46 -1.42
C THR A 432 12.82 -23.27 -0.38
N PRO A 433 11.80 -24.11 -0.34
CA PRO A 433 10.78 -23.97 0.70
C PRO A 433 11.42 -24.10 2.07
N ASN A 434 10.95 -23.28 3.00
CA ASN A 434 11.44 -23.29 4.38
C ASN A 434 10.79 -24.50 5.05
N LYS A 435 11.42 -25.65 4.86
CA LYS A 435 10.77 -26.92 5.16
C LYS A 435 11.84 -27.97 5.42
N LEU A 436 11.55 -28.85 6.38
CA LEU A 436 12.52 -29.81 6.88
C LEU A 436 11.90 -31.20 6.85
N LEU A 437 12.69 -32.18 6.44
CA LEU A 437 12.25 -33.57 6.41
C LEU A 437 13.40 -34.46 6.88
N ARG A 438 13.09 -35.37 7.80
CA ARG A 438 14.09 -36.29 8.33
C ARG A 438 13.41 -37.64 8.51
N LEU A 439 14.22 -38.70 8.53
CA LEU A 439 13.68 -40.05 8.49
C LEU A 439 14.60 -40.96 9.29
N GLU A 440 14.07 -41.52 10.39
CA GLU A 440 14.79 -42.49 11.18
C GLU A 440 14.71 -43.86 10.54
N ASP A 441 15.71 -44.69 10.81
CA ASP A 441 15.74 -46.01 10.20
C ASP A 441 14.60 -46.90 10.68
N ASP A 442 13.91 -46.52 11.75
CA ASP A 442 12.74 -47.27 12.20
C ASP A 442 11.44 -46.77 11.57
N GLY A 443 11.53 -45.84 10.63
CA GLY A 443 10.37 -45.35 9.92
C GLY A 443 9.78 -44.06 10.44
N THR A 444 10.27 -43.55 11.57
CA THR A 444 9.66 -42.38 12.19
C THR A 444 10.04 -41.13 11.40
N LEU A 445 9.04 -40.49 10.79
CA LEU A 445 9.26 -39.25 10.07
C LEU A 445 9.21 -38.06 11.01
N LEU A 446 9.91 -37.00 10.64
CA LEU A 446 9.75 -35.70 11.26
C LEU A 446 9.71 -34.66 10.15
N TYR A 447 8.82 -33.69 10.30
CA TYR A 447 8.48 -32.80 9.20
C TYR A 447 8.16 -31.41 9.76
N THR A 448 8.99 -30.43 9.39
CA THR A 448 8.95 -29.12 10.00
C THR A 448 8.98 -28.06 8.90
N MET A 449 8.43 -26.89 9.22
CA MET A 449 8.33 -25.82 8.24
C MET A 449 8.08 -24.51 8.96
N ARG A 450 8.34 -23.40 8.25
CA ARG A 450 8.14 -22.07 8.79
C ARG A 450 6.87 -21.48 8.22
N LEU A 451 5.99 -21.01 9.10
CA LEU A 451 4.70 -20.45 8.73
C LEU A 451 4.53 -19.06 9.34
N THR A 452 4.04 -18.12 8.55
CA THR A 452 3.51 -16.87 9.07
C THR A 452 1.99 -16.98 9.04
N ILE A 453 1.37 -16.95 10.20
CA ILE A 453 -0.06 -17.24 10.33
C ILE A 453 -0.76 -15.99 10.83
N SER A 454 -1.73 -15.51 10.07
CA SER A 454 -2.63 -14.45 10.51
C SER A 454 -3.93 -15.12 10.92
N ALA A 455 -4.27 -15.04 12.20
CA ALA A 455 -5.35 -15.83 12.76
C ALA A 455 -6.44 -14.93 13.31
N GLU A 456 -7.68 -15.38 13.15
CA GLU A 456 -8.82 -14.64 13.67
C GLU A 456 -8.88 -14.75 15.20
N CYS A 457 -9.15 -13.63 15.85
CA CYS A 457 -9.29 -13.58 17.30
C CYS A 457 -10.63 -12.92 17.64
N PRO A 458 -11.52 -13.57 18.39
CA PRO A 458 -12.79 -12.92 18.79
C PRO A 458 -12.64 -12.07 20.05
N MET A 459 -12.00 -10.92 19.89
CA MET A 459 -11.71 -10.07 21.05
C MET A 459 -12.95 -9.27 21.46
N GLN A 460 -13.01 -8.96 22.75
CA GLN A 460 -14.11 -8.22 23.35
C GLN A 460 -13.60 -6.84 23.78
N LEU A 461 -14.39 -5.81 23.51
CA LEU A 461 -13.91 -4.44 23.65
C LEU A 461 -14.75 -3.60 24.60
N GLU A 462 -15.56 -4.22 25.46
CA GLU A 462 -16.37 -3.43 26.39
C GLU A 462 -15.51 -2.63 27.35
N ASP A 463 -14.24 -2.99 27.50
CA ASP A 463 -13.32 -2.28 28.37
C ASP A 463 -12.09 -1.77 27.61
N PHE A 464 -12.29 -1.17 26.45
CA PHE A 464 -11.27 -1.06 25.42
C PHE A 464 -9.84 -0.86 25.90
N PRO A 465 -9.47 0.27 26.52
CA PRO A 465 -8.06 0.46 26.88
C PRO A 465 -7.63 -0.37 28.08
N MET A 466 -8.55 -1.11 28.70
CA MET A 466 -8.27 -1.86 29.92
C MET A 466 -8.87 -3.25 29.86
N ASP A 467 -8.88 -3.86 28.68
CA ASP A 467 -9.42 -5.20 28.48
C ASP A 467 -8.29 -6.23 28.40
N ALA A 468 -8.66 -7.50 28.26
CA ALA A 468 -7.71 -8.59 28.14
C ALA A 468 -8.27 -9.61 27.17
N HIS A 469 -7.38 -10.25 26.42
CA HIS A 469 -7.77 -11.15 25.35
C HIS A 469 -7.13 -12.52 25.54
N ALA A 470 -7.83 -13.54 25.05
CA ALA A 470 -7.31 -14.90 24.91
C ALA A 470 -7.50 -15.27 23.45
N CYS A 471 -6.52 -14.92 22.62
CA CYS A 471 -6.60 -15.19 21.20
C CYS A 471 -6.17 -16.63 20.93
N PRO A 472 -7.02 -17.49 20.38
CA PRO A 472 -6.67 -18.91 20.25
C PRO A 472 -5.97 -19.22 18.94
N LEU A 473 -5.26 -20.35 18.97
CA LEU A 473 -4.77 -21.02 17.77
C LEU A 473 -5.34 -22.43 17.76
N LYS A 474 -6.00 -22.80 16.66
CA LYS A 474 -6.62 -24.11 16.56
C LYS A 474 -6.26 -24.72 15.21
N PHE A 475 -5.91 -26.00 15.22
CA PHE A 475 -5.51 -26.67 13.99
C PHE A 475 -5.78 -28.16 14.12
N GLY A 476 -6.05 -28.80 12.99
CA GLY A 476 -6.28 -30.23 12.98
C GLY A 476 -6.30 -30.72 11.56
N SER A 477 -6.36 -32.04 11.42
CA SER A 477 -6.40 -32.62 10.08
C SER A 477 -7.61 -32.11 9.32
N TYR A 478 -7.41 -31.83 8.03
CA TYR A 478 -8.53 -31.39 7.20
C TYR A 478 -9.37 -32.57 6.73
N ALA A 479 -8.73 -33.54 6.08
CA ALA A 479 -9.47 -34.60 5.41
C ALA A 479 -9.77 -35.80 6.30
N TYR A 480 -8.83 -36.19 7.17
CA TYR A 480 -8.95 -37.44 7.89
C TYR A 480 -9.64 -37.23 9.23
N PRO A 481 -10.73 -37.94 9.52
CA PRO A 481 -11.45 -37.73 10.78
C PRO A 481 -10.69 -38.33 11.95
N ASN A 482 -11.32 -38.25 13.13
CA ASN A 482 -10.72 -38.78 14.34
C ASN A 482 -10.51 -40.28 14.28
N SER A 483 -11.30 -40.99 13.45
CA SER A 483 -11.14 -42.42 13.31
C SER A 483 -9.86 -42.80 12.57
N GLU A 484 -9.19 -41.85 11.93
CA GLU A 484 -8.07 -42.15 11.05
C GLU A 484 -6.79 -41.50 11.52
N VAL A 485 -6.85 -40.24 11.93
CA VAL A 485 -5.67 -39.48 12.35
C VAL A 485 -5.99 -38.76 13.65
N VAL A 486 -5.09 -38.87 14.62
CA VAL A 486 -5.22 -38.22 15.92
C VAL A 486 -3.94 -37.47 16.23
N TYR A 487 -4.09 -36.27 16.76
CA TYR A 487 -2.97 -35.40 17.07
C TYR A 487 -2.70 -35.40 18.57
N VAL A 488 -1.43 -35.44 18.94
CA VAL A 488 -1.03 -35.38 20.34
C VAL A 488 0.15 -34.44 20.47
N TRP A 489 0.12 -33.61 21.49
CA TRP A 489 1.23 -32.73 21.79
C TRP A 489 2.48 -33.57 22.06
N THR A 490 3.61 -33.16 21.49
CA THR A 490 4.80 -34.00 21.53
C THR A 490 5.27 -34.21 22.97
N ASN A 491 5.75 -33.15 23.61
CA ASN A 491 6.35 -33.25 24.94
C ASN A 491 5.35 -33.05 26.06
N GLY A 492 4.06 -33.12 25.77
CA GLY A 492 3.06 -32.92 26.79
C GLY A 492 2.56 -31.50 26.82
N SER A 493 1.34 -31.29 27.32
CA SER A 493 0.72 -29.97 27.27
C SER A 493 1.60 -28.91 27.89
N THR A 494 2.33 -29.27 28.95
CA THR A 494 3.08 -28.29 29.72
C THR A 494 4.43 -27.93 29.10
N LYS A 495 4.82 -28.57 28.00
CA LYS A 495 6.10 -28.29 27.36
C LYS A 495 6.05 -28.27 25.83
N SER A 496 4.87 -28.39 25.22
CA SER A 496 4.76 -28.69 23.80
C SER A 496 4.62 -27.47 22.90
N VAL A 497 4.55 -26.26 23.46
CA VAL A 497 4.55 -25.03 22.68
C VAL A 497 5.49 -24.05 23.36
N VAL A 498 6.34 -23.41 22.58
CA VAL A 498 7.43 -22.58 23.10
C VAL A 498 7.37 -21.22 22.43
N VAL A 499 7.77 -20.19 23.16
CA VAL A 499 7.78 -18.81 22.68
C VAL A 499 9.20 -18.29 22.77
N ALA A 500 9.68 -17.70 21.68
CA ALA A 500 10.98 -17.05 21.68
C ALA A 500 10.85 -15.66 22.29
N GLU A 501 11.30 -15.51 23.53
CA GLU A 501 11.12 -14.24 24.24
C GLU A 501 11.82 -13.10 23.54
N ASP A 502 12.94 -13.37 22.87
CA ASP A 502 13.73 -12.31 22.27
C ASP A 502 13.13 -11.80 20.95
N GLY A 503 12.09 -12.47 20.44
CA GLY A 503 11.60 -12.15 19.11
C GLY A 503 10.20 -11.58 19.02
N SER A 504 9.47 -11.54 20.14
CA SER A 504 8.08 -11.13 20.09
C SER A 504 7.94 -9.72 19.54
N ARG A 505 6.92 -9.51 18.71
CA ARG A 505 6.69 -8.24 18.01
C ARG A 505 5.53 -7.45 18.59
N LEU A 506 5.06 -7.78 19.79
CA LEU A 506 3.98 -7.05 20.42
C LEU A 506 4.46 -5.67 20.85
N ASN A 507 3.74 -4.63 20.45
CA ASN A 507 4.05 -3.26 20.88
C ASN A 507 3.02 -2.75 21.88
N GLN A 508 1.75 -3.01 21.62
CA GLN A 508 0.67 -2.47 22.43
C GLN A 508 0.22 -3.42 23.54
N TYR A 509 0.38 -4.72 23.36
CA TYR A 509 -0.09 -5.73 24.29
C TYR A 509 1.06 -6.33 25.08
N HIS A 510 0.69 -7.19 26.03
CA HIS A 510 1.64 -8.02 26.76
C HIS A 510 1.05 -9.42 26.85
N LEU A 511 1.83 -10.41 26.47
CA LEU A 511 1.37 -11.80 26.45
C LEU A 511 1.53 -12.38 27.84
N MET A 512 0.47 -12.27 28.64
CA MET A 512 0.55 -12.68 30.04
C MET A 512 0.84 -14.16 30.19
N GLY A 513 0.46 -14.98 29.23
CA GLY A 513 0.71 -16.40 29.32
C GLY A 513 -0.08 -17.15 28.27
N GLN A 514 0.28 -18.41 28.11
CA GLN A 514 -0.31 -19.25 27.07
C GLN A 514 -0.53 -20.65 27.63
N THR A 515 -1.56 -21.32 27.11
CA THR A 515 -1.92 -22.66 27.55
C THR A 515 -2.52 -23.41 26.37
N VAL A 516 -2.49 -24.75 26.45
CA VAL A 516 -2.81 -25.60 25.32
C VAL A 516 -3.77 -26.70 25.75
N GLY A 517 -4.59 -27.16 24.81
CA GLY A 517 -5.58 -28.20 25.07
C GLY A 517 -5.95 -28.91 23.78
N THR A 518 -6.90 -29.84 23.89
CA THR A 518 -7.31 -30.68 22.78
C THR A 518 -8.82 -30.79 22.77
N GLU A 519 -9.38 -31.11 21.60
CA GLU A 519 -10.83 -31.18 21.44
C GLU A 519 -11.19 -32.21 20.39
N ASN A 520 -12.43 -32.71 20.49
CA ASN A 520 -13.09 -33.45 19.43
C ASN A 520 -14.19 -32.54 18.89
N ILE A 521 -14.08 -32.17 17.62
CA ILE A 521 -15.17 -31.44 16.98
C ILE A 521 -15.99 -32.41 16.14
N SER A 522 -17.31 -32.36 16.31
CA SER A 522 -18.19 -32.99 15.34
C SER A 522 -18.48 -31.99 14.22
N THR A 523 -18.43 -32.46 12.99
CA THR A 523 -18.63 -31.59 11.84
C THR A 523 -19.54 -32.28 10.83
N SER A 524 -19.87 -31.55 9.77
CA SER A 524 -20.69 -32.10 8.70
C SER A 524 -20.01 -33.26 7.99
N THR A 525 -18.68 -33.35 8.08
CA THR A 525 -17.92 -34.41 7.41
C THR A 525 -17.27 -35.36 8.41
N GLY A 526 -17.97 -35.72 9.48
CA GLY A 526 -17.44 -36.60 10.49
C GLY A 526 -16.91 -35.83 11.69
N GLU A 527 -16.17 -36.56 12.52
CA GLU A 527 -15.59 -36.01 13.74
C GLU A 527 -14.08 -35.89 13.59
N TYR A 528 -13.53 -34.77 14.06
CA TYR A 528 -12.12 -34.45 13.89
C TYR A 528 -11.54 -34.06 15.24
N THR A 529 -10.21 -34.15 15.34
CA THR A 529 -9.51 -33.80 16.57
C THR A 529 -8.72 -32.51 16.36
N ILE A 530 -8.86 -31.58 17.29
CA ILE A 530 -8.20 -30.27 17.22
C ILE A 530 -7.16 -30.17 18.31
N MET A 531 -5.95 -29.76 17.94
CA MET A 531 -5.00 -29.23 18.90
C MET A 531 -5.19 -27.72 18.97
N THR A 532 -5.14 -27.18 20.19
CA THR A 532 -5.40 -25.76 20.37
C THR A 532 -4.46 -25.16 21.41
N ALA A 533 -3.96 -23.97 21.11
CA ALA A 533 -3.14 -23.19 22.03
C ALA A 533 -3.74 -21.80 22.15
N HIS A 534 -3.94 -21.34 23.38
CA HIS A 534 -4.52 -20.03 23.65
C HIS A 534 -3.43 -19.09 24.14
N PHE A 535 -3.43 -17.86 23.62
CA PHE A 535 -2.46 -16.86 24.00
C PHE A 535 -3.19 -15.75 24.76
N HIS A 536 -2.79 -15.51 26.00
CA HIS A 536 -3.47 -14.56 26.87
C HIS A 536 -2.81 -13.20 26.70
N LEU A 537 -3.53 -12.25 26.11
CA LEU A 537 -3.00 -10.94 25.81
C LEU A 537 -3.68 -9.89 26.69
N LYS A 538 -2.87 -9.12 27.39
CA LYS A 538 -3.34 -8.01 28.22
C LYS A 538 -2.88 -6.70 27.59
N ARG A 539 -3.82 -5.79 27.34
CA ARG A 539 -3.48 -4.55 26.70
C ARG A 539 -2.73 -3.62 27.64
N LYS A 540 -1.85 -2.80 27.07
CA LYS A 540 -1.10 -1.81 27.82
C LYS A 540 -1.72 -0.44 27.60
N ILE A 541 -2.09 0.22 28.69
CA ILE A 541 -2.86 1.46 28.62
C ILE A 541 -1.98 2.67 28.38
N GLY A 542 -0.66 2.52 28.43
CA GLY A 542 0.22 3.68 28.43
C GLY A 542 0.01 4.62 27.25
N TYR A 543 -0.15 4.07 26.05
CA TYR A 543 -0.38 4.91 24.88
C TYR A 543 -1.62 5.77 25.07
N PHE A 544 -2.69 5.19 25.60
CA PHE A 544 -3.95 5.92 25.70
C PHE A 544 -3.92 6.94 26.82
N VAL A 545 -3.12 6.72 27.86
CA VAL A 545 -3.05 7.69 28.95
C VAL A 545 -2.57 9.04 28.41
N ILE A 546 -1.46 9.03 27.67
CA ILE A 546 -0.85 10.29 27.27
C ILE A 546 -1.53 10.85 26.02
N GLN A 547 -2.11 10.00 25.19
CA GLN A 547 -2.72 10.47 23.95
C GLN A 547 -4.18 10.86 24.11
N THR A 548 -4.95 10.13 24.92
CA THR A 548 -6.39 10.37 25.02
C THR A 548 -6.79 10.86 26.40
N TYR A 549 -6.49 10.09 27.45
CA TYR A 549 -6.95 10.46 28.79
C TYR A 549 -6.36 11.79 29.24
N LEU A 550 -5.05 11.98 29.06
CA LEU A 550 -4.43 13.20 29.56
C LEU A 550 -5.00 14.44 28.87
N PRO A 551 -5.09 14.51 27.54
CA PRO A 551 -5.72 15.68 26.91
C PRO A 551 -7.14 15.92 27.37
N CYS A 552 -7.97 14.88 27.54
CA CYS A 552 -9.35 15.11 27.94
C CYS A 552 -9.43 15.61 29.38
N ILE A 553 -8.66 15.00 30.28
CA ILE A 553 -8.65 15.45 31.67
C ILE A 553 -8.29 16.93 31.70
N MET A 554 -7.24 17.30 30.99
CA MET A 554 -6.75 18.66 31.15
C MET A 554 -7.53 19.64 30.30
N THR A 555 -8.28 19.17 29.31
CA THR A 555 -9.23 20.04 28.62
C THR A 555 -10.43 20.32 29.50
N VAL A 556 -10.83 19.35 30.34
CA VAL A 556 -11.81 19.65 31.37
C VAL A 556 -11.26 20.69 32.32
N ILE A 557 -10.00 20.55 32.72
CA ILE A 557 -9.37 21.55 33.59
C ILE A 557 -9.32 22.91 32.90
N LEU A 558 -8.91 22.91 31.64
CA LEU A 558 -8.82 24.15 30.86
C LEU A 558 -10.17 24.85 30.78
N SER A 559 -11.22 24.10 30.44
CA SER A 559 -12.55 24.69 30.35
C SER A 559 -12.97 25.33 31.66
N GLN A 560 -12.42 24.85 32.78
CA GLN A 560 -12.74 25.43 34.08
C GLN A 560 -11.80 26.58 34.44
N VAL A 561 -10.78 26.86 33.62
CA VAL A 561 -9.99 28.07 33.81
C VAL A 561 -10.82 29.30 33.49
N SER A 562 -11.97 29.12 32.83
CA SER A 562 -12.86 30.25 32.58
C SER A 562 -13.19 30.99 33.86
N PHE A 563 -13.31 30.26 34.97
CA PHE A 563 -13.93 30.81 36.17
C PHE A 563 -13.09 31.87 36.85
N TRP A 564 -11.82 32.03 36.47
CA TRP A 564 -11.00 33.10 37.02
C TRP A 564 -11.05 34.38 36.20
N LEU A 565 -11.65 34.36 35.01
CA LEU A 565 -11.84 35.58 34.23
C LEU A 565 -13.10 36.28 34.71
N ASN A 566 -12.99 37.59 34.94
CA ASN A 566 -14.13 38.35 35.44
C ASN A 566 -15.14 38.60 34.33
N ARG A 567 -16.42 38.44 34.68
CA ARG A 567 -17.49 38.30 33.71
C ARG A 567 -17.80 39.58 32.94
N GLU A 568 -17.01 40.63 33.10
CA GLU A 568 -17.13 41.78 32.20
C GLU A 568 -16.55 41.46 30.83
N SER A 569 -15.60 40.52 30.76
CA SER A 569 -15.02 40.10 29.49
C SER A 569 -15.85 38.97 28.87
N VAL A 570 -17.06 39.33 28.42
CA VAL A 570 -18.01 38.38 27.89
C VAL A 570 -17.43 37.65 26.68
N PRO A 571 -16.79 38.34 25.74
CA PRO A 571 -16.18 37.62 24.60
C PRO A 571 -15.19 36.57 25.02
N ALA A 572 -14.36 36.86 26.03
CA ALA A 572 -13.41 35.87 26.51
C ALA A 572 -14.12 34.69 27.14
N ARG A 573 -15.02 34.96 28.08
CA ARG A 573 -15.75 33.89 28.77
C ARG A 573 -16.55 33.04 27.78
N THR A 574 -16.88 33.59 26.61
CA THR A 574 -17.59 32.81 25.61
C THR A 574 -16.63 31.97 24.77
N VAL A 575 -15.68 32.63 24.11
CA VAL A 575 -14.83 31.94 23.15
C VAL A 575 -13.97 30.90 23.84
N PHE A 576 -13.53 31.16 25.07
CA PHE A 576 -12.68 30.21 25.76
C PHE A 576 -13.41 28.87 25.94
N GLY A 577 -14.62 28.93 26.49
CA GLY A 577 -15.44 27.75 26.66
C GLY A 577 -15.79 27.09 25.34
N VAL A 578 -16.13 27.89 24.33
CA VAL A 578 -16.48 27.31 23.03
C VAL A 578 -15.29 26.57 22.43
N THR A 579 -14.10 27.13 22.56
CA THR A 579 -12.91 26.46 22.06
C THR A 579 -12.66 25.16 22.79
N THR A 580 -12.85 25.14 24.11
CA THR A 580 -12.68 23.88 24.82
C THR A 580 -13.70 22.84 24.37
N VAL A 581 -14.95 23.25 24.14
CA VAL A 581 -15.94 22.29 23.65
C VAL A 581 -15.55 21.77 22.28
N LEU A 582 -15.03 22.63 21.41
CA LEU A 582 -14.57 22.18 20.10
C LEU A 582 -13.43 21.17 20.24
N THR A 583 -12.51 21.43 21.16
CA THR A 583 -11.42 20.51 21.40
C THR A 583 -11.95 19.15 21.86
N MET A 584 -12.94 19.17 22.75
CA MET A 584 -13.53 17.91 23.19
C MET A 584 -14.21 17.18 22.03
N THR A 585 -14.89 17.92 21.16
CA THR A 585 -15.54 17.28 20.02
C THR A 585 -14.52 16.57 19.13
N THR A 586 -13.45 17.28 18.78
CA THR A 586 -12.44 16.66 17.92
C THR A 586 -11.77 15.49 18.61
N LEU A 587 -11.50 15.60 19.92
CA LEU A 587 -10.91 14.48 20.64
C LEU A 587 -11.83 13.27 20.63
N SER A 588 -13.12 13.50 20.87
CA SER A 588 -14.07 12.39 20.92
C SER A 588 -14.16 11.69 19.57
N ILE A 589 -14.24 12.47 18.49
CA ILE A 589 -14.39 11.85 17.17
C ILE A 589 -13.11 11.17 16.74
N SER A 590 -11.95 11.77 17.03
CA SER A 590 -10.68 11.31 16.47
C SER A 590 -10.17 10.06 17.16
N ALA A 591 -10.33 9.97 18.48
CA ALA A 591 -9.73 8.86 19.22
C ALA A 591 -10.24 7.50 18.75
N ARG A 592 -11.43 7.47 18.14
CA ARG A 592 -12.03 6.21 17.72
C ARG A 592 -11.48 5.69 16.39
N ASN A 593 -10.49 6.37 15.82
CA ASN A 593 -9.83 5.85 14.62
C ASN A 593 -9.05 4.58 14.90
N SER A 594 -8.74 4.30 16.17
CA SER A 594 -7.95 3.15 16.54
C SER A 594 -8.80 1.92 16.87
N LEU A 595 -10.11 1.99 16.67
CA LEU A 595 -11.04 0.98 17.12
C LEU A 595 -11.93 0.52 15.96
N PRO A 596 -12.34 -0.75 15.97
CA PRO A 596 -13.36 -1.18 15.00
C PRO A 596 -14.73 -0.62 15.35
N LYS A 597 -15.62 -0.64 14.36
CA LYS A 597 -16.92 0.01 14.47
C LYS A 597 -17.90 -0.86 15.26
N VAL A 598 -17.71 -0.86 16.57
CA VAL A 598 -18.47 -1.76 17.43
C VAL A 598 -19.89 -1.23 17.62
N ALA A 599 -20.75 -2.09 18.17
CA ALA A 599 -22.15 -1.78 18.38
C ALA A 599 -22.45 -1.19 19.74
N TYR A 600 -21.45 -0.65 20.43
CA TYR A 600 -21.59 -0.23 21.82
C TYR A 600 -20.43 0.67 22.22
N ALA A 601 -20.62 1.36 23.34
CA ALA A 601 -19.63 2.31 23.85
C ALA A 601 -18.65 1.63 24.79
N THR A 602 -17.38 1.90 24.60
CA THR A 602 -16.33 1.34 25.44
C THR A 602 -16.18 2.18 26.71
N ALA A 603 -15.33 1.71 27.62
CA ALA A 603 -15.07 2.47 28.84
C ALA A 603 -14.45 3.82 28.52
N MET A 604 -13.52 3.85 27.56
CA MET A 604 -12.97 5.12 27.13
C MET A 604 -14.07 6.06 26.64
N ASP A 605 -15.12 5.50 26.04
CA ASP A 605 -16.23 6.35 25.62
C ASP A 605 -17.01 6.88 26.81
N TRP A 606 -17.12 6.12 27.90
CA TRP A 606 -17.70 6.70 29.11
C TRP A 606 -16.85 7.86 29.62
N PHE A 607 -15.53 7.70 29.61
CA PHE A 607 -14.66 8.80 30.03
C PHE A 607 -14.85 10.01 29.13
N ILE A 608 -14.90 9.79 27.82
CA ILE A 608 -15.08 10.90 26.88
C ILE A 608 -16.43 11.58 27.14
N ALA A 609 -17.47 10.79 27.36
CA ALA A 609 -18.79 11.36 27.58
C ALA A 609 -18.81 12.24 28.81
N VAL A 610 -18.21 11.78 29.92
CA VAL A 610 -18.24 12.58 31.13
C VAL A 610 -17.34 13.82 31.01
N CYS A 611 -16.18 13.70 30.36
CA CYS A 611 -15.35 14.88 30.14
C CYS A 611 -16.08 15.90 29.28
N TYR A 612 -16.76 15.44 28.23
CA TYR A 612 -17.56 16.34 27.42
C TYR A 612 -18.66 16.99 28.24
N ALA A 613 -19.27 16.21 29.14
CA ALA A 613 -20.32 16.76 29.99
C ALA A 613 -19.77 17.89 30.86
N PHE A 614 -18.60 17.70 31.44
CA PHE A 614 -18.04 18.77 32.29
C PHE A 614 -17.62 19.98 31.46
N VAL A 615 -17.04 19.77 30.27
CA VAL A 615 -16.65 20.91 29.45
C VAL A 615 -17.87 21.67 28.97
N PHE A 616 -18.97 20.97 28.71
CA PHE A 616 -20.21 21.63 28.30
C PHE A 616 -20.87 22.33 29.48
N SER A 617 -20.78 21.75 30.68
CA SER A 617 -21.31 22.41 31.86
C SER A 617 -20.53 23.67 32.19
N ALA A 618 -19.22 23.68 31.91
CA ALA A 618 -18.43 24.89 32.09
C ALA A 618 -18.91 26.01 31.19
N LEU A 619 -19.61 25.69 30.09
CA LEU A 619 -20.21 26.69 29.23
C LEU A 619 -21.63 27.03 29.66
N ILE A 620 -22.40 26.04 30.11
CA ILE A 620 -23.74 26.33 30.63
C ILE A 620 -23.65 27.23 31.85
N GLU A 621 -22.61 27.08 32.65
CA GLU A 621 -22.40 27.95 33.79
C GLU A 621 -22.44 29.41 33.36
N PHE A 622 -21.64 29.75 32.34
CA PHE A 622 -21.67 31.13 31.83
C PHE A 622 -22.99 31.43 31.13
N ALA A 623 -23.58 30.44 30.46
CA ALA A 623 -24.85 30.68 29.79
C ALA A 623 -25.90 31.19 30.77
N THR A 624 -25.84 30.76 32.02
CA THR A 624 -26.75 31.28 33.05
C THR A 624 -26.21 32.49 33.79
N VAL A 625 -24.90 32.56 34.03
CA VAL A 625 -24.34 33.71 34.74
C VAL A 625 -24.48 34.97 33.90
N ASN A 626 -24.12 34.90 32.63
CA ASN A 626 -24.22 36.07 31.76
C ASN A 626 -25.64 36.56 31.67
N TYR A 627 -26.62 35.66 31.76
CA TYR A 627 -28.00 36.09 31.76
C TYR A 627 -28.34 36.78 33.06
N PHE A 628 -28.14 36.10 34.20
CA PHE A 628 -28.61 36.64 35.47
C PHE A 628 -27.79 37.84 35.94
N THR A 629 -26.62 38.08 35.36
CA THR A 629 -25.85 39.24 35.77
C THR A 629 -26.35 40.54 35.17
N LYS A 630 -27.26 40.47 34.19
CA LYS A 630 -27.88 41.66 33.64
C LYS A 630 -29.40 41.63 33.64
N SER A 631 -30.02 40.46 33.70
CA SER A 631 -31.47 40.41 33.80
C SER A 631 -31.94 40.75 35.21
N GLN A 632 -31.11 40.48 36.21
CA GLN A 632 -31.50 40.63 37.61
C GLN A 632 -30.32 41.14 38.42
N PRO A 633 -29.78 42.31 38.07
CA PRO A 633 -28.61 42.87 38.76
C PRO A 633 -28.90 43.26 40.20
N ALA A 636 -30.94 42.00 41.99
CA ALA A 636 -30.53 41.52 43.30
C ALA A 636 -30.26 40.02 43.26
N ALA A 637 -29.87 39.53 42.10
CA ALA A 637 -29.70 38.09 41.92
C ALA A 637 -28.52 37.58 42.74
N SER A 638 -28.69 36.38 43.28
CA SER A 638 -27.58 35.62 43.85
C SER A 638 -26.80 34.87 42.76
N ILE A 639 -26.33 35.61 41.76
CA ILE A 639 -25.61 35.00 40.65
C ILE A 639 -24.10 35.25 40.75
N SER A 640 -23.68 36.30 41.43
CA SER A 640 -22.24 36.49 41.67
C SER A 640 -21.68 35.35 42.52
N LYS A 641 -22.54 34.64 43.25
CA LYS A 641 -22.10 33.49 44.03
C LYS A 641 -21.53 32.40 43.15
N ILE A 642 -21.97 32.30 41.90
CA ILE A 642 -21.64 31.15 41.08
C ILE A 642 -20.16 31.13 40.69
N ASP A 643 -19.52 32.29 40.57
CA ASP A 643 -18.08 32.29 40.37
C ASP A 643 -17.35 31.67 41.55
N LYS A 644 -18.02 31.52 42.70
CA LYS A 644 -17.45 30.82 43.84
C LYS A 644 -17.90 29.35 43.86
N MET A 645 -19.20 29.12 43.93
CA MET A 645 -19.70 27.76 44.14
C MET A 645 -19.28 26.84 43.01
N SER A 646 -19.58 27.21 41.77
CA SER A 646 -19.17 26.38 40.64
C SER A 646 -17.66 26.26 40.52
N ARG A 647 -16.93 27.36 40.74
CA ARG A 647 -15.48 27.31 40.65
C ARG A 647 -14.91 26.27 41.59
N ILE A 648 -15.44 26.17 42.80
CA ILE A 648 -14.88 25.21 43.75
C ILE A 648 -15.53 23.83 43.60
N VAL A 649 -16.70 23.74 42.97
CA VAL A 649 -17.41 22.47 42.96
C VAL A 649 -17.06 21.63 41.73
N PHE A 650 -17.04 22.22 40.55
CA PHE A 650 -16.81 21.40 39.35
C PHE A 650 -15.56 20.53 39.47
N PRO A 651 -14.41 21.04 39.89
CA PRO A 651 -13.25 20.15 40.09
C PRO A 651 -13.54 19.02 41.05
N VAL A 652 -14.32 19.27 42.10
CA VAL A 652 -14.63 18.22 43.07
C VAL A 652 -15.42 17.09 42.40
N LEU A 653 -16.45 17.45 41.64
CA LEU A 653 -17.26 16.42 41.00
C LEU A 653 -16.44 15.65 39.98
N PHE A 654 -15.59 16.34 39.22
CA PHE A 654 -14.76 15.63 38.25
C PHE A 654 -13.79 14.69 38.96
N GLY A 655 -13.22 15.11 40.09
CA GLY A 655 -12.32 14.25 40.81
C GLY A 655 -13.00 13.00 41.34
N THR A 656 -14.20 13.16 41.90
CA THR A 656 -14.93 11.98 42.35
C THR A 656 -15.31 11.06 41.19
N PHE A 657 -15.65 11.62 40.04
CA PHE A 657 -15.85 10.79 38.86
C PHE A 657 -14.60 9.97 38.56
N ASN A 658 -13.44 10.62 38.54
CA ASN A 658 -12.21 9.89 38.26
C ASN A 658 -11.99 8.78 39.27
N LEU A 659 -12.22 9.06 40.55
CA LEU A 659 -11.95 8.08 41.59
C LEU A 659 -13.00 6.97 41.63
N VAL A 660 -14.12 7.14 40.95
CA VAL A 660 -14.99 5.99 40.70
C VAL A 660 -14.52 5.22 39.46
N TYR A 661 -14.14 5.95 38.42
CA TYR A 661 -13.80 5.34 37.13
C TYR A 661 -12.57 4.45 37.24
N TRP A 662 -11.46 5.00 37.70
CA TRP A 662 -10.23 4.21 37.81
C TRP A 662 -10.40 3.09 38.83
N ALA A 663 -11.07 3.36 39.95
CA ALA A 663 -11.31 2.31 40.92
C ALA A 663 -12.08 1.16 40.30
N THR A 664 -13.06 1.46 39.44
CA THR A 664 -13.78 0.42 38.72
C THR A 664 -12.83 -0.37 37.85
N TYR A 665 -12.17 0.31 36.91
CA TYR A 665 -11.47 -0.40 35.85
C TYR A 665 -10.07 -0.88 36.22
N LEU A 666 -9.61 -0.65 37.46
CA LEU A 666 -8.48 -1.43 37.94
C LEU A 666 -8.91 -2.77 38.50
N ASN A 667 -10.21 -2.93 38.79
CA ASN A 667 -10.79 -4.23 39.12
C ASN A 667 -11.41 -4.86 37.88
N ARG A 668 -12.34 -4.15 37.25
CA ARG A 668 -13.01 -4.62 36.06
C ARG A 668 -12.05 -4.69 34.88
N PRO B 31 31.02 -35.53 -31.58
CA PRO B 31 32.24 -34.74 -31.74
C PRO B 31 31.98 -33.24 -31.87
N GLY B 32 33.02 -32.43 -31.78
CA GLY B 32 32.86 -30.99 -31.88
C GLY B 32 32.90 -30.32 -30.51
N ASN B 33 33.23 -29.04 -30.52
CA ASN B 33 33.39 -28.29 -29.28
C ASN B 33 32.05 -27.85 -28.69
N MET B 34 30.94 -28.09 -29.40
CA MET B 34 29.62 -27.87 -28.82
C MET B 34 29.05 -29.18 -28.25
N SER B 35 29.02 -30.22 -29.09
CA SER B 35 28.48 -31.49 -28.64
C SER B 35 29.36 -32.11 -27.55
N PHE B 36 30.65 -31.82 -27.55
CA PHE B 36 31.50 -32.30 -26.46
C PHE B 36 31.07 -31.72 -25.13
N VAL B 37 30.79 -30.42 -25.09
CA VAL B 37 30.31 -29.80 -23.85
C VAL B 37 28.94 -30.35 -23.48
N LYS B 38 28.06 -30.54 -24.48
CA LYS B 38 26.77 -31.14 -24.17
C LYS B 38 26.92 -32.52 -23.54
N GLU B 39 27.80 -33.34 -24.11
CA GLU B 39 28.01 -34.68 -23.56
C GLU B 39 28.57 -34.60 -22.16
N THR B 40 29.51 -33.68 -21.92
CA THR B 40 30.04 -33.50 -20.57
C THR B 40 28.92 -33.20 -19.59
N VAL B 41 28.07 -32.23 -19.91
CA VAL B 41 27.01 -31.83 -18.99
C VAL B 41 26.05 -32.99 -18.74
N ASP B 42 25.60 -33.64 -19.81
CA ASP B 42 24.65 -34.74 -19.64
C ASP B 42 25.27 -35.87 -18.84
N LYS B 43 26.56 -36.13 -19.02
CA LYS B 43 27.23 -37.16 -18.24
C LYS B 43 27.36 -36.77 -16.79
N LEU B 44 27.47 -35.47 -16.50
CA LEU B 44 27.44 -35.02 -15.11
C LEU B 44 26.07 -35.28 -14.48
N LEU B 45 25.00 -34.90 -15.17
CA LEU B 45 23.67 -35.04 -14.60
C LEU B 45 23.06 -36.42 -14.79
N LYS B 46 23.76 -37.34 -15.44
CA LYS B 46 23.34 -38.74 -15.47
C LYS B 46 23.70 -39.40 -14.15
N GLY B 47 22.69 -39.80 -13.38
CA GLY B 47 22.93 -40.44 -12.09
C GLY B 47 23.09 -39.50 -10.92
N TYR B 48 22.99 -38.19 -11.15
CA TYR B 48 23.06 -37.22 -10.06
C TYR B 48 21.80 -37.27 -9.22
N ASP B 49 21.96 -37.32 -7.90
CA ASP B 49 20.84 -37.42 -6.96
C ASP B 49 20.65 -36.08 -6.28
N ILE B 50 19.53 -35.40 -6.62
CA ILE B 50 19.27 -34.09 -6.05
C ILE B 50 18.86 -34.19 -4.58
N ARG B 51 18.42 -35.36 -4.13
CA ARG B 51 17.92 -35.50 -2.77
C ARG B 51 19.05 -35.61 -1.75
N LEU B 52 20.29 -35.81 -2.18
CA LEU B 52 21.41 -35.97 -1.28
C LEU B 52 22.34 -34.77 -1.39
N ARG B 53 22.67 -34.20 -0.22
CA ARG B 53 23.69 -33.19 -0.14
C ARG B 53 25.06 -33.73 -0.55
N PRO B 54 25.97 -32.85 -0.97
CA PRO B 54 27.33 -33.30 -1.26
C PRO B 54 27.96 -33.99 -0.05
N ASP B 55 28.67 -35.07 -0.32
CA ASP B 55 29.31 -35.84 0.74
C ASP B 55 28.29 -36.27 1.79
N PHE B 56 27.09 -36.61 1.33
CA PHE B 56 26.06 -37.11 2.23
C PHE B 56 26.63 -38.22 3.10
N GLY B 57 26.45 -38.08 4.42
CA GLY B 57 27.03 -39.01 5.36
C GLY B 57 28.48 -38.75 5.69
N GLY B 58 29.15 -37.87 4.94
CA GLY B 58 30.51 -37.51 5.22
C GLY B 58 30.60 -36.17 5.94
N PRO B 59 31.71 -35.47 5.80
CA PRO B 59 31.88 -34.21 6.49
C PRO B 59 30.92 -33.15 5.97
N PRO B 60 30.73 -32.06 6.70
CA PRO B 60 29.77 -31.05 6.27
C PRO B 60 30.24 -30.32 5.03
N VAL B 61 29.31 -29.60 4.40
CA VAL B 61 29.60 -28.88 3.17
C VAL B 61 29.80 -27.41 3.51
N CYS B 62 30.99 -26.88 3.20
CA CYS B 62 31.35 -25.51 3.54
C CYS B 62 30.82 -24.59 2.47
N VAL B 63 29.68 -23.95 2.75
CA VAL B 63 29.00 -23.09 1.78
C VAL B 63 29.43 -21.65 2.04
N GLY B 64 30.44 -21.18 1.32
CA GLY B 64 30.77 -19.77 1.36
C GLY B 64 29.69 -18.93 0.72
N MET B 65 29.56 -17.68 1.18
CA MET B 65 28.57 -16.80 0.60
C MET B 65 28.99 -15.35 0.82
N ASN B 66 28.40 -14.48 -0.01
CA ASN B 66 28.64 -13.05 0.07
C ASN B 66 27.48 -12.35 -0.64
N ILE B 67 27.29 -11.08 -0.29
CA ILE B 67 26.14 -10.31 -0.76
C ILE B 67 26.61 -8.99 -1.34
N ASP B 68 25.87 -8.49 -2.34
CA ASP B 68 26.08 -7.17 -2.90
C ASP B 68 24.77 -6.41 -2.79
N ILE B 69 24.75 -5.33 -2.02
CA ILE B 69 23.50 -4.63 -1.70
C ILE B 69 23.07 -3.80 -2.91
N ALA B 70 21.83 -3.99 -3.34
CA ALA B 70 21.28 -3.15 -4.39
C ALA B 70 20.71 -1.85 -3.82
N SER B 71 19.89 -1.96 -2.78
CA SER B 71 19.28 -0.79 -2.16
C SER B 71 18.49 -1.23 -0.94
N ILE B 72 18.15 -0.27 -0.10
CA ILE B 72 17.13 -0.44 0.93
C ILE B 72 15.98 0.50 0.57
N ASP B 73 14.86 -0.08 0.17
CA ASP B 73 13.76 0.74 -0.34
C ASP B 73 13.21 1.66 0.74
N MET B 74 12.97 1.13 1.93
CA MET B 74 12.38 1.94 2.99
C MET B 74 12.66 1.28 4.34
N VAL B 75 12.62 2.10 5.38
CA VAL B 75 12.64 1.65 6.76
C VAL B 75 11.39 2.21 7.43
N SER B 76 10.56 1.32 7.96
CA SER B 76 9.22 1.67 8.41
C SER B 76 9.12 1.50 9.92
N GLU B 77 8.77 2.59 10.61
CA GLU B 77 8.46 2.49 12.04
C GLU B 77 7.06 1.94 12.27
N VAL B 78 6.12 2.20 11.37
CA VAL B 78 4.77 1.72 11.56
C VAL B 78 4.73 0.20 11.56
N ASN B 79 5.46 -0.44 10.64
CA ASN B 79 5.47 -1.88 10.50
C ASN B 79 6.71 -2.53 11.07
N MET B 80 7.70 -1.76 11.51
CA MET B 80 8.92 -2.30 12.10
C MET B 80 9.59 -3.28 11.17
N ASP B 81 9.93 -2.82 9.97
CA ASP B 81 10.63 -3.63 9.00
C ASP B 81 11.31 -2.72 7.98
N TYR B 82 12.23 -3.30 7.21
CA TYR B 82 12.90 -2.57 6.14
C TYR B 82 13.06 -3.47 4.93
N THR B 83 12.80 -2.91 3.75
CA THR B 83 12.74 -3.68 2.50
C THR B 83 14.11 -3.64 1.85
N LEU B 84 14.87 -4.72 2.03
CA LEU B 84 16.21 -4.81 1.47
C LEU B 84 16.18 -5.53 0.12
N THR B 85 17.01 -5.05 -0.81
CA THR B 85 17.18 -5.69 -2.11
C THR B 85 18.67 -5.91 -2.34
N MET B 86 19.02 -7.05 -2.93
CA MET B 86 20.41 -7.47 -2.91
C MET B 86 20.67 -8.53 -3.97
N TYR B 87 21.95 -8.74 -4.26
CA TYR B 87 22.44 -9.92 -4.97
C TYR B 87 23.05 -10.86 -3.94
N PHE B 88 22.50 -12.06 -3.84
CA PHE B 88 22.88 -13.02 -2.81
C PHE B 88 23.56 -14.20 -3.48
N GLN B 89 24.81 -14.48 -3.10
CA GLN B 89 25.62 -15.48 -3.76
C GLN B 89 25.99 -16.59 -2.80
N GLN B 90 26.09 -17.81 -3.31
CA GLN B 90 26.50 -18.97 -2.54
C GLN B 90 27.45 -19.79 -3.38
N TYR B 91 28.38 -20.48 -2.72
CA TYR B 91 29.54 -21.03 -3.40
C TYR B 91 30.03 -22.25 -2.64
N TRP B 92 29.94 -23.43 -3.26
CA TRP B 92 30.25 -24.67 -2.56
C TRP B 92 30.83 -25.69 -3.54
N ARG B 93 31.57 -26.64 -2.96
CA ARG B 93 32.08 -27.79 -3.72
C ARG B 93 31.00 -28.84 -3.90
N ASP B 94 30.99 -29.50 -5.05
CA ASP B 94 30.12 -30.64 -5.30
C ASP B 94 30.88 -31.58 -6.24
N LYS B 95 31.54 -32.59 -5.69
CA LYS B 95 32.44 -33.42 -6.46
C LYS B 95 31.73 -34.19 -7.56
N ARG B 96 30.41 -34.33 -7.49
CA ARG B 96 29.67 -35.02 -8.54
C ARG B 96 29.61 -34.23 -9.83
N LEU B 97 30.01 -32.95 -9.79
CA LEU B 97 29.97 -32.08 -10.96
C LEU B 97 31.37 -31.73 -11.47
N ALA B 98 32.37 -32.55 -11.16
CA ALA B 98 33.70 -32.33 -11.69
C ALA B 98 33.78 -32.81 -13.13
N TYR B 99 34.49 -32.06 -13.96
CA TYR B 99 34.68 -32.40 -15.36
C TYR B 99 36.10 -32.05 -15.77
N SER B 100 36.57 -32.72 -16.82
CA SER B 100 37.97 -32.63 -17.24
C SER B 100 38.04 -32.32 -18.72
N GLY B 101 39.23 -31.88 -19.14
CA GLY B 101 39.48 -31.57 -20.54
C GLY B 101 39.02 -30.18 -20.90
N ILE B 102 37.81 -29.82 -20.49
CA ILE B 102 37.26 -28.51 -20.80
C ILE B 102 37.84 -27.50 -19.82
N PRO B 103 38.55 -26.46 -20.29
CA PRO B 103 39.09 -25.45 -19.37
C PRO B 103 38.12 -24.33 -19.01
N LEU B 104 36.96 -24.27 -19.64
CA LEU B 104 36.03 -23.17 -19.40
C LEU B 104 35.39 -23.29 -18.03
N ASN B 105 35.08 -22.14 -17.44
CA ASN B 105 34.14 -22.07 -16.32
C ASN B 105 32.74 -21.99 -16.93
N LEU B 106 32.14 -23.16 -17.15
CA LEU B 106 30.85 -23.23 -17.82
C LEU B 106 29.83 -22.32 -17.17
N THR B 107 29.17 -21.48 -17.95
CA THR B 107 28.06 -20.65 -17.46
C THR B 107 26.78 -21.23 -18.04
N LEU B 108 26.15 -22.12 -17.28
CA LEU B 108 24.96 -22.81 -17.76
C LEU B 108 23.73 -21.92 -17.62
N ASP B 109 22.75 -22.16 -18.49
CA ASP B 109 21.48 -21.48 -18.38
C ASP B 109 20.88 -21.74 -17.01
N ASN B 110 20.29 -20.70 -16.42
CA ASN B 110 19.87 -20.78 -15.02
C ASN B 110 18.77 -21.81 -14.79
N ARG B 111 18.11 -22.29 -15.85
CA ARG B 111 17.07 -23.29 -15.65
C ARG B 111 17.65 -24.65 -15.27
N VAL B 112 18.98 -24.81 -15.27
CA VAL B 112 19.59 -26.03 -14.76
C VAL B 112 19.61 -26.06 -13.24
N ALA B 113 19.60 -24.90 -12.59
CA ALA B 113 19.65 -24.86 -11.13
C ALA B 113 18.47 -25.56 -10.49
N ASP B 114 17.37 -25.75 -11.22
CA ASP B 114 16.25 -26.51 -10.71
C ASP B 114 16.53 -27.99 -10.65
N GLN B 115 17.67 -28.44 -11.17
CA GLN B 115 17.98 -29.86 -11.29
C GLN B 115 19.28 -30.21 -10.58
N LEU B 116 19.63 -29.48 -9.53
CA LEU B 116 20.83 -29.71 -8.76
C LEU B 116 20.50 -29.53 -7.29
N TRP B 117 21.42 -29.98 -6.43
CA TRP B 117 21.32 -29.68 -5.01
C TRP B 117 21.86 -28.29 -4.73
N VAL B 118 21.07 -27.49 -4.01
CA VAL B 118 21.48 -26.14 -3.64
C VAL B 118 21.27 -25.96 -2.14
N PRO B 119 22.06 -25.13 -1.47
CA PRO B 119 21.93 -24.99 -0.01
C PRO B 119 20.50 -24.68 0.38
N ASP B 120 20.15 -25.04 1.61
CA ASP B 120 18.78 -24.85 2.09
C ASP B 120 18.68 -23.53 2.85
N THR B 121 19.56 -22.58 2.49
CA THR B 121 19.70 -21.34 3.24
C THR B 121 18.38 -20.59 3.31
N TYR B 122 18.19 -19.80 4.37
CA TYR B 122 17.06 -18.92 4.47
C TYR B 122 17.35 -17.86 5.51
N PHE B 123 16.54 -16.80 5.47
CA PHE B 123 16.64 -15.67 6.40
C PHE B 123 15.53 -15.79 7.42
N LEU B 124 15.89 -15.81 8.70
CA LEU B 124 14.89 -16.07 9.72
C LEU B 124 13.96 -14.88 9.90
N ASN B 125 14.51 -13.67 9.94
CA ASN B 125 13.72 -12.50 10.30
C ASN B 125 12.98 -11.88 9.12
N ASP B 126 13.01 -12.52 7.95
CA ASP B 126 12.30 -11.99 6.80
C ASP B 126 10.80 -12.15 6.99
N LYS B 127 10.05 -11.10 6.63
CA LYS B 127 8.59 -11.18 6.68
C LYS B 127 8.00 -11.58 5.34
N LYS B 128 8.63 -11.17 4.24
CA LYS B 128 8.10 -11.43 2.91
C LYS B 128 9.15 -11.09 1.86
N SER B 129 9.40 -12.01 0.93
CA SER B 129 10.49 -11.85 -0.02
C SER B 129 10.14 -12.56 -1.31
N PHE B 130 10.88 -12.24 -2.37
CA PHE B 130 10.68 -12.87 -3.66
C PHE B 130 11.93 -12.72 -4.52
N VAL B 131 12.14 -13.69 -5.39
CA VAL B 131 13.21 -13.63 -6.39
C VAL B 131 12.66 -12.95 -7.64
N HIS B 132 13.42 -11.99 -8.17
CA HIS B 132 12.91 -11.19 -9.26
C HIS B 132 12.73 -12.05 -10.51
N GLY B 133 11.55 -11.96 -11.12
CA GLY B 133 11.13 -12.96 -12.09
C GLY B 133 10.82 -12.47 -13.49
N VAL B 134 11.10 -11.21 -13.80
CA VAL B 134 10.77 -10.69 -15.13
C VAL B 134 11.69 -11.32 -16.17
N THR B 135 11.15 -11.51 -17.37
CA THR B 135 11.84 -12.22 -18.43
C THR B 135 12.11 -13.66 -18.00
N VAL B 136 13.21 -13.87 -17.28
CA VAL B 136 13.54 -15.17 -16.71
C VAL B 136 14.02 -14.93 -15.29
N LYS B 137 13.64 -15.83 -14.39
CA LYS B 137 13.93 -15.63 -12.97
C LYS B 137 15.41 -15.34 -12.78
N ASN B 138 15.69 -14.28 -12.01
CA ASN B 138 17.03 -13.74 -11.95
C ASN B 138 17.95 -14.65 -11.15
N ARG B 139 18.59 -15.59 -11.84
CA ARG B 139 19.48 -16.53 -11.20
C ARG B 139 20.70 -16.76 -12.06
N MET B 140 21.83 -17.01 -11.40
CA MET B 140 23.09 -17.30 -12.07
C MET B 140 23.66 -18.57 -11.48
N ILE B 141 24.12 -19.47 -12.34
CA ILE B 141 24.82 -20.67 -11.90
C ILE B 141 25.98 -20.91 -12.84
N ARG B 142 27.16 -21.12 -12.28
CA ARG B 142 28.39 -21.26 -13.05
C ARG B 142 29.21 -22.39 -12.46
N LEU B 143 29.57 -23.35 -13.30
CA LEU B 143 30.38 -24.48 -12.85
C LEU B 143 31.85 -24.19 -13.11
N HIS B 144 32.71 -25.00 -12.48
CA HIS B 144 34.15 -24.90 -12.62
C HIS B 144 34.71 -26.30 -12.78
N PRO B 145 35.89 -26.42 -13.40
CA PRO B 145 36.40 -27.77 -13.71
C PRO B 145 36.58 -28.65 -12.49
N ASP B 146 36.97 -28.08 -11.36
CA ASP B 146 37.24 -28.88 -10.17
C ASP B 146 35.98 -29.07 -9.33
N GLY B 147 34.82 -28.86 -9.95
CA GLY B 147 33.56 -29.22 -9.35
C GLY B 147 32.89 -28.17 -8.50
N THR B 148 33.56 -27.05 -8.23
CA THR B 148 32.96 -26.03 -7.37
C THR B 148 31.89 -25.25 -8.13
N VAL B 149 30.84 -24.88 -7.43
CA VAL B 149 29.65 -24.27 -8.02
C VAL B 149 29.46 -22.88 -7.45
N LEU B 150 29.04 -21.94 -8.30
CA LEU B 150 28.62 -20.61 -7.87
C LEU B 150 27.17 -20.44 -8.24
N TYR B 151 26.37 -19.95 -7.29
CA TYR B 151 24.94 -19.82 -7.46
C TYR B 151 24.48 -18.55 -6.77
N GLY B 152 23.76 -17.70 -7.50
CA GLY B 152 23.39 -16.40 -6.97
C GLY B 152 22.00 -16.01 -7.40
N LEU B 153 21.40 -15.13 -6.59
CA LEU B 153 20.05 -14.66 -6.82
C LEU B 153 19.99 -13.16 -6.56
N ARG B 154 19.04 -12.50 -7.20
CA ARG B 154 18.70 -11.13 -6.87
C ARG B 154 17.37 -11.15 -6.13
N ILE B 155 17.37 -10.63 -4.90
CA ILE B 155 16.28 -10.85 -3.95
C ILE B 155 15.85 -9.51 -3.38
N THR B 156 14.56 -9.40 -3.08
CA THR B 156 14.01 -8.27 -2.34
C THR B 156 13.27 -8.81 -1.12
N THR B 157 13.75 -8.47 0.07
CA THR B 157 13.27 -9.07 1.30
C THR B 157 12.81 -7.98 2.27
N THR B 158 11.62 -8.16 2.84
CA THR B 158 11.06 -7.22 3.82
C THR B 158 11.43 -7.73 5.21
N ALA B 159 12.68 -7.47 5.60
CA ALA B 159 13.20 -7.99 6.85
C ALA B 159 12.64 -7.20 8.02
N ALA B 160 12.24 -7.92 9.08
CA ALA B 160 11.75 -7.27 10.28
C ALA B 160 12.88 -6.63 11.06
N CYS B 161 12.58 -5.53 11.75
CA CYS B 161 13.57 -4.83 12.56
C CYS B 161 12.82 -4.05 13.63
N MET B 162 12.81 -4.58 14.85
CA MET B 162 12.18 -3.88 15.96
C MET B 162 13.00 -2.67 16.35
N MET B 163 12.35 -1.54 16.57
CA MET B 163 13.01 -0.26 16.74
C MET B 163 12.78 0.28 18.14
N ASP B 164 13.81 0.87 18.72
CA ASP B 164 13.74 1.50 20.04
C ASP B 164 13.47 2.98 19.83
N LEU B 165 12.19 3.36 19.86
CA LEU B 165 11.77 4.71 19.55
C LEU B 165 11.77 5.64 20.75
N ARG B 166 12.31 5.21 21.89
CA ARG B 166 12.31 6.07 23.07
C ARG B 166 13.03 7.39 22.82
N ARG B 167 14.05 7.38 21.98
CA ARG B 167 14.81 8.59 21.67
C ARG B 167 14.40 9.21 20.34
N TYR B 168 13.33 8.73 19.73
CA TYR B 168 12.91 9.24 18.44
C TYR B 168 12.65 10.74 18.54
N PRO B 169 13.05 11.55 17.54
CA PRO B 169 13.75 11.23 16.28
C PRO B 169 15.27 11.32 16.38
N LEU B 170 15.83 11.47 17.58
CA LEU B 170 17.28 11.49 17.75
C LEU B 170 17.85 10.09 17.95
N ASP B 171 17.15 9.06 17.49
CA ASP B 171 17.55 7.69 17.75
C ASP B 171 18.43 7.15 16.63
N GLU B 172 19.00 5.98 16.89
CA GLU B 172 19.64 5.18 15.86
C GLU B 172 19.22 3.73 16.05
N GLN B 173 19.10 3.00 14.94
CA GLN B 173 18.57 1.66 14.95
C GLN B 173 19.60 0.66 14.43
N ASN B 174 19.53 -0.55 14.97
CA ASN B 174 20.26 -1.71 14.49
C ASN B 174 19.28 -2.66 13.82
N CYS B 175 19.44 -2.84 12.51
CA CYS B 175 18.63 -3.78 11.75
C CYS B 175 19.52 -4.86 11.17
N THR B 176 19.01 -6.09 11.13
CA THR B 176 19.82 -7.25 10.83
C THR B 176 19.10 -8.18 9.87
N LEU B 177 19.89 -9.00 9.18
CA LEU B 177 19.39 -10.09 8.34
C LEU B 177 20.06 -11.38 8.83
N GLU B 178 19.23 -12.32 9.29
CA GLU B 178 19.69 -13.55 9.93
C GLU B 178 19.64 -14.68 8.91
N ILE B 179 20.79 -14.99 8.31
CA ILE B 179 20.91 -16.02 7.29
C ILE B 179 21.13 -17.36 7.97
N GLU B 180 20.36 -18.36 7.58
CA GLU B 180 20.37 -19.63 8.28
C GLU B 180 19.95 -20.74 7.35
N SER B 181 20.44 -21.96 7.63
CA SER B 181 20.04 -23.15 6.90
C SER B 181 18.89 -23.82 7.65
N TYR B 182 17.86 -24.24 6.90
CA TYR B 182 16.67 -24.75 7.57
C TYR B 182 16.78 -26.25 7.86
N GLY B 183 16.96 -27.07 6.82
CA GLY B 183 16.84 -28.50 7.00
C GLY B 183 18.08 -29.18 7.54
N TYR B 184 19.25 -28.57 7.36
CA TYR B 184 20.52 -29.22 7.64
C TYR B 184 21.17 -28.56 8.84
N THR B 185 21.82 -29.37 9.68
CA THR B 185 22.34 -28.91 10.95
C THR B 185 23.80 -28.47 10.82
N THR B 186 24.41 -28.15 11.96
CA THR B 186 25.80 -27.72 11.98
C THR B 186 26.76 -28.84 11.59
N ASP B 187 26.37 -30.10 11.77
CA ASP B 187 27.16 -31.23 11.35
C ASP B 187 26.84 -31.66 9.92
N ASP B 188 26.05 -30.87 9.20
CA ASP B 188 25.79 -31.07 7.79
C ASP B 188 26.25 -29.90 6.92
N ILE B 189 26.00 -28.66 7.35
CA ILE B 189 26.43 -27.48 6.61
C ILE B 189 27.38 -26.67 7.50
N GLU B 190 28.23 -25.88 6.86
CA GLU B 190 29.02 -24.87 7.54
C GLU B 190 29.01 -23.61 6.70
N PHE B 191 28.26 -22.60 7.13
CA PHE B 191 28.26 -21.32 6.46
C PHE B 191 29.50 -20.52 6.83
N TYR B 192 29.95 -19.69 5.90
CA TYR B 192 31.02 -18.75 6.19
C TYR B 192 30.93 -17.62 5.19
N TRP B 193 31.32 -16.43 5.63
CA TRP B 193 31.36 -15.25 4.76
C TRP B 193 32.56 -15.39 3.82
N ARG B 194 32.29 -15.48 2.52
CA ARG B 194 33.36 -15.61 1.55
C ARG B 194 34.05 -14.25 1.36
N GLY B 195 35.36 -14.23 1.62
CA GLY B 195 36.08 -12.97 1.65
C GLY B 195 36.14 -12.32 3.00
N GLY B 196 35.44 -12.86 4.00
CA GLY B 196 35.53 -12.32 5.35
C GLY B 196 34.99 -10.91 5.41
N ASP B 197 35.82 -9.98 5.88
CA ASP B 197 35.37 -8.61 6.09
C ASP B 197 34.79 -8.01 4.82
N LYS B 198 35.34 -8.37 3.66
CA LYS B 198 34.92 -7.81 2.38
C LYS B 198 33.78 -8.61 1.76
N ALA B 199 33.05 -9.40 2.54
CA ALA B 199 32.03 -10.28 2.01
C ALA B 199 30.73 -9.57 1.70
N VAL B 200 30.58 -8.29 2.03
CA VAL B 200 29.40 -7.52 1.70
C VAL B 200 29.85 -6.20 1.08
N THR B 201 29.25 -5.85 -0.05
CA THR B 201 29.60 -4.64 -0.79
C THR B 201 28.32 -3.93 -1.21
N GLY B 202 28.49 -2.70 -1.68
CA GLY B 202 27.36 -1.89 -2.04
C GLY B 202 26.68 -1.19 -0.88
N VAL B 203 27.32 -1.18 0.30
CA VAL B 203 26.74 -0.48 1.44
C VAL B 203 26.66 1.02 1.17
N GLU B 204 27.55 1.55 0.33
CA GLU B 204 27.59 2.98 0.06
C GLU B 204 26.68 3.40 -1.09
N ARG B 205 25.86 2.51 -1.61
CA ARG B 205 24.81 2.89 -2.56
C ARG B 205 23.42 2.67 -2.01
N ILE B 206 23.26 2.67 -0.69
CA ILE B 206 21.95 2.62 -0.06
C ILE B 206 21.44 4.05 0.05
N GLU B 207 20.23 4.29 -0.45
CA GLU B 207 19.67 5.64 -0.53
C GLU B 207 18.43 5.69 0.36
N LEU B 208 18.62 6.13 1.60
CA LEU B 208 17.53 6.37 2.53
C LEU B 208 17.48 7.85 2.88
N PRO B 209 16.34 8.53 2.69
CA PRO B 209 16.29 9.95 3.08
C PRO B 209 16.53 10.16 4.57
N GLN B 210 15.89 9.35 5.41
CA GLN B 210 15.80 9.65 6.83
C GLN B 210 17.00 9.16 7.63
N PHE B 211 17.82 8.29 7.04
CA PHE B 211 18.85 7.59 7.78
C PHE B 211 20.17 7.70 7.02
N SER B 212 21.25 7.40 7.73
CA SER B 212 22.55 7.21 7.10
C SER B 212 23.24 6.05 7.80
N ILE B 213 23.66 5.06 7.02
CA ILE B 213 24.23 3.83 7.56
C ILE B 213 25.58 4.17 8.17
N VAL B 214 25.65 4.23 9.49
CA VAL B 214 26.91 4.53 10.14
C VAL B 214 27.92 3.40 9.89
N GLU B 215 27.47 2.16 9.98
CA GLU B 215 28.35 1.03 9.73
C GLU B 215 27.52 -0.22 9.51
N HIS B 216 28.17 -1.25 8.99
CA HIS B 216 27.60 -2.58 8.85
C HIS B 216 28.59 -3.58 9.42
N ARG B 217 28.09 -4.67 10.00
CA ARG B 217 28.96 -5.63 10.67
C ARG B 217 28.54 -7.04 10.33
N LEU B 218 29.52 -7.92 10.18
CA LEU B 218 29.32 -9.30 9.74
C LEU B 218 29.70 -10.26 10.85
N VAL B 219 28.83 -11.22 11.15
CA VAL B 219 29.05 -12.16 12.24
C VAL B 219 28.54 -13.55 11.85
N SER B 220 29.16 -14.57 12.42
CA SER B 220 28.77 -15.96 12.21
C SER B 220 28.63 -16.64 13.55
N ARG B 221 27.65 -17.53 13.66
CA ARG B 221 27.30 -18.14 14.94
C ARG B 221 26.66 -19.50 14.68
N ASN B 222 26.54 -20.28 15.76
CA ASN B 222 25.74 -21.49 15.76
C ASN B 222 24.53 -21.27 16.66
N VAL B 223 23.35 -21.29 16.07
CA VAL B 223 22.11 -21.22 16.83
C VAL B 223 21.68 -22.65 17.16
N VAL B 224 20.89 -22.79 18.23
CA VAL B 224 20.47 -24.09 18.71
C VAL B 224 18.96 -24.10 18.88
N PHE B 225 18.34 -25.16 18.37
CA PHE B 225 16.91 -25.42 18.56
C PHE B 225 16.74 -26.82 19.11
N ALA B 226 15.49 -27.18 19.40
CA ALA B 226 15.20 -28.52 19.88
C ALA B 226 15.63 -29.60 18.89
N THR B 227 15.68 -29.27 17.60
CA THR B 227 16.03 -30.23 16.56
C THR B 227 17.52 -30.28 16.27
N GLY B 228 18.32 -29.42 16.91
CA GLY B 228 19.77 -29.48 16.73
C GLY B 228 20.39 -28.13 16.50
N ALA B 229 21.71 -28.09 16.38
CA ALA B 229 22.42 -26.84 16.15
C ALA B 229 22.45 -26.51 14.66
N TYR B 230 22.45 -25.22 14.36
CA TYR B 230 22.46 -24.74 12.98
C TYR B 230 23.45 -23.60 12.82
N PRO B 231 24.04 -23.43 11.65
CA PRO B 231 24.90 -22.27 11.42
C PRO B 231 24.08 -21.05 11.04
N ARG B 232 24.51 -19.88 11.51
CA ARG B 232 23.83 -18.64 11.20
C ARG B 232 24.85 -17.55 10.90
N LEU B 233 24.57 -16.76 9.86
CA LEU B 233 25.37 -15.60 9.51
C LEU B 233 24.50 -14.36 9.65
N SER B 234 25.03 -13.35 10.35
CA SER B 234 24.27 -12.14 10.66
C SER B 234 24.87 -10.96 9.93
N LEU B 235 24.04 -10.27 9.15
CA LEU B 235 24.39 -9.01 8.52
C LEU B 235 23.54 -7.91 9.16
N SER B 236 24.20 -6.88 9.66
CA SER B 236 23.55 -5.88 10.49
C SER B 236 23.96 -4.48 10.07
N PHE B 237 23.02 -3.56 10.15
CA PHE B 237 23.24 -2.16 9.83
C PHE B 237 22.88 -1.30 11.03
N ARG B 238 23.66 -0.25 11.26
CA ARG B 238 23.39 0.70 12.34
C ARG B 238 22.95 2.01 11.70
N LEU B 239 21.66 2.31 11.79
CA LEU B 239 21.05 3.40 11.04
C LEU B 239 20.89 4.62 11.95
N LYS B 240 21.61 5.69 11.61
CA LYS B 240 21.46 6.96 12.32
C LYS B 240 20.49 7.86 11.57
N ARG B 241 19.53 8.42 12.28
CA ARG B 241 18.51 9.25 11.65
C ARG B 241 19.04 10.65 11.37
N ASN B 242 18.46 11.30 10.36
CA ASN B 242 18.78 12.69 10.05
C ASN B 242 17.66 13.57 10.61
N ILE B 243 18.02 14.45 11.55
CA ILE B 243 17.02 15.30 12.19
C ILE B 243 16.57 16.46 11.32
N GLY B 244 17.16 16.62 10.14
CA GLY B 244 16.84 17.77 9.30
C GLY B 244 15.37 17.89 8.99
N TYR B 245 14.70 16.78 8.71
CA TYR B 245 13.28 16.82 8.39
C TYR B 245 12.46 17.31 9.58
N PHE B 246 12.64 16.68 10.75
CA PHE B 246 11.81 17.01 11.89
C PHE B 246 12.14 18.39 12.45
N ILE B 247 13.43 18.73 12.52
CA ILE B 247 13.81 20.01 13.09
C ILE B 247 13.16 21.15 12.32
N LEU B 248 12.90 20.94 11.04
CA LEU B 248 12.30 21.99 10.22
C LEU B 248 10.78 21.87 10.18
N GLN B 249 10.24 20.65 10.26
CA GLN B 249 8.83 20.42 9.99
C GLN B 249 7.97 20.38 11.25
N THR B 250 8.52 20.02 12.40
CA THR B 250 7.71 19.85 13.59
C THR B 250 8.27 20.58 14.82
N TYR B 251 9.60 20.72 14.89
CA TYR B 251 10.18 21.46 16.02
C TYR B 251 10.14 22.96 15.79
N MET B 252 10.54 23.41 14.60
CA MET B 252 10.51 24.84 14.31
C MET B 252 9.11 25.43 14.44
N PRO B 253 8.05 24.82 13.89
CA PRO B 253 6.72 25.39 14.12
C PRO B 253 6.33 25.44 15.59
N SER B 254 6.70 24.43 16.37
CA SER B 254 6.39 24.46 17.80
C SER B 254 7.14 25.60 18.48
N ILE B 255 8.41 25.78 18.14
CA ILE B 255 9.19 26.87 18.73
C ILE B 255 8.58 28.21 18.39
N LEU B 256 8.19 28.38 17.12
CA LEU B 256 7.61 29.65 16.70
C LEU B 256 6.27 29.90 17.39
N ILE B 257 5.44 28.87 17.51
CA ILE B 257 4.16 29.03 18.19
C ILE B 257 4.36 29.37 19.65
N THR B 258 5.37 28.79 20.29
CA THR B 258 5.67 29.15 21.67
C THR B 258 6.15 30.60 21.76
N ILE B 259 7.00 31.02 20.80
CA ILE B 259 7.41 32.42 20.75
C ILE B 259 6.20 33.31 20.49
N LEU B 260 5.33 32.90 19.57
CA LEU B 260 4.09 33.62 19.36
C LEU B 260 3.31 33.75 20.65
N SER B 261 3.29 32.70 21.46
CA SER B 261 2.53 32.73 22.70
C SER B 261 3.02 33.82 23.64
N TRP B 262 4.28 34.21 23.53
CA TRP B 262 4.81 35.25 24.42
C TRP B 262 4.36 36.65 24.02
N VAL B 263 3.89 36.86 22.79
CA VAL B 263 3.52 38.21 22.40
C VAL B 263 2.38 38.72 23.25
N SER B 264 1.62 37.82 23.88
CA SER B 264 0.57 38.24 24.79
C SER B 264 1.13 39.08 25.93
N PHE B 265 2.39 38.86 26.30
CA PHE B 265 3.04 39.64 27.36
C PHE B 265 3.50 41.01 26.88
N TRP B 266 3.45 41.27 25.57
CA TRP B 266 3.68 42.62 25.05
C TRP B 266 2.38 43.34 24.76
N ILE B 267 1.32 42.61 24.36
CA ILE B 267 0.00 43.22 24.27
C ILE B 267 -0.44 43.67 25.65
N ASN B 268 -0.94 44.89 25.74
CA ASN B 268 -1.32 45.44 27.03
C ASN B 268 -2.50 44.67 27.60
N TYR B 269 -2.54 44.58 28.93
CA TYR B 269 -3.51 43.74 29.62
C TYR B 269 -4.95 44.22 29.45
N ASP B 270 -5.16 45.44 28.94
CA ASP B 270 -6.52 45.89 28.69
C ASP B 270 -7.21 45.04 27.64
N ALA B 271 -6.44 44.38 26.77
CA ALA B 271 -7.01 43.57 25.70
C ALA B 271 -7.41 42.19 26.22
N SER B 272 -8.45 42.13 27.05
CA SER B 272 -8.81 40.87 27.69
C SER B 272 -9.17 39.80 26.67
N ALA B 273 -9.92 40.16 25.63
CA ALA B 273 -10.32 39.16 24.64
C ALA B 273 -9.12 38.65 23.85
N ALA B 274 -8.23 39.55 23.43
CA ALA B 274 -7.10 39.15 22.62
C ALA B 274 -6.07 38.36 23.42
N ARG B 275 -5.87 38.71 24.69
CA ARG B 275 -4.97 37.94 25.54
C ARG B 275 -5.42 36.49 25.61
N VAL B 276 -6.72 36.27 25.78
CA VAL B 276 -7.27 34.92 25.71
C VAL B 276 -7.01 34.33 24.33
N ALA B 277 -7.48 35.01 23.28
CA ALA B 277 -7.44 34.45 21.94
C ALA B 277 -6.05 33.92 21.60
N LEU B 278 -5.01 34.70 21.87
CA LEU B 278 -3.65 34.24 21.59
C LEU B 278 -3.33 32.97 22.35
N GLY B 279 -3.58 32.95 23.66
CA GLY B 279 -3.22 31.79 24.45
C GLY B 279 -3.94 30.54 24.01
N ILE B 280 -5.26 30.64 23.83
CA ILE B 280 -6.03 29.47 23.46
C ILE B 280 -5.68 29.02 22.05
N THR B 281 -5.41 29.96 21.14
CA THR B 281 -5.04 29.58 19.79
C THR B 281 -3.70 28.86 19.78
N THR B 282 -2.73 29.32 20.57
CA THR B 282 -1.46 28.61 20.65
C THR B 282 -1.62 27.25 21.30
N VAL B 283 -2.48 27.14 22.31
CA VAL B 283 -2.76 25.84 22.92
C VAL B 283 -3.31 24.88 21.87
N LEU B 284 -4.33 25.32 21.14
CA LEU B 284 -4.93 24.46 20.13
C LEU B 284 -3.95 24.17 19.00
N THR B 285 -3.03 25.10 18.71
CA THR B 285 -2.06 24.88 17.65
C THR B 285 -1.01 23.86 18.06
N MET B 286 -0.60 23.88 19.32
CA MET B 286 0.28 22.83 19.82
C MET B 286 -0.43 21.48 19.75
N THR B 287 -1.70 21.44 20.17
CA THR B 287 -2.45 20.19 20.06
C THR B 287 -2.55 19.75 18.61
N THR B 288 -2.66 20.69 17.67
CA THR B 288 -2.74 20.34 16.25
C THR B 288 -1.41 19.82 15.72
N ILE B 289 -0.31 20.46 16.11
CA ILE B 289 1.01 19.95 15.75
C ILE B 289 1.18 18.53 16.27
N ASN B 290 0.59 18.23 17.43
CA ASN B 290 0.58 16.86 17.93
C ASN B 290 -0.15 15.92 16.98
N THR B 291 -1.40 16.26 16.63
CA THR B 291 -2.25 15.31 15.94
C THR B 291 -1.68 14.89 14.59
N HIS B 292 -0.89 15.77 13.95
CA HIS B 292 -0.36 15.44 12.64
C HIS B 292 0.65 14.31 12.70
N LEU B 293 1.09 13.92 13.89
CA LEU B 293 2.05 12.83 14.03
C LEU B 293 1.36 11.48 14.18
N ARG B 294 0.21 11.46 14.86
CA ARG B 294 -0.32 10.21 15.38
C ARG B 294 -0.86 9.28 14.30
N GLU B 295 -1.17 9.79 13.12
CA GLU B 295 -1.60 8.94 12.01
C GLU B 295 -0.43 8.47 11.15
N THR B 296 0.80 8.63 11.64
CA THR B 296 1.99 8.26 10.88
C THR B 296 3.02 7.52 11.74
N LEU B 297 2.61 6.90 12.83
CA LEU B 297 3.55 6.27 13.76
C LEU B 297 2.83 5.16 14.50
N PRO B 298 3.57 4.21 15.07
CA PRO B 298 2.93 3.10 15.78
C PRO B 298 2.38 3.54 17.13
N LYS B 299 1.47 2.73 17.66
CA LYS B 299 0.83 3.06 18.93
C LYS B 299 1.70 2.61 20.09
N ILE B 300 2.90 3.19 20.18
CA ILE B 300 3.86 2.83 21.22
C ILE B 300 3.34 3.28 22.58
N PRO B 301 3.51 2.49 23.64
CA PRO B 301 2.90 2.84 24.93
C PRO B 301 3.71 3.79 25.80
N TYR B 302 4.88 4.24 25.36
CA TYR B 302 5.75 5.07 26.18
C TYR B 302 6.03 6.40 25.49
N VAL B 303 6.35 7.41 26.30
CA VAL B 303 6.57 8.75 25.80
C VAL B 303 7.92 8.82 25.10
N LYS B 304 7.94 9.39 23.90
CA LYS B 304 9.15 9.57 23.13
C LYS B 304 9.71 10.97 23.35
N ALA B 305 10.91 11.20 22.82
CA ALA B 305 11.53 12.52 22.96
C ALA B 305 10.68 13.60 22.31
N ILE B 306 10.13 13.31 21.13
CA ILE B 306 9.28 14.28 20.46
C ILE B 306 8.05 14.59 21.32
N ASP B 307 7.45 13.57 21.92
CA ASP B 307 6.34 13.82 22.82
C ASP B 307 6.77 14.60 24.05
N MET B 308 8.00 14.40 24.54
CA MET B 308 8.48 15.22 25.65
C MET B 308 8.58 16.68 25.24
N TYR B 309 9.13 16.96 24.06
CA TYR B 309 9.25 18.35 23.63
C TYR B 309 7.87 18.97 23.43
N LEU B 310 6.94 18.23 22.82
CA LEU B 310 5.60 18.77 22.62
C LEU B 310 4.90 18.98 23.94
N MET B 311 5.08 18.06 24.89
CA MET B 311 4.57 18.23 26.24
C MET B 311 5.08 19.52 26.86
N GLY B 312 6.40 19.73 26.80
CA GLY B 312 6.97 20.93 27.42
C GLY B 312 6.47 22.21 26.78
N CYS B 313 6.47 22.25 25.44
CA CYS B 313 5.98 23.46 24.76
C CYS B 313 4.52 23.70 25.06
N PHE B 314 3.72 22.64 25.09
CA PHE B 314 2.30 22.82 25.37
C PHE B 314 2.12 23.31 26.80
N VAL B 315 2.93 22.83 27.72
CA VAL B 315 2.86 23.32 29.10
C VAL B 315 3.23 24.78 29.14
N PHE B 316 4.19 25.22 28.32
CA PHE B 316 4.51 26.64 28.28
C PHE B 316 3.31 27.46 27.80
N VAL B 317 2.64 27.01 26.74
CA VAL B 317 1.50 27.82 26.27
C VAL B 317 0.37 27.80 27.30
N PHE B 318 0.11 26.64 27.91
CA PHE B 318 -0.92 26.53 28.93
C PHE B 318 -0.58 27.39 30.14
N LEU B 319 0.70 27.45 30.51
CA LEU B 319 1.13 28.27 31.64
C LEU B 319 1.03 29.75 31.31
N ALA B 320 1.31 30.15 30.08
CA ALA B 320 1.09 31.53 29.67
C ALA B 320 -0.38 31.88 29.77
N LEU B 321 -1.25 30.97 29.33
CA LEU B 321 -2.68 31.21 29.43
C LEU B 321 -3.13 31.34 30.88
N LEU B 322 -2.62 30.48 31.76
CA LEU B 322 -2.95 30.59 33.18
C LEU B 322 -2.43 31.89 33.77
N GLU B 323 -1.23 32.31 33.35
CA GLU B 323 -0.66 33.54 33.88
C GLU B 323 -1.47 34.74 33.44
N TYR B 324 -1.97 34.74 32.20
CA TYR B 324 -2.92 35.77 31.81
C TYR B 324 -4.17 35.71 32.66
N ALA B 325 -4.66 34.51 32.95
CA ALA B 325 -5.86 34.40 33.77
C ALA B 325 -5.65 35.03 35.14
N PHE B 326 -4.49 34.83 35.74
CA PHE B 326 -4.19 35.41 37.05
C PHE B 326 -3.58 36.80 36.97
N VAL B 327 -3.38 37.33 35.77
CA VAL B 327 -3.27 38.79 35.62
C VAL B 327 -4.67 39.41 35.60
N ASN B 328 -5.58 38.81 34.85
CA ASN B 328 -6.95 39.33 34.76
C ASN B 328 -7.64 39.32 36.12
N TYR B 329 -7.60 38.17 36.80
CA TYR B 329 -8.22 38.07 38.12
C TYR B 329 -7.73 39.16 39.05
N ILE B 330 -6.40 39.31 39.16
CA ILE B 330 -5.86 40.26 40.13
C ILE B 330 -6.15 41.69 39.69
N PHE B 331 -6.18 41.95 38.37
CA PHE B 331 -6.42 43.31 37.90
C PHE B 331 -7.86 43.74 38.16
N PHE B 332 -8.83 42.91 37.80
CA PHE B 332 -10.22 43.33 37.94
C PHE B 332 -10.77 43.10 39.35
N SER B 333 -10.67 41.88 39.85
CA SER B 333 -11.31 41.53 41.12
C SER B 333 -10.51 41.97 42.33
N GLN B 334 -9.19 41.87 42.28
CA GLN B 334 -8.35 42.12 43.46
C GLN B 334 -7.15 42.99 43.11
N GLU B 574 -3.15 49.41 46.60
CA GLU B 574 -2.93 49.51 45.16
C GLU B 574 -2.74 48.14 44.55
N LEU B 575 -3.31 47.12 45.18
CA LEU B 575 -3.16 45.75 44.68
C LEU B 575 -3.83 45.59 43.33
N TYR B 576 -4.93 46.29 43.09
CA TYR B 576 -5.62 46.18 41.81
C TYR B 576 -4.74 46.65 40.65
N LYS B 577 -3.78 47.53 40.92
CA LYS B 577 -2.87 48.07 39.90
C LYS B 577 -1.50 47.40 39.93
N GLY B 578 -0.81 47.47 41.08
CA GLY B 578 0.59 47.13 41.12
C GLY B 578 0.88 45.66 40.85
N ARG B 579 0.08 44.77 41.43
CA ARG B 579 0.31 43.35 41.24
C ARG B 579 0.20 42.98 39.77
N ALA B 580 -0.85 43.44 39.10
CA ALA B 580 -1.02 43.15 37.68
C ALA B 580 0.12 43.75 36.86
N ALA B 581 0.50 44.99 37.16
CA ALA B 581 1.57 45.62 36.41
C ALA B 581 2.86 44.84 36.56
N ALA B 582 3.20 44.45 37.79
CA ALA B 582 4.45 43.74 38.02
C ALA B 582 4.45 42.38 37.36
N ILE B 583 3.33 41.66 37.42
CA ILE B 583 3.26 40.35 36.79
C ILE B 583 3.44 40.47 35.29
N ASP B 584 2.74 41.43 34.67
CA ASP B 584 2.86 41.60 33.23
C ASP B 584 4.29 41.97 32.86
N ARG B 585 4.92 42.85 33.64
CA ARG B 585 6.30 43.23 33.35
C ARG B 585 7.23 42.03 33.49
N TRP B 586 7.00 41.19 34.50
CA TRP B 586 7.85 40.01 34.67
C TRP B 586 7.71 39.04 33.50
N SER B 587 6.48 38.78 33.06
CA SER B 587 6.27 37.70 32.09
C SER B 587 7.21 37.83 30.90
N ARG B 588 7.36 39.05 30.39
CA ARG B 588 8.09 39.28 29.14
C ARG B 588 9.51 38.79 29.21
N ILE B 589 10.10 38.66 30.41
CA ILE B 589 11.43 38.11 30.59
C ILE B 589 11.38 36.71 31.19
N VAL B 590 10.38 36.43 32.02
CA VAL B 590 10.29 35.14 32.69
C VAL B 590 10.09 34.02 31.67
N PHE B 591 9.10 34.18 30.79
CA PHE B 591 8.83 33.10 29.84
C PHE B 591 9.99 32.85 28.90
N PRO B 592 10.58 33.86 28.25
CA PRO B 592 11.76 33.57 27.42
C PRO B 592 12.86 32.86 28.17
N PHE B 593 13.14 33.28 29.40
CA PHE B 593 14.20 32.64 30.18
C PHE B 593 13.86 31.18 30.47
N THR B 594 12.64 30.92 30.94
CA THR B 594 12.27 29.56 31.28
C THR B 594 12.26 28.65 30.06
N PHE B 595 11.74 29.15 28.93
CA PHE B 595 11.72 28.34 27.73
C PHE B 595 13.12 28.06 27.23
N SER B 596 14.02 29.05 27.30
CA SER B 596 15.41 28.80 26.91
C SER B 596 16.04 27.75 27.79
N LEU B 597 15.79 27.82 29.10
CA LEU B 597 16.33 26.81 30.01
C LEU B 597 15.81 25.42 29.64
N PHE B 598 14.50 25.32 29.40
CA PHE B 598 13.91 24.04 29.04
C PHE B 598 14.49 23.51 27.74
N ASN B 599 14.64 24.37 26.73
CA ASN B 599 15.15 23.92 25.45
C ASN B 599 16.59 23.43 25.57
N LEU B 600 17.42 24.19 26.29
CA LEU B 600 18.80 23.78 26.50
C LEU B 600 18.87 22.44 27.22
N VAL B 601 18.06 22.29 28.27
CA VAL B 601 18.07 21.05 29.04
C VAL B 601 17.66 19.87 28.15
N TYR B 602 16.61 20.06 27.35
CA TYR B 602 16.13 19.01 26.47
C TYR B 602 17.20 18.58 25.47
N TRP B 603 17.77 19.55 24.75
CA TRP B 603 18.72 19.19 23.72
C TRP B 603 19.98 18.57 24.31
N LEU B 604 20.47 19.06 25.45
CA LEU B 604 21.64 18.42 26.04
C LEU B 604 21.29 17.08 26.68
N TYR B 605 20.03 16.88 27.04
CA TYR B 605 19.60 15.57 27.55
C TYR B 605 19.61 14.53 26.44
N TYR B 606 19.24 14.92 25.23
CA TYR B 606 19.22 13.98 24.10
C TYR B 606 20.42 14.07 23.18
N VAL B 607 21.42 14.88 23.49
CA VAL B 607 22.66 14.93 22.70
C VAL B 607 23.88 14.58 23.53
N ASN B 608 24.05 15.23 24.69
CA ASN B 608 25.24 15.03 25.50
C ASN B 608 25.17 13.82 26.41
N SER B 609 23.99 13.23 26.57
CA SER B 609 23.83 12.08 27.45
C SER B 609 22.56 11.30 27.11
N PRO C 31 8.00 -26.73 -49.25
CA PRO C 31 6.80 -25.92 -49.05
C PRO C 31 6.22 -26.04 -47.64
N GLY C 32 5.26 -25.19 -47.33
CA GLY C 32 4.71 -25.13 -45.98
C GLY C 32 3.62 -26.13 -45.70
N ASN C 33 3.80 -27.38 -46.14
CA ASN C 33 2.85 -28.43 -45.80
C ASN C 33 2.86 -28.68 -44.30
N MET C 34 1.68 -28.93 -43.74
CA MET C 34 1.54 -28.99 -42.29
C MET C 34 2.49 -30.01 -41.67
N SER C 35 2.45 -31.24 -42.19
CA SER C 35 3.32 -32.29 -41.65
C SER C 35 4.79 -31.97 -41.87
N PHE C 36 5.13 -31.39 -43.03
CA PHE C 36 6.52 -31.04 -43.29
C PHE C 36 7.03 -30.02 -42.28
N VAL C 37 6.22 -28.99 -41.99
CA VAL C 37 6.62 -28.00 -41.00
C VAL C 37 6.76 -28.65 -39.64
N LYS C 38 5.79 -29.50 -39.27
CA LYS C 38 5.86 -30.18 -37.98
C LYS C 38 7.16 -30.95 -37.83
N GLU C 39 7.49 -31.78 -38.82
CA GLU C 39 8.67 -32.61 -38.70
C GLU C 39 9.95 -31.78 -38.78
N THR C 40 9.94 -30.70 -39.56
CA THR C 40 11.12 -29.83 -39.59
C THR C 40 11.38 -29.21 -38.22
N VAL C 41 10.32 -28.72 -37.57
CA VAL C 41 10.50 -28.11 -36.25
C VAL C 41 10.93 -29.17 -35.24
N ASP C 42 10.34 -30.36 -35.31
CA ASP C 42 10.76 -31.44 -34.41
C ASP C 42 12.24 -31.75 -34.61
N LYS C 43 12.68 -31.81 -35.86
CA LYS C 43 14.08 -32.06 -36.14
C LYS C 43 14.96 -30.95 -35.56
N LEU C 44 14.52 -29.70 -35.65
CA LEU C 44 15.28 -28.61 -35.06
C LEU C 44 15.42 -28.81 -33.56
N LEU C 45 14.32 -29.13 -32.87
CA LEU C 45 14.38 -29.26 -31.42
C LEU C 45 14.89 -30.61 -30.96
N LYS C 46 14.89 -31.63 -31.82
CA LYS C 46 15.36 -32.94 -31.44
C LYS C 46 16.85 -32.87 -31.11
N GLY C 47 17.20 -33.13 -29.85
CA GLY C 47 18.57 -33.02 -29.40
C GLY C 47 19.01 -31.62 -29.04
N TYR C 48 18.13 -30.63 -29.18
CA TYR C 48 18.48 -29.26 -28.84
C TYR C 48 18.71 -29.13 -27.34
N ASP C 49 19.74 -28.38 -26.96
CA ASP C 49 20.17 -28.27 -25.57
C ASP C 49 19.87 -26.86 -25.06
N ILE C 50 19.17 -26.80 -23.93
CA ILE C 50 18.79 -25.51 -23.35
C ILE C 50 19.94 -24.88 -22.59
N ARG C 51 20.78 -25.70 -21.95
CA ARG C 51 21.77 -25.17 -21.01
C ARG C 51 22.91 -24.43 -21.67
N LEU C 52 23.10 -24.59 -22.97
CA LEU C 52 24.24 -24.01 -23.67
C LEU C 52 23.75 -22.91 -24.61
N ARG C 53 24.34 -21.73 -24.50
CA ARG C 53 23.96 -20.62 -25.35
C ARG C 53 24.50 -20.80 -26.76
N PRO C 54 23.92 -20.10 -27.74
CA PRO C 54 24.32 -20.31 -29.13
C PRO C 54 25.81 -20.12 -29.33
N ASP C 55 26.40 -20.97 -30.17
CA ASP C 55 27.83 -20.91 -30.45
C ASP C 55 28.64 -20.96 -29.16
N PHE C 56 28.25 -21.84 -28.24
CA PHE C 56 28.93 -21.95 -26.96
C PHE C 56 30.42 -22.17 -27.17
N GLY C 57 31.23 -21.45 -26.41
CA GLY C 57 32.66 -21.56 -26.52
C GLY C 57 33.25 -20.70 -27.61
N GLY C 58 32.40 -20.28 -28.55
CA GLY C 58 32.82 -19.43 -29.64
C GLY C 58 32.62 -17.97 -29.33
N PRO C 59 32.47 -17.14 -30.36
CA PRO C 59 32.29 -15.71 -30.14
C PRO C 59 30.94 -15.42 -29.49
N PRO C 60 30.79 -14.26 -28.86
CA PRO C 60 29.55 -13.99 -28.10
C PRO C 60 28.31 -14.00 -28.98
N VAL C 61 27.16 -14.04 -28.30
CA VAL C 61 25.88 -13.91 -28.96
C VAL C 61 25.55 -12.42 -29.03
N CYS C 62 25.40 -11.88 -30.24
CA CYS C 62 25.07 -10.47 -30.41
C CYS C 62 23.55 -10.33 -30.35
N VAL C 63 23.04 -9.99 -29.17
CA VAL C 63 21.61 -9.88 -28.95
C VAL C 63 21.18 -8.45 -29.24
N GLY C 64 20.39 -8.27 -30.28
CA GLY C 64 19.89 -6.95 -30.63
C GLY C 64 18.67 -6.61 -29.82
N MET C 65 18.58 -5.39 -29.35
CA MET C 65 17.55 -4.95 -28.43
C MET C 65 16.63 -3.95 -29.11
N ASN C 66 15.35 -4.01 -28.76
CA ASN C 66 14.34 -3.14 -29.35
C ASN C 66 13.20 -2.99 -28.36
N ILE C 67 12.66 -1.78 -28.25
CA ILE C 67 11.59 -1.49 -27.29
C ILE C 67 10.53 -0.66 -27.97
N ASP C 68 9.29 -0.82 -27.54
CA ASP C 68 8.16 -0.02 -28.01
C ASP C 68 7.36 0.42 -26.79
N ILE C 69 7.58 1.66 -26.35
CA ILE C 69 6.98 2.14 -25.11
C ILE C 69 5.48 2.24 -25.30
N ALA C 70 4.72 1.63 -24.39
CA ALA C 70 3.27 1.73 -24.42
C ALA C 70 2.74 2.82 -23.50
N SER C 71 3.35 2.99 -22.33
CA SER C 71 2.86 3.99 -21.38
C SER C 71 3.82 4.10 -20.21
N ILE C 72 4.11 5.32 -19.79
CA ILE C 72 4.72 5.58 -18.49
C ILE C 72 3.58 5.85 -17.52
N ASP C 73 3.21 4.82 -16.75
CA ASP C 73 1.96 4.88 -16.00
C ASP C 73 1.98 5.97 -14.93
N MET C 74 3.09 6.12 -14.21
CA MET C 74 3.12 7.10 -13.14
C MET C 74 4.56 7.46 -12.81
N VAL C 75 4.72 8.61 -12.17
CA VAL C 75 5.98 9.07 -11.61
C VAL C 75 5.69 9.54 -10.19
N SER C 76 6.54 9.13 -9.25
CA SER C 76 6.22 9.33 -7.83
C SER C 76 7.45 9.81 -7.09
N GLU C 77 7.34 10.99 -6.47
CA GLU C 77 8.40 11.47 -5.58
C GLU C 77 8.35 10.75 -4.23
N VAL C 78 7.15 10.48 -3.73
CA VAL C 78 7.03 9.82 -2.44
C VAL C 78 7.65 8.44 -2.47
N ASN C 79 7.52 7.72 -3.59
CA ASN C 79 8.12 6.41 -3.74
C ASN C 79 9.42 6.44 -4.54
N MET C 80 9.81 7.61 -5.06
CA MET C 80 11.08 7.75 -5.77
C MET C 80 11.20 6.72 -6.88
N ASP C 81 10.15 6.59 -7.68
CA ASP C 81 10.15 5.62 -8.76
C ASP C 81 9.10 6.00 -9.79
N TYR C 82 9.14 5.32 -10.93
CA TYR C 82 8.15 5.47 -11.99
C TYR C 82 7.82 4.11 -12.54
N THR C 83 6.61 3.99 -13.08
CA THR C 83 6.11 2.74 -13.63
C THR C 83 5.99 2.85 -15.14
N LEU C 84 6.40 1.80 -15.83
CA LEU C 84 6.49 1.84 -17.29
C LEU C 84 5.98 0.53 -17.88
N THR C 85 5.12 0.63 -18.88
CA THR C 85 4.59 -0.51 -19.61
C THR C 85 5.14 -0.47 -21.03
N MET C 86 5.57 -1.61 -21.54
CA MET C 86 6.31 -1.61 -22.80
C MET C 86 6.25 -2.98 -23.47
N TYR C 87 6.54 -2.98 -24.76
CA TYR C 87 6.83 -4.18 -25.52
C TYR C 87 8.34 -4.29 -25.66
N PHE C 88 8.91 -5.42 -25.28
CA PHE C 88 10.35 -5.60 -25.21
C PHE C 88 10.76 -6.73 -26.14
N GLN C 89 11.60 -6.41 -27.12
CA GLN C 89 11.98 -7.35 -28.17
C GLN C 89 13.48 -7.62 -28.14
N GLN C 90 13.88 -8.82 -28.56
CA GLN C 90 15.27 -9.23 -28.62
C GLN C 90 15.50 -10.09 -29.84
N TYR C 91 16.65 -9.90 -30.50
CA TYR C 91 16.98 -10.62 -31.72
C TYR C 91 18.34 -11.28 -31.59
N TRP C 92 18.46 -12.51 -32.07
CA TRP C 92 19.72 -13.20 -32.17
C TRP C 92 19.58 -14.32 -33.19
N ARG C 93 20.72 -14.80 -33.68
CA ARG C 93 20.75 -15.98 -34.54
C ARG C 93 21.30 -17.15 -33.75
N ASP C 94 20.55 -18.24 -33.70
CA ASP C 94 21.02 -19.51 -33.13
C ASP C 94 21.17 -20.49 -34.28
N LYS C 95 22.41 -20.80 -34.64
CA LYS C 95 22.64 -21.62 -35.82
C LYS C 95 21.92 -22.95 -35.72
N ARG C 96 21.63 -23.42 -34.51
CA ARG C 96 20.95 -24.70 -34.32
C ARG C 96 19.53 -24.67 -34.83
N LEU C 97 18.96 -23.49 -35.09
CA LEU C 97 17.58 -23.35 -35.52
C LEU C 97 17.45 -23.00 -36.99
N ALA C 98 18.55 -23.04 -37.75
CA ALA C 98 18.46 -22.79 -39.18
C ALA C 98 17.70 -23.91 -39.86
N TYR C 99 16.83 -23.54 -40.80
CA TYR C 99 16.01 -24.51 -41.51
C TYR C 99 15.84 -24.07 -42.96
N SER C 100 15.59 -25.05 -43.82
CA SER C 100 15.49 -24.82 -45.25
C SER C 100 14.30 -25.59 -45.80
N GLY C 101 13.87 -25.21 -46.99
CA GLY C 101 12.68 -25.76 -47.59
C GLY C 101 11.40 -25.09 -47.16
N ILE C 102 11.48 -24.10 -46.28
CA ILE C 102 10.33 -23.36 -45.80
C ILE C 102 10.61 -21.88 -46.01
N PRO C 103 9.82 -21.16 -46.82
CA PRO C 103 10.08 -19.73 -47.01
C PRO C 103 9.55 -18.84 -45.91
N LEU C 104 8.66 -19.34 -45.07
CA LEU C 104 8.02 -18.51 -44.06
C LEU C 104 8.98 -18.17 -42.92
N ASN C 105 8.81 -16.98 -42.36
CA ASN C 105 9.35 -16.66 -41.04
C ASN C 105 8.36 -17.24 -40.03
N LEU C 106 8.57 -18.50 -39.65
CA LEU C 106 7.59 -19.22 -38.85
C LEU C 106 7.31 -18.51 -37.54
N THR C 107 6.04 -18.45 -37.17
CA THR C 107 5.60 -17.98 -35.86
C THR C 107 5.04 -19.17 -35.08
N LEU C 108 5.55 -19.37 -33.86
CA LEU C 108 5.23 -20.54 -33.07
C LEU C 108 4.53 -20.11 -31.79
N ASP C 109 3.77 -21.05 -31.21
CA ASP C 109 3.11 -20.81 -29.93
C ASP C 109 4.16 -20.43 -28.89
N ASN C 110 3.83 -19.43 -28.08
CA ASN C 110 4.84 -18.83 -27.21
C ASN C 110 5.48 -19.82 -26.26
N ARG C 111 4.82 -20.95 -25.99
CA ARG C 111 5.37 -21.90 -25.03
C ARG C 111 6.66 -22.53 -25.51
N VAL C 112 7.01 -22.35 -26.78
CA VAL C 112 8.32 -22.79 -27.26
C VAL C 112 9.42 -22.08 -26.50
N ALA C 113 9.13 -20.92 -25.91
CA ALA C 113 10.15 -20.19 -25.16
C ALA C 113 10.74 -21.04 -24.05
N ASP C 114 9.94 -21.88 -23.41
CA ASP C 114 10.46 -22.74 -22.35
C ASP C 114 11.29 -23.88 -22.90
N GLN C 115 11.27 -24.11 -24.22
CA GLN C 115 12.02 -25.20 -24.83
C GLN C 115 13.30 -24.72 -25.51
N LEU C 116 13.39 -23.43 -25.82
CA LEU C 116 14.55 -22.86 -26.49
C LEU C 116 15.46 -22.15 -25.50
N TRP C 117 16.63 -21.78 -25.98
CA TRP C 117 17.50 -20.89 -25.21
C TRP C 117 17.09 -19.44 -25.43
N VAL C 118 16.85 -18.73 -24.33
CA VAL C 118 16.53 -17.30 -24.40
C VAL C 118 17.39 -16.56 -23.40
N PRO C 119 17.76 -15.32 -23.74
CA PRO C 119 18.76 -14.61 -22.94
C PRO C 119 18.25 -14.27 -21.56
N ASP C 120 19.20 -14.03 -20.65
CA ASP C 120 18.91 -13.78 -19.24
C ASP C 120 18.82 -12.29 -18.95
N THR C 121 18.40 -11.51 -19.94
CA THR C 121 18.32 -10.06 -19.78
C THR C 121 17.37 -9.70 -18.65
N TYR C 122 17.74 -8.70 -17.86
CA TYR C 122 16.90 -8.20 -16.77
C TYR C 122 17.23 -6.74 -16.55
N PHE C 123 16.34 -6.05 -15.85
CA PHE C 123 16.48 -4.62 -15.60
C PHE C 123 17.07 -4.39 -14.22
N LEU C 124 18.22 -3.71 -14.18
CA LEU C 124 18.93 -3.56 -12.92
C LEU C 124 18.09 -2.84 -11.88
N ASN C 125 17.54 -1.68 -12.24
CA ASN C 125 16.96 -0.77 -11.28
C ASN C 125 15.45 -0.89 -11.16
N ASP C 126 14.88 -2.01 -11.62
CA ASP C 126 13.47 -2.23 -11.40
C ASP C 126 13.20 -2.60 -9.95
N LYS C 127 12.07 -2.14 -9.44
CA LYS C 127 11.64 -2.49 -8.09
C LYS C 127 10.69 -3.68 -8.10
N LYS C 128 9.81 -3.74 -9.09
CA LYS C 128 8.94 -4.88 -9.30
C LYS C 128 8.46 -4.86 -10.74
N SER C 129 8.38 -6.03 -11.34
CA SER C 129 8.02 -6.15 -12.74
C SER C 129 7.32 -7.48 -12.96
N PHE C 130 6.55 -7.57 -14.04
CA PHE C 130 5.86 -8.80 -14.35
C PHE C 130 5.49 -8.82 -15.83
N VAL C 131 5.65 -9.99 -16.44
CA VAL C 131 5.21 -10.19 -17.81
C VAL C 131 3.70 -10.41 -17.80
N HIS C 132 2.99 -9.67 -18.64
CA HIS C 132 1.54 -9.69 -18.60
C HIS C 132 1.02 -11.07 -18.96
N GLY C 133 0.05 -11.56 -18.19
CA GLY C 133 -0.43 -12.92 -18.35
C GLY C 133 -1.87 -13.03 -18.78
N VAL C 134 -2.45 -11.93 -19.27
CA VAL C 134 -3.86 -11.95 -19.66
C VAL C 134 -4.06 -12.92 -20.82
N THR C 135 -5.11 -13.73 -20.72
CA THR C 135 -5.40 -14.78 -21.70
C THR C 135 -4.28 -15.81 -21.67
N VAL C 136 -3.13 -15.47 -22.22
CA VAL C 136 -1.94 -16.32 -22.16
C VAL C 136 -0.73 -15.42 -22.10
N LYS C 137 0.33 -15.90 -21.45
CA LYS C 137 1.47 -15.05 -21.17
C LYS C 137 1.93 -14.34 -22.44
N ASN C 138 2.13 -13.02 -22.31
CA ASN C 138 2.45 -12.18 -23.45
C ASN C 138 3.91 -12.36 -23.87
N ARG C 139 4.18 -13.44 -24.61
CA ARG C 139 5.49 -13.68 -25.19
C ARG C 139 5.32 -13.94 -26.68
N MET C 140 6.40 -13.72 -27.42
CA MET C 140 6.42 -13.93 -28.86
C MET C 140 7.73 -14.61 -29.24
N ILE C 141 7.63 -15.62 -30.09
CA ILE C 141 8.79 -16.23 -30.73
C ILE C 141 8.46 -16.44 -32.20
N ARG C 142 9.31 -15.92 -33.08
CA ARG C 142 9.17 -16.10 -34.52
C ARG C 142 10.52 -16.49 -35.09
N LEU C 143 10.57 -17.65 -35.76
CA LEU C 143 11.79 -18.13 -36.35
C LEU C 143 11.91 -17.65 -37.80
N HIS C 144 13.15 -17.61 -38.28
CA HIS C 144 13.46 -17.22 -39.64
C HIS C 144 14.35 -18.27 -40.27
N PRO C 145 14.30 -18.43 -41.60
CA PRO C 145 15.10 -19.50 -42.22
C PRO C 145 16.57 -19.44 -41.88
N ASP C 146 17.14 -18.26 -41.74
CA ASP C 146 18.54 -18.13 -41.40
C ASP C 146 18.82 -18.37 -39.92
N GLY C 147 17.82 -18.82 -39.16
CA GLY C 147 17.99 -19.12 -37.76
C GLY C 147 17.72 -17.98 -36.81
N THR C 148 17.44 -16.79 -37.31
CA THR C 148 17.21 -15.65 -36.43
C THR C 148 15.95 -15.88 -35.60
N VAL C 149 16.01 -15.49 -34.33
CA VAL C 149 14.88 -15.61 -33.42
C VAL C 149 14.49 -14.22 -32.95
N LEU C 150 13.21 -13.90 -33.09
CA LEU C 150 12.63 -12.67 -32.56
C LEU C 150 11.85 -13.01 -31.31
N TYR C 151 12.42 -12.72 -30.15
CA TYR C 151 11.80 -13.02 -28.87
C TYR C 151 11.31 -11.73 -28.24
N GLY C 152 10.01 -11.61 -28.08
CA GLY C 152 9.42 -10.38 -27.57
C GLY C 152 8.33 -10.67 -26.57
N LEU C 153 8.17 -9.75 -25.62
CA LEU C 153 7.21 -9.93 -24.55
C LEU C 153 6.83 -8.58 -23.97
N ARG C 154 5.61 -8.50 -23.44
CA ARG C 154 5.06 -7.25 -22.93
C ARG C 154 5.22 -7.20 -21.42
N ILE C 155 5.75 -6.10 -20.91
CA ILE C 155 6.21 -6.00 -19.53
C ILE C 155 5.70 -4.71 -18.91
N THR C 156 5.32 -4.78 -17.65
CA THR C 156 5.10 -3.61 -16.81
C THR C 156 6.14 -3.62 -15.71
N THR C 157 6.90 -2.52 -15.61
CA THR C 157 8.01 -2.47 -14.68
C THR C 157 7.98 -1.18 -13.89
N THR C 158 8.20 -1.30 -12.58
CA THR C 158 8.37 -0.15 -11.70
C THR C 158 9.87 0.04 -11.47
N ALA C 159 10.39 1.19 -11.87
CA ALA C 159 11.82 1.43 -11.89
C ALA C 159 12.19 2.49 -10.87
N ALA C 160 13.26 2.26 -10.13
CA ALA C 160 13.70 3.21 -9.12
C ALA C 160 14.38 4.40 -9.77
N CYS C 161 13.95 5.60 -9.37
CA CYS C 161 14.63 6.82 -9.78
C CYS C 161 14.50 7.89 -8.70
N MET C 162 15.48 7.98 -7.81
CA MET C 162 15.43 9.03 -6.80
C MET C 162 15.82 10.36 -7.43
N MET C 163 15.21 11.43 -6.95
CA MET C 163 15.11 12.68 -7.70
C MET C 163 15.78 13.81 -6.93
N ASP C 164 16.13 14.87 -7.67
CA ASP C 164 16.68 16.10 -7.09
C ASP C 164 15.53 17.08 -6.88
N LEU C 165 14.91 17.00 -5.70
CA LEU C 165 13.75 17.81 -5.39
C LEU C 165 14.10 19.21 -4.93
N ARG C 166 15.38 19.60 -4.94
CA ARG C 166 15.77 20.88 -4.37
C ARG C 166 15.09 22.06 -5.09
N ARG C 167 14.74 21.88 -6.36
CA ARG C 167 14.04 22.90 -7.12
C ARG C 167 12.57 22.57 -7.31
N TYR C 168 11.95 21.96 -6.30
CA TYR C 168 10.74 21.15 -6.46
C TYR C 168 9.76 21.63 -7.54
N PRO C 169 9.15 22.82 -7.42
CA PRO C 169 8.16 23.21 -8.44
C PRO C 169 8.76 23.57 -9.78
N LEU C 170 10.07 23.80 -9.85
CA LEU C 170 10.74 24.21 -11.08
C LEU C 170 11.75 23.18 -11.55
N ASP C 171 11.69 21.96 -11.03
CA ASP C 171 12.75 21.00 -11.17
C ASP C 171 12.69 20.26 -12.51
N GLU C 172 13.77 19.56 -12.81
CA GLU C 172 13.91 18.72 -14.01
C GLU C 172 14.65 17.46 -13.60
N GLN C 173 14.14 16.30 -14.01
CA GLN C 173 14.66 15.02 -13.54
C GLN C 173 15.15 14.16 -14.70
N ASN C 174 16.16 13.36 -14.42
CA ASN C 174 16.66 12.32 -15.32
C ASN C 174 16.36 10.96 -14.69
N CYS C 175 15.57 10.15 -15.39
CA CYS C 175 15.25 8.80 -14.93
C CYS C 175 15.54 7.82 -16.06
N THR C 176 16.01 6.63 -15.69
CA THR C 176 16.54 5.69 -16.65
C THR C 176 16.03 4.29 -16.37
N LEU C 177 16.08 3.45 -17.40
CA LEU C 177 15.84 2.02 -17.30
C LEU C 177 17.13 1.30 -17.71
N GLU C 178 17.70 0.55 -16.78
CA GLU C 178 18.99 -0.10 -16.97
C GLU C 178 18.75 -1.57 -17.30
N ILE C 179 19.44 -2.06 -18.32
CA ILE C 179 19.23 -3.40 -18.85
C ILE C 179 20.57 -4.11 -18.90
N GLU C 180 20.63 -5.31 -18.30
CA GLU C 180 21.84 -6.11 -18.31
C GLU C 180 21.50 -7.58 -18.40
N SER C 181 22.50 -8.37 -18.80
CA SER C 181 22.42 -9.82 -18.71
C SER C 181 22.90 -10.27 -17.34
N TYR C 182 22.09 -11.07 -16.65
CA TYR C 182 22.42 -11.41 -15.27
C TYR C 182 23.62 -12.34 -15.19
N GLY C 183 23.65 -13.38 -16.02
CA GLY C 183 24.63 -14.43 -15.88
C GLY C 183 25.76 -14.38 -16.89
N TYR C 184 25.44 -14.07 -18.14
CA TYR C 184 26.42 -14.13 -19.21
C TYR C 184 27.20 -12.82 -19.28
N THR C 185 28.53 -12.91 -19.21
CA THR C 185 29.37 -11.74 -19.26
C THR C 185 29.64 -11.34 -20.70
N THR C 186 30.50 -10.33 -20.89
CA THR C 186 30.89 -9.93 -22.23
C THR C 186 31.65 -11.02 -22.97
N ASP C 187 32.14 -12.03 -22.26
CA ASP C 187 32.74 -13.16 -22.94
C ASP C 187 31.72 -14.02 -23.67
N ASP C 188 30.43 -13.85 -23.36
CA ASP C 188 29.41 -14.73 -23.90
C ASP C 188 28.32 -13.97 -24.65
N ILE C 189 27.95 -12.78 -24.17
CA ILE C 189 26.86 -12.01 -24.75
C ILE C 189 27.32 -10.58 -25.01
N GLU C 190 26.83 -10.00 -26.10
CA GLU C 190 27.00 -8.60 -26.39
C GLU C 190 25.63 -8.00 -26.68
N PHE C 191 25.42 -6.77 -26.22
CA PHE C 191 24.19 -6.05 -26.46
C PHE C 191 24.41 -4.89 -27.41
N TYR C 192 23.40 -4.60 -28.21
CA TYR C 192 23.38 -3.41 -29.06
C TYR C 192 21.93 -3.06 -29.35
N TRP C 193 21.66 -1.78 -29.54
CA TRP C 193 20.33 -1.33 -29.91
C TRP C 193 20.10 -1.62 -31.38
N ARG C 194 19.10 -2.44 -31.69
CA ARG C 194 18.83 -2.79 -33.09
C ARG C 194 18.13 -1.61 -33.73
N GLY C 195 18.84 -0.93 -34.63
CA GLY C 195 18.39 0.33 -35.19
C GLY C 195 19.12 1.54 -34.65
N GLY C 196 20.02 1.36 -33.69
CA GLY C 196 20.76 2.50 -33.16
C GLY C 196 19.84 3.46 -32.43
N ASP C 197 19.92 4.73 -32.82
CA ASP C 197 19.14 5.78 -32.18
C ASP C 197 17.64 5.64 -32.41
N LYS C 198 17.23 4.77 -33.33
CA LYS C 198 15.83 4.58 -33.66
C LYS C 198 15.20 3.41 -32.90
N ALA C 199 15.95 2.80 -31.98
CA ALA C 199 15.56 1.50 -31.44
C ALA C 199 14.39 1.57 -30.47
N VAL C 200 14.13 2.73 -29.87
CA VAL C 200 13.04 2.90 -28.93
C VAL C 200 11.99 3.81 -29.56
N THR C 201 10.73 3.41 -29.45
CA THR C 201 9.63 4.16 -30.06
C THR C 201 8.50 4.27 -29.06
N GLY C 202 7.56 5.17 -29.36
CA GLY C 202 6.41 5.41 -28.53
C GLY C 202 6.62 6.48 -27.47
N VAL C 203 7.87 6.84 -27.17
CA VAL C 203 8.14 7.88 -26.19
C VAL C 203 7.71 9.23 -26.73
N GLU C 204 7.64 9.38 -28.05
CA GLU C 204 7.20 10.63 -28.66
C GLU C 204 5.72 10.89 -28.44
N ARG C 205 4.95 9.89 -27.99
CA ARG C 205 3.53 10.05 -27.72
C ARG C 205 3.21 10.02 -26.23
N ILE C 206 4.22 10.12 -25.37
CA ILE C 206 3.99 10.05 -23.93
C ILE C 206 3.78 11.46 -23.39
N GLU C 207 2.64 11.68 -22.75
CA GLU C 207 2.34 12.93 -22.07
C GLU C 207 1.91 12.60 -20.64
N LEU C 208 2.40 13.40 -19.70
CA LEU C 208 2.17 13.14 -18.29
C LEU C 208 1.52 14.34 -17.61
N PRO C 209 0.71 14.13 -16.57
CA PRO C 209 0.13 15.28 -15.87
C PRO C 209 1.17 16.19 -15.25
N GLN C 210 2.24 15.62 -14.67
CA GLN C 210 3.21 16.40 -13.93
C GLN C 210 4.45 16.75 -14.72
N PHE C 211 4.77 15.98 -15.77
CA PHE C 211 6.04 16.12 -16.47
C PHE C 211 5.81 16.11 -17.97
N SER C 212 6.86 16.45 -18.70
CA SER C 212 6.90 16.29 -20.15
C SER C 212 8.29 15.80 -20.53
N ILE C 213 8.34 14.80 -21.42
CA ILE C 213 9.61 14.19 -21.80
C ILE C 213 10.31 15.10 -22.79
N VAL C 214 11.23 15.93 -22.28
CA VAL C 214 11.96 16.83 -23.16
C VAL C 214 12.84 16.06 -24.12
N GLU C 215 13.45 14.98 -23.65
CA GLU C 215 14.47 14.27 -24.43
C GLU C 215 14.65 12.87 -23.89
N HIS C 216 15.03 11.95 -24.77
CA HIS C 216 15.40 10.59 -24.37
C HIS C 216 16.64 10.18 -25.13
N ARG C 217 17.55 9.49 -24.43
CA ARG C 217 18.85 9.16 -25.00
C ARG C 217 19.20 7.70 -24.70
N LEU C 218 19.83 7.04 -25.67
CA LEU C 218 20.12 5.62 -25.62
C LEU C 218 21.62 5.42 -25.44
N VAL C 219 22.00 4.50 -24.57
CA VAL C 219 23.40 4.29 -24.24
C VAL C 219 23.71 2.79 -24.27
N SER C 220 24.97 2.48 -24.58
CA SER C 220 25.49 1.12 -24.54
C SER C 220 26.87 1.17 -23.91
N ARG C 221 27.14 0.26 -22.97
CA ARG C 221 28.41 0.27 -22.26
C ARG C 221 28.61 -1.06 -21.56
N ASN C 222 29.84 -1.31 -21.15
CA ASN C 222 30.21 -2.52 -20.42
C ASN C 222 30.43 -2.18 -18.95
N VAL C 223 29.82 -2.96 -18.08
CA VAL C 223 29.88 -2.76 -16.63
C VAL C 223 30.64 -3.93 -16.03
N VAL C 224 31.64 -3.64 -15.20
CA VAL C 224 32.55 -4.65 -14.70
C VAL C 224 32.32 -4.84 -13.20
N PHE C 225 32.07 -6.07 -12.80
CA PHE C 225 32.03 -6.51 -11.41
C PHE C 225 33.26 -7.36 -11.13
N ALA C 226 33.26 -7.99 -9.95
CA ALA C 226 34.30 -8.98 -9.64
C ALA C 226 34.15 -10.24 -10.49
N THR C 227 32.92 -10.60 -10.83
CA THR C 227 32.69 -11.81 -11.61
C THR C 227 32.96 -11.63 -13.10
N GLY C 228 33.14 -10.40 -13.57
CA GLY C 228 33.45 -10.16 -14.97
C GLY C 228 32.75 -8.95 -15.53
N ALA C 229 32.96 -8.68 -16.81
CA ALA C 229 32.40 -7.51 -17.47
C ALA C 229 31.05 -7.88 -18.09
N TYR C 230 30.00 -7.19 -17.66
CA TYR C 230 28.67 -7.51 -18.12
C TYR C 230 28.14 -6.43 -19.06
N PRO C 231 27.55 -6.80 -20.19
CA PRO C 231 27.04 -5.78 -21.10
C PRO C 231 25.85 -5.06 -20.50
N ARG C 232 25.68 -3.79 -20.88
CA ARG C 232 24.51 -3.02 -20.45
C ARG C 232 23.98 -2.18 -21.60
N LEU C 233 22.66 -2.07 -21.65
CA LEU C 233 21.96 -1.04 -22.40
C LEU C 233 21.08 -0.26 -21.44
N SER C 234 20.96 1.04 -21.67
CA SER C 234 20.19 1.89 -20.76
C SER C 234 19.45 2.96 -21.53
N LEU C 235 18.22 3.22 -21.09
CA LEU C 235 17.34 4.22 -21.68
C LEU C 235 17.06 5.28 -20.63
N SER C 236 17.16 6.56 -21.03
CA SER C 236 17.07 7.68 -20.10
C SER C 236 16.10 8.72 -20.62
N PHE C 237 15.38 9.36 -19.71
CA PHE C 237 14.40 10.38 -20.05
C PHE C 237 14.71 11.66 -19.29
N ARG C 238 14.53 12.81 -19.94
CA ARG C 238 14.67 14.11 -19.29
C ARG C 238 13.29 14.60 -18.92
N LEU C 239 12.89 14.37 -17.67
CA LEU C 239 11.58 14.75 -17.19
C LEU C 239 11.63 16.20 -16.71
N LYS C 240 11.08 17.11 -17.51
CA LYS C 240 10.90 18.49 -17.07
C LYS C 240 9.51 18.65 -16.49
N ARG C 241 9.44 19.23 -15.30
CA ARG C 241 8.17 19.37 -14.60
C ARG C 241 7.36 20.53 -15.15
N ASN C 242 6.04 20.37 -15.14
CA ASN C 242 5.13 21.43 -15.53
C ASN C 242 4.75 22.24 -14.30
N ILE C 243 4.96 23.56 -14.37
CA ILE C 243 4.75 24.42 -13.22
C ILE C 243 3.27 24.67 -12.97
N GLY C 244 2.42 24.34 -13.95
CA GLY C 244 1.02 24.73 -13.85
C GLY C 244 0.35 24.25 -12.59
N TYR C 245 0.58 22.99 -12.21
CA TYR C 245 -0.15 22.43 -11.07
C TYR C 245 0.08 23.23 -9.81
N PHE C 246 1.34 23.57 -9.51
CA PHE C 246 1.65 24.15 -8.21
C PHE C 246 1.21 25.60 -8.12
N ILE C 247 1.15 26.32 -9.24
CA ILE C 247 0.53 27.64 -9.23
C ILE C 247 -0.91 27.54 -8.73
N LEU C 248 -1.62 26.51 -9.20
CA LEU C 248 -3.03 26.38 -8.88
C LEU C 248 -3.24 26.01 -7.42
N GLN C 249 -2.51 25.01 -6.93
CA GLN C 249 -2.79 24.44 -5.63
C GLN C 249 -2.00 25.07 -4.48
N THR C 250 -0.85 25.69 -4.76
CA THR C 250 -0.01 26.19 -3.68
C THR C 250 0.17 27.70 -3.72
N TYR C 251 0.65 28.23 -4.85
CA TYR C 251 1.02 29.64 -4.88
C TYR C 251 -0.20 30.55 -4.81
N MET C 252 -1.29 30.20 -5.47
CA MET C 252 -2.48 31.03 -5.37
C MET C 252 -3.00 31.12 -3.94
N PRO C 253 -3.24 30.01 -3.23
CA PRO C 253 -3.69 30.13 -1.84
C PRO C 253 -2.73 30.91 -0.96
N SER C 254 -1.44 30.59 -1.04
CA SER C 254 -0.47 31.25 -0.18
C SER C 254 -0.39 32.74 -0.46
N ILE C 255 -0.42 33.13 -1.74
CA ILE C 255 -0.36 34.54 -2.07
C ILE C 255 -1.59 35.26 -1.55
N LEU C 256 -2.77 34.69 -1.79
CA LEU C 256 -3.99 35.37 -1.36
C LEU C 256 -4.06 35.48 0.16
N ILE C 257 -3.61 34.45 0.89
CA ILE C 257 -3.66 34.52 2.33
C ILE C 257 -2.56 35.43 2.87
N THR C 258 -1.46 35.58 2.11
CA THR C 258 -0.43 36.52 2.52
C THR C 258 -0.92 37.95 2.42
N ILE C 259 -1.51 38.31 1.28
CA ILE C 259 -1.99 39.69 1.13
C ILE C 259 -3.17 39.95 2.03
N LEU C 260 -3.98 38.92 2.33
CA LEU C 260 -5.06 39.07 3.30
C LEU C 260 -4.52 39.56 4.64
N SER C 261 -3.30 39.15 4.99
CA SER C 261 -2.72 39.57 6.26
C SER C 261 -2.46 41.07 6.30
N TRP C 262 -2.13 41.68 5.15
CA TRP C 262 -1.92 43.12 5.11
C TRP C 262 -3.21 43.91 5.32
N VAL C 263 -4.37 43.24 5.30
CA VAL C 263 -5.62 43.94 5.59
C VAL C 263 -5.62 44.50 7.00
N SER C 264 -4.76 43.98 7.89
CA SER C 264 -4.72 44.50 9.25
C SER C 264 -4.44 46.00 9.25
N PHE C 265 -3.49 46.45 8.42
CA PHE C 265 -3.17 47.87 8.39
C PHE C 265 -4.35 48.72 7.94
N TRP C 266 -5.30 48.13 7.21
CA TRP C 266 -6.54 48.80 6.87
C TRP C 266 -7.58 48.70 7.97
N ILE C 267 -7.26 48.03 9.08
CA ILE C 267 -8.13 47.97 10.24
C ILE C 267 -7.56 48.88 11.32
N ASN C 268 -8.39 49.80 11.80
CA ASN C 268 -7.92 50.78 12.78
C ASN C 268 -7.59 50.12 14.10
N TYR C 269 -6.50 50.58 14.72
CA TYR C 269 -6.05 50.02 15.99
C TYR C 269 -7.00 50.32 17.14
N ASP C 270 -7.98 51.21 16.93
CA ASP C 270 -9.02 51.40 17.95
C ASP C 270 -9.77 50.10 18.20
N ALA C 271 -10.02 49.33 17.16
CA ALA C 271 -10.60 47.98 17.30
C ALA C 271 -9.48 46.98 17.59
N SER C 272 -9.06 46.95 18.85
CA SER C 272 -7.85 46.24 19.21
C SER C 272 -8.00 44.72 19.06
N ALA C 273 -9.20 44.19 19.26
CA ALA C 273 -9.38 42.74 19.32
C ALA C 273 -9.54 42.09 17.95
N ALA C 274 -9.73 42.87 16.89
CA ALA C 274 -9.99 42.28 15.58
C ALA C 274 -8.69 41.96 14.83
N ARG C 275 -7.69 42.83 14.96
CA ARG C 275 -6.45 42.64 14.22
C ARG C 275 -5.73 41.38 14.69
N VAL C 276 -5.78 41.08 15.99
CA VAL C 276 -5.18 39.84 16.49
C VAL C 276 -5.87 38.63 15.88
N ALA C 277 -7.20 38.64 15.84
CA ALA C 277 -7.91 37.53 15.21
C ALA C 277 -7.50 37.37 13.76
N LEU C 278 -7.43 38.48 13.02
CA LEU C 278 -7.04 38.42 11.62
C LEU C 278 -5.65 37.80 11.47
N GLY C 279 -4.67 38.33 12.21
CA GLY C 279 -3.31 37.85 12.06
C GLY C 279 -3.16 36.39 12.42
N ILE C 280 -3.78 35.98 13.54
CA ILE C 280 -3.62 34.60 13.96
C ILE C 280 -4.35 33.66 13.01
N THR C 281 -5.47 34.11 12.43
CA THR C 281 -6.13 33.30 11.41
C THR C 281 -5.22 33.10 10.21
N THR C 282 -4.53 34.16 9.79
CA THR C 282 -3.61 34.00 8.66
C THR C 282 -2.48 33.04 9.00
N VAL C 283 -1.94 33.11 10.22
CA VAL C 283 -0.89 32.19 10.62
C VAL C 283 -1.40 30.74 10.57
N LEU C 284 -2.60 30.52 11.13
CA LEU C 284 -3.18 29.18 11.11
C LEU C 284 -3.36 28.68 9.69
N THR C 285 -3.88 29.52 8.81
CA THR C 285 -4.10 29.12 7.43
C THR C 285 -2.78 28.80 6.74
N MET C 286 -1.74 29.59 6.99
CA MET C 286 -0.45 29.34 6.36
C MET C 286 0.11 27.99 6.78
N THR C 287 0.11 27.69 8.08
CA THR C 287 0.64 26.41 8.51
C THR C 287 -0.25 25.25 8.03
N THR C 288 -1.57 25.48 7.95
CA THR C 288 -2.46 24.46 7.42
C THR C 288 -2.12 24.15 5.96
N ILE C 289 -1.85 25.18 5.16
CA ILE C 289 -1.43 24.95 3.79
C ILE C 289 -0.11 24.19 3.76
N ASN C 290 0.83 24.56 4.63
CA ASN C 290 2.12 23.88 4.64
C ASN C 290 1.97 22.39 4.91
N THR C 291 1.13 22.02 5.90
CA THR C 291 0.99 20.61 6.23
C THR C 291 0.44 19.81 5.04
N HIS C 292 -0.39 20.42 4.20
CA HIS C 292 -0.91 19.72 3.04
C HIS C 292 0.18 19.29 2.08
N LEU C 293 1.26 20.08 1.96
CA LEU C 293 2.40 19.65 1.15
C LEU C 293 3.09 18.46 1.81
N ARG C 294 3.31 18.53 3.12
CA ARG C 294 3.92 17.43 3.85
C ARG C 294 3.07 16.17 3.75
N GLU C 295 1.78 16.32 3.43
CA GLU C 295 0.92 15.17 3.24
C GLU C 295 1.21 14.42 1.95
N THR C 296 1.92 15.06 1.00
CA THR C 296 2.08 14.51 -0.33
C THR C 296 3.54 14.43 -0.77
N LEU C 297 4.48 14.36 0.16
CA LEU C 297 5.90 14.40 -0.14
C LEU C 297 6.64 13.34 0.65
N PRO C 298 7.83 12.94 0.18
CA PRO C 298 8.70 12.14 1.03
C PRO C 298 9.24 12.96 2.19
N LYS C 299 9.52 12.27 3.29
CA LYS C 299 10.04 12.95 4.48
C LYS C 299 11.50 13.29 4.25
N ILE C 300 11.78 14.07 3.21
CA ILE C 300 13.16 14.33 2.80
C ILE C 300 13.76 15.41 3.69
N PRO C 301 15.05 15.33 4.04
CA PRO C 301 15.59 16.31 4.99
C PRO C 301 15.60 17.74 4.49
N TYR C 302 16.25 18.00 3.36
CA TYR C 302 16.65 19.36 3.01
C TYR C 302 15.45 20.23 2.66
N VAL C 303 15.67 21.54 2.74
CA VAL C 303 14.62 22.52 2.45
C VAL C 303 14.50 22.67 0.94
N LYS C 304 13.27 22.60 0.43
CA LYS C 304 12.99 22.76 -0.98
C LYS C 304 12.54 24.19 -1.27
N ALA C 305 12.63 24.58 -2.55
CA ALA C 305 12.25 25.92 -2.95
C ALA C 305 10.80 26.22 -2.58
N ILE C 306 9.91 25.23 -2.70
CA ILE C 306 8.54 25.41 -2.24
C ILE C 306 8.52 25.68 -0.73
N ASP C 307 9.33 24.94 0.03
CA ASP C 307 9.43 25.19 1.45
C ASP C 307 9.97 26.58 1.73
N MET C 308 10.95 27.03 0.93
CA MET C 308 11.48 28.37 1.12
C MET C 308 10.42 29.44 0.87
N TYR C 309 9.61 29.26 -0.18
CA TYR C 309 8.54 30.21 -0.45
C TYR C 309 7.52 30.23 0.68
N LEU C 310 7.15 29.06 1.18
CA LEU C 310 6.21 29.01 2.29
C LEU C 310 6.81 29.67 3.53
N MET C 311 8.11 29.49 3.76
CA MET C 311 8.76 30.16 4.88
C MET C 311 8.70 31.66 4.72
N GLY C 312 8.94 32.16 3.52
CA GLY C 312 8.86 33.61 3.31
C GLY C 312 7.47 34.15 3.55
N CYS C 313 6.46 33.47 3.01
CA CYS C 313 5.08 33.92 3.23
C CYS C 313 4.72 33.89 4.70
N PHE C 314 5.10 32.82 5.40
CA PHE C 314 4.83 32.73 6.82
C PHE C 314 5.55 33.81 7.59
N VAL C 315 6.78 34.16 7.18
CA VAL C 315 7.51 35.23 7.84
C VAL C 315 6.76 36.55 7.68
N PHE C 316 6.27 36.82 6.48
CA PHE C 316 5.51 38.06 6.28
C PHE C 316 4.24 38.07 7.11
N VAL C 317 3.54 36.94 7.21
CA VAL C 317 2.34 36.89 8.04
C VAL C 317 2.69 37.11 9.51
N PHE C 318 3.76 36.46 9.97
CA PHE C 318 4.19 36.59 11.36
C PHE C 318 4.56 38.03 11.68
N LEU C 319 5.27 38.69 10.77
CA LEU C 319 5.61 40.09 10.98
C LEU C 319 4.38 40.98 10.91
N ALA C 320 3.38 40.60 10.10
CA ALA C 320 2.14 41.36 10.09
C ALA C 320 1.45 41.33 11.44
N LEU C 321 1.45 40.16 12.09
CA LEU C 321 0.87 40.07 13.43
C LEU C 321 1.73 40.79 14.46
N LEU C 322 3.04 40.60 14.38
CA LEU C 322 3.95 41.23 15.32
C LEU C 322 3.90 42.74 15.20
N GLU C 323 3.57 43.25 14.01
CA GLU C 323 3.44 44.70 13.84
C GLU C 323 2.25 45.26 14.61
N TYR C 324 1.12 44.55 14.61
CA TYR C 324 0.03 44.98 15.49
C TYR C 324 0.42 44.88 16.95
N ALA C 325 1.13 43.82 17.34
CA ALA C 325 1.55 43.74 18.74
C ALA C 325 2.42 44.93 19.11
N PHE C 326 3.36 45.29 18.23
CA PHE C 326 4.24 46.43 18.46
C PHE C 326 3.45 47.73 18.49
N VAL C 327 2.45 47.84 17.62
CA VAL C 327 1.59 49.04 17.60
C VAL C 327 0.85 49.16 18.93
N ASN C 328 0.33 48.05 19.45
CA ASN C 328 -0.41 48.13 20.71
C ASN C 328 0.53 48.43 21.87
N TYR C 329 1.78 47.95 21.82
CA TYR C 329 2.76 48.39 22.81
C TYR C 329 2.96 49.89 22.75
N ILE C 330 3.22 50.43 21.56
CA ILE C 330 3.52 51.86 21.44
C ILE C 330 2.31 52.71 21.80
N PHE C 331 1.11 52.21 21.51
CA PHE C 331 -0.12 52.96 21.74
C PHE C 331 -0.36 53.22 23.21
N PHE C 332 0.19 52.39 24.10
CA PHE C 332 -0.01 52.53 25.53
C PHE C 332 1.27 52.86 26.29
N SER C 333 2.42 52.57 25.73
CA SER C 333 3.69 52.84 26.39
C SER C 333 3.87 54.33 26.65
N LEU C 575 0.00 61.98 21.09
CA LEU C 575 1.13 61.77 20.21
C LEU C 575 1.25 60.31 19.81
N TYR C 576 0.91 59.42 20.75
CA TYR C 576 1.08 58.00 20.50
C TYR C 576 0.05 57.47 19.50
N LYS C 577 -1.14 58.07 19.46
CA LYS C 577 -2.07 57.76 18.37
C LYS C 577 -1.45 58.13 17.03
N GLY C 578 -0.79 59.28 16.97
CA GLY C 578 -0.09 59.67 15.75
C GLY C 578 1.00 58.68 15.39
N ARG C 579 1.75 58.22 16.39
CA ARG C 579 2.79 57.23 16.12
C ARG C 579 2.19 55.94 15.57
N ALA C 580 1.08 55.48 16.17
CA ALA C 580 0.45 54.26 15.70
C ALA C 580 -0.04 54.42 14.27
N ALA C 581 -0.67 55.54 13.97
CA ALA C 581 -1.16 55.76 12.60
C ALA C 581 -0.01 55.86 11.61
N ALA C 582 1.08 56.53 11.99
CA ALA C 582 2.23 56.64 11.11
C ALA C 582 2.84 55.27 10.86
N ILE C 583 2.93 54.43 11.90
CA ILE C 583 3.46 53.08 11.70
C ILE C 583 2.53 52.29 10.79
N ASP C 584 1.21 52.46 10.94
CA ASP C 584 0.28 51.75 10.07
C ASP C 584 0.47 52.16 8.62
N ARG C 585 0.61 53.46 8.35
CA ARG C 585 0.82 53.91 6.98
C ARG C 585 2.16 53.41 6.43
N TRP C 586 3.21 53.50 7.25
CA TRP C 586 4.53 53.06 6.84
C TRP C 586 4.53 51.57 6.52
N SER C 587 3.83 50.77 7.31
CA SER C 587 3.67 49.35 6.99
C SER C 587 2.84 49.18 5.73
N ARG C 588 1.74 49.93 5.59
CA ARG C 588 0.91 49.83 4.40
C ARG C 588 1.73 50.01 3.14
N ILE C 589 2.74 50.87 3.19
CA ILE C 589 3.64 51.04 2.05
C ILE C 589 4.69 49.95 1.99
N VAL C 590 5.36 49.66 3.12
CA VAL C 590 6.59 48.88 3.08
C VAL C 590 6.32 47.39 2.92
N PHE C 591 5.27 46.86 3.56
CA PHE C 591 4.98 45.44 3.40
C PHE C 591 4.82 45.06 1.94
N PRO C 592 4.01 45.77 1.13
CA PRO C 592 4.02 45.49 -0.31
C PRO C 592 5.38 45.64 -0.94
N PHE C 593 6.16 46.66 -0.56
CA PHE C 593 7.47 46.86 -1.15
C PHE C 593 8.43 45.73 -0.80
N THR C 594 8.46 45.36 0.48
CA THR C 594 9.35 44.27 0.89
C THR C 594 8.93 42.95 0.25
N PHE C 595 7.62 42.71 0.13
CA PHE C 595 7.17 41.49 -0.52
C PHE C 595 7.51 41.50 -2.01
N SER C 596 7.44 42.67 -2.63
CA SER C 596 7.85 42.78 -4.03
C SER C 596 9.33 42.45 -4.19
N LEU C 597 10.17 42.97 -3.30
CA LEU C 597 11.59 42.66 -3.37
C LEU C 597 11.82 41.17 -3.17
N PHE C 598 11.11 40.58 -2.21
CA PHE C 598 11.22 39.14 -1.97
C PHE C 598 10.85 38.35 -3.22
N ASN C 599 9.72 38.70 -3.84
CA ASN C 599 9.27 37.97 -5.03
C ASN C 599 10.29 38.13 -6.16
N LEU C 600 10.78 39.34 -6.38
CA LEU C 600 11.78 39.58 -7.42
C LEU C 600 13.00 38.69 -7.20
N VAL C 601 13.56 38.73 -5.99
CA VAL C 601 14.78 37.96 -5.73
C VAL C 601 14.49 36.47 -5.88
N TYR C 602 13.35 36.01 -5.34
CA TYR C 602 13.03 34.59 -5.38
C TYR C 602 12.94 34.07 -6.80
N TRP C 603 12.14 34.73 -7.64
CA TRP C 603 11.95 34.23 -9.00
C TRP C 603 13.22 34.40 -9.83
N LEU C 604 13.91 35.53 -9.71
CA LEU C 604 15.16 35.68 -10.45
C LEU C 604 16.17 34.60 -10.06
N TYR C 605 16.28 34.32 -8.76
CA TYR C 605 17.26 33.35 -8.29
C TYR C 605 16.91 31.95 -8.77
N TYR C 606 15.65 31.54 -8.60
CA TYR C 606 15.27 30.17 -8.96
C TYR C 606 14.99 29.99 -10.44
N VAL C 607 15.03 31.06 -11.24
CA VAL C 607 14.95 30.89 -12.69
C VAL C 607 16.33 30.96 -13.33
N ASN C 608 17.17 31.91 -12.88
CA ASN C 608 18.46 32.10 -13.51
C ASN C 608 19.53 31.15 -13.01
N SER C 609 19.39 30.63 -11.79
CA SER C 609 20.39 29.70 -11.25
C SER C 609 20.54 28.49 -12.15
N ASN D 327 -24.11 -46.63 -23.91
CA ASN D 327 -23.36 -47.32 -22.87
C ASN D 327 -21.86 -47.06 -23.00
N ASP D 328 -21.37 -47.09 -24.24
CA ASP D 328 -19.95 -46.93 -24.51
C ASP D 328 -19.57 -45.47 -24.75
N ASN D 329 -20.49 -44.53 -24.58
CA ASN D 329 -20.19 -43.13 -24.87
C ASN D 329 -19.05 -42.62 -23.99
N ILE D 330 -18.78 -43.30 -22.88
CA ILE D 330 -17.76 -42.83 -21.94
C ILE D 330 -16.35 -43.26 -22.36
N THR D 331 -16.23 -44.20 -23.30
CA THR D 331 -14.94 -44.70 -23.77
C THR D 331 -14.74 -44.57 -25.28
N ILE D 332 -15.82 -44.62 -26.05
CA ILE D 332 -15.71 -44.35 -27.47
C ILE D 332 -15.07 -43.00 -27.70
N PHE D 333 -15.46 -42.01 -26.89
CA PHE D 333 -14.87 -40.69 -27.04
C PHE D 333 -13.48 -40.59 -26.43
N THR D 334 -13.13 -41.43 -25.48
CA THR D 334 -11.72 -41.52 -25.10
C THR D 334 -10.89 -41.94 -26.30
N ARG D 335 -11.32 -42.99 -26.99
CA ARG D 335 -10.58 -43.42 -28.18
C ARG D 335 -10.58 -42.37 -29.28
N ILE D 336 -11.72 -41.72 -29.53
CA ILE D 336 -11.77 -40.67 -30.54
C ILE D 336 -10.79 -39.56 -30.19
N LEU D 337 -10.86 -39.06 -28.96
CA LEU D 337 -10.05 -37.92 -28.58
C LEU D 337 -8.57 -38.25 -28.59
N ASP D 338 -8.20 -39.47 -28.17
CA ASP D 338 -6.81 -39.87 -28.30
C ASP D 338 -6.40 -40.07 -29.76
N GLY D 339 -7.36 -40.35 -30.64
CA GLY D 339 -7.07 -40.37 -32.05
C GLY D 339 -6.92 -39.00 -32.68
N LEU D 340 -7.47 -37.97 -32.04
CA LEU D 340 -7.30 -36.60 -32.52
C LEU D 340 -6.00 -35.99 -32.05
N LEU D 341 -5.56 -36.31 -30.84
CA LEU D 341 -4.40 -35.64 -30.24
C LEU D 341 -3.08 -36.33 -30.55
N ASP D 342 -3.09 -37.49 -31.20
CA ASP D 342 -1.84 -38.07 -31.67
C ASP D 342 -1.52 -37.55 -33.06
N GLY D 343 -0.23 -37.28 -33.29
CA GLY D 343 0.18 -36.56 -34.48
C GLY D 343 -0.16 -35.09 -34.44
N TYR D 344 -0.77 -34.60 -33.36
CA TYR D 344 -1.10 -33.20 -33.22
C TYR D 344 0.09 -32.42 -32.70
N ASP D 345 0.13 -31.14 -33.04
CA ASP D 345 1.22 -30.26 -32.60
C ASP D 345 0.63 -28.88 -32.35
N ASN D 346 0.54 -28.50 -31.08
CA ASN D 346 -0.07 -27.22 -30.73
C ASN D 346 0.86 -26.03 -30.96
N ARG D 347 2.13 -26.28 -31.27
CA ARG D 347 3.05 -25.17 -31.56
C ARG D 347 2.72 -24.47 -32.85
N LEU D 348 2.00 -25.14 -33.76
CA LEU D 348 1.71 -24.61 -35.09
C LEU D 348 0.24 -24.24 -35.16
N ARG D 349 -0.03 -23.00 -35.56
CA ARG D 349 -1.41 -22.56 -35.73
C ARG D 349 -2.08 -23.34 -36.85
N PRO D 350 -3.39 -23.55 -36.76
CA PRO D 350 -4.07 -24.34 -37.80
C PRO D 350 -3.93 -23.69 -39.16
N GLY D 351 -3.81 -24.52 -40.19
CA GLY D 351 -3.67 -23.99 -41.53
C GLY D 351 -2.52 -23.03 -41.67
N LEU D 352 -1.36 -23.39 -41.10
CA LEU D 352 -0.24 -22.46 -41.04
C LEU D 352 0.12 -21.90 -42.42
N GLY D 353 0.25 -22.78 -43.41
CA GLY D 353 0.68 -22.36 -44.72
C GLY D 353 -0.43 -22.12 -45.72
N GLU D 354 -1.54 -22.83 -45.56
CA GLU D 354 -2.54 -22.87 -46.63
C GLU D 354 -3.51 -21.69 -46.58
N ARG D 355 -3.83 -21.19 -45.39
CA ARG D 355 -4.98 -20.31 -45.25
C ARG D 355 -4.81 -19.42 -44.03
N ILE D 356 -5.60 -18.36 -44.00
CA ILE D 356 -5.61 -17.43 -42.87
C ILE D 356 -6.48 -18.01 -41.76
N THR D 357 -6.14 -17.71 -40.52
CA THR D 357 -6.89 -18.19 -39.36
C THR D 357 -7.81 -17.07 -38.88
N GLN D 358 -9.10 -17.20 -39.19
CA GLN D 358 -10.08 -16.18 -38.85
C GLN D 358 -10.69 -16.53 -37.50
N VAL D 359 -10.41 -15.71 -36.48
CA VAL D 359 -10.86 -15.97 -35.11
C VAL D 359 -12.12 -15.16 -34.88
N ARG D 360 -13.27 -15.83 -34.95
CA ARG D 360 -14.53 -15.19 -34.58
C ARG D 360 -14.56 -14.98 -33.08
N THR D 361 -14.97 -13.80 -32.65
CA THR D 361 -14.89 -13.46 -31.23
C THR D 361 -16.03 -12.54 -30.86
N ASP D 362 -16.31 -12.50 -29.56
CA ASP D 362 -17.28 -11.56 -29.00
C ASP D 362 -17.02 -11.46 -27.50
N ILE D 363 -17.78 -10.61 -26.85
CA ILE D 363 -17.59 -10.25 -25.45
C ILE D 363 -18.94 -10.19 -24.76
N TYR D 364 -18.95 -10.46 -23.46
CA TYR D 364 -20.13 -10.30 -22.61
C TYR D 364 -19.69 -9.67 -21.30
N VAL D 365 -19.93 -8.37 -21.15
CA VAL D 365 -19.50 -7.64 -19.97
C VAL D 365 -20.48 -7.95 -18.84
N THR D 366 -20.11 -8.89 -17.98
CA THR D 366 -21.02 -9.29 -16.90
C THR D 366 -21.19 -8.20 -15.86
N SER D 367 -20.19 -7.32 -15.71
CA SER D 367 -20.31 -6.17 -14.83
C SER D 367 -19.26 -5.14 -15.23
N PHE D 368 -19.61 -3.87 -15.10
CA PHE D 368 -18.78 -2.78 -15.58
C PHE D 368 -18.39 -1.89 -14.40
N GLY D 369 -17.16 -1.38 -14.43
CA GLY D 369 -16.69 -0.47 -13.43
C GLY D 369 -15.92 -1.18 -12.34
N PRO D 370 -15.40 -0.43 -11.36
CA PRO D 370 -15.48 1.03 -11.20
C PRO D 370 -14.50 1.78 -12.09
N VAL D 371 -14.62 3.10 -12.18
CA VAL D 371 -13.65 3.94 -12.88
C VAL D 371 -12.86 4.72 -11.83
N SER D 372 -11.54 4.66 -11.93
CA SER D 372 -10.65 5.33 -10.98
C SER D 372 -9.95 6.47 -11.72
N ASP D 373 -10.62 7.62 -11.77
CA ASP D 373 -10.06 8.76 -12.50
C ASP D 373 -8.80 9.28 -11.85
N THR D 374 -8.63 9.09 -10.54
CA THR D 374 -7.38 9.45 -9.89
C THR D 374 -6.21 8.63 -10.42
N GLU D 375 -6.49 7.50 -11.08
CA GLU D 375 -5.46 6.68 -11.70
C GLU D 375 -5.65 6.54 -13.19
N MET D 376 -6.80 6.99 -13.73
CA MET D 376 -7.13 6.98 -15.15
C MET D 376 -7.40 5.58 -15.69
N GLU D 377 -7.69 4.62 -14.83
CA GLU D 377 -8.02 3.27 -15.23
C GLU D 377 -9.47 2.96 -14.92
N TYR D 378 -10.01 1.95 -15.60
CA TYR D 378 -11.34 1.45 -15.29
C TYR D 378 -11.31 -0.07 -15.38
N THR D 379 -12.01 -0.73 -14.45
CA THR D 379 -11.98 -2.18 -14.33
C THR D 379 -13.27 -2.76 -14.89
N ILE D 380 -13.15 -3.81 -15.69
CA ILE D 380 -14.29 -4.42 -16.35
C ILE D 380 -14.21 -5.94 -16.18
N ASP D 381 -15.35 -6.56 -15.91
CA ASP D 381 -15.48 -8.00 -15.75
C ASP D 381 -16.22 -8.54 -16.96
N VAL D 382 -15.75 -9.67 -17.50
CA VAL D 382 -16.13 -10.06 -18.85
C VAL D 382 -15.95 -11.57 -19.04
N PHE D 383 -16.88 -12.17 -19.78
CA PHE D 383 -16.64 -13.44 -20.45
C PHE D 383 -16.14 -13.16 -21.84
N PHE D 384 -14.94 -13.63 -22.17
CA PHE D 384 -14.31 -13.35 -23.45
C PHE D 384 -14.31 -14.61 -24.30
N ARG D 385 -15.00 -14.55 -25.44
CA ARG D 385 -15.34 -15.74 -26.22
C ARG D 385 -14.65 -15.70 -27.57
N GLN D 386 -14.17 -16.86 -28.01
CA GLN D 386 -13.39 -16.98 -29.24
C GLN D 386 -13.79 -18.26 -29.95
N SER D 387 -13.58 -18.31 -31.26
CA SER D 387 -13.98 -19.46 -32.04
C SER D 387 -13.17 -19.50 -33.34
N TRP D 388 -12.86 -20.70 -33.80
CA TRP D 388 -12.12 -20.88 -35.04
C TRP D 388 -12.23 -22.33 -35.47
N LYS D 389 -11.76 -22.64 -36.67
CA LYS D 389 -11.69 -24.00 -37.17
C LYS D 389 -10.26 -24.49 -37.12
N ASP D 390 -10.05 -25.61 -36.44
CA ASP D 390 -8.81 -26.38 -36.52
C ASP D 390 -9.17 -27.67 -37.24
N GLU D 391 -8.83 -27.74 -38.52
CA GLU D 391 -9.22 -28.90 -39.32
C GLU D 391 -8.67 -30.20 -38.75
N ARG D 392 -7.62 -30.13 -37.96
CA ARG D 392 -7.04 -31.34 -37.37
C ARG D 392 -7.98 -32.00 -36.38
N LEU D 393 -8.92 -31.25 -35.80
CA LEU D 393 -9.83 -31.75 -34.78
C LEU D 393 -11.16 -32.19 -35.35
N ARG D 394 -11.34 -32.14 -36.66
CA ARG D 394 -12.56 -32.64 -37.27
C ARG D 394 -12.69 -34.14 -37.00
N PHE D 395 -13.87 -34.56 -36.55
CA PHE D 395 -14.07 -35.92 -36.08
C PHE D 395 -15.48 -36.39 -36.41
N LYS D 396 -15.67 -37.69 -36.33
CA LYS D 396 -16.97 -38.32 -36.46
C LYS D 396 -17.24 -39.16 -35.22
N GLY D 397 -18.51 -39.26 -34.83
CA GLY D 397 -18.89 -40.01 -33.66
C GLY D 397 -20.38 -39.97 -33.43
N PRO D 398 -20.84 -40.61 -32.34
CA PRO D 398 -22.28 -40.63 -32.05
C PRO D 398 -22.84 -39.32 -31.54
N MET D 399 -21.99 -38.39 -31.10
CA MET D 399 -22.42 -37.10 -30.58
C MET D 399 -21.67 -36.01 -31.34
N GLN D 400 -22.38 -34.95 -31.71
CA GLN D 400 -21.89 -33.99 -32.69
C GLN D 400 -21.22 -32.75 -32.09
N ARG D 401 -21.09 -32.66 -30.77
CA ARG D 401 -20.18 -31.71 -30.17
C ARG D 401 -19.83 -32.17 -28.76
N LEU D 402 -18.68 -31.73 -28.28
CA LEU D 402 -18.09 -32.26 -27.06
C LEU D 402 -17.73 -31.14 -26.09
N PRO D 403 -18.39 -31.03 -24.94
CA PRO D 403 -17.85 -30.17 -23.87
C PRO D 403 -16.78 -30.91 -23.09
N LEU D 404 -15.56 -30.35 -23.09
CA LEU D 404 -14.39 -31.08 -22.63
C LEU D 404 -13.69 -30.30 -21.51
N ASN D 405 -12.93 -31.04 -20.72
CA ASN D 405 -12.25 -30.46 -19.58
C ASN D 405 -11.20 -29.44 -20.03
N ASN D 406 -10.98 -28.43 -19.19
CA ASN D 406 -10.06 -27.36 -19.53
C ASN D 406 -8.61 -27.84 -19.59
N LEU D 407 -8.28 -28.94 -18.91
CA LEU D 407 -6.94 -29.49 -19.05
C LEU D 407 -6.65 -29.89 -20.48
N LEU D 408 -7.69 -30.06 -21.30
CA LEU D 408 -7.50 -30.28 -22.73
C LEU D 408 -7.13 -28.99 -23.45
N ALA D 409 -7.58 -27.85 -22.95
CA ALA D 409 -7.28 -26.59 -23.62
C ALA D 409 -5.79 -26.32 -23.72
N SER D 410 -4.99 -26.87 -22.80
CA SER D 410 -3.54 -26.66 -22.87
C SER D 410 -2.92 -27.47 -23.99
N LYS D 411 -3.58 -28.54 -24.43
CA LYS D 411 -3.06 -29.40 -25.48
C LYS D 411 -3.47 -28.95 -26.86
N ILE D 412 -4.57 -28.22 -26.98
CA ILE D 412 -5.05 -27.71 -28.25
C ILE D 412 -4.47 -26.32 -28.48
N TRP D 413 -4.34 -25.94 -29.75
CA TRP D 413 -3.86 -24.60 -30.06
C TRP D 413 -4.97 -23.58 -29.85
N THR D 414 -4.67 -22.55 -29.06
CA THR D 414 -5.60 -21.47 -28.82
C THR D 414 -4.91 -20.13 -29.04
N PRO D 415 -5.63 -19.13 -29.55
CA PRO D 415 -4.96 -17.89 -29.95
C PRO D 415 -4.39 -17.16 -28.76
N ASP D 416 -3.43 -16.28 -29.05
CA ASP D 416 -2.67 -15.59 -28.02
C ASP D 416 -3.23 -14.19 -27.75
N THR D 417 -4.54 -14.03 -27.92
CA THR D 417 -5.17 -12.72 -27.82
C THR D 417 -4.79 -12.02 -26.51
N PHE D 418 -4.50 -10.74 -26.61
CA PHE D 418 -4.14 -9.90 -25.46
C PHE D 418 -4.76 -8.53 -25.65
N PHE D 419 -4.79 -7.75 -24.57
CA PHE D 419 -5.40 -6.44 -24.56
C PHE D 419 -4.33 -5.37 -24.59
N HIS D 420 -4.35 -4.53 -25.63
CA HIS D 420 -3.29 -3.53 -25.80
C HIS D 420 -3.29 -2.53 -24.66
N ASN D 421 -4.47 -2.10 -24.22
CA ASN D 421 -4.59 -1.03 -23.23
C ASN D 421 -4.87 -1.54 -21.82
N GLY D 422 -4.81 -2.85 -21.60
CA GLY D 422 -4.93 -3.36 -20.25
C GLY D 422 -3.64 -3.16 -19.47
N LYS D 423 -3.76 -3.04 -18.16
CA LYS D 423 -2.61 -2.83 -17.29
C LYS D 423 -2.51 -3.84 -16.15
N LYS D 424 -3.61 -4.46 -15.76
CA LYS D 424 -3.58 -5.55 -14.79
C LYS D 424 -4.88 -6.33 -14.92
N SER D 425 -4.77 -7.65 -15.08
CA SER D 425 -5.94 -8.46 -15.36
C SER D 425 -5.87 -9.77 -14.59
N ILE D 426 -7.03 -10.35 -14.36
CA ILE D 426 -7.17 -11.61 -13.62
C ILE D 426 -7.94 -12.57 -14.50
N ALA D 427 -7.38 -13.77 -14.69
CA ALA D 427 -8.13 -14.88 -15.27
C ALA D 427 -8.59 -15.78 -14.13
N HIS D 428 -9.87 -15.72 -13.81
CA HIS D 428 -10.33 -16.27 -12.54
C HIS D 428 -10.13 -17.77 -12.51
N ASN D 429 -9.82 -18.29 -11.32
CA ASN D 429 -9.26 -19.62 -11.18
C ASN D 429 -9.85 -20.38 -10.00
N MET D 430 -11.08 -20.07 -9.61
CA MET D 430 -11.62 -20.56 -8.35
C MET D 430 -12.24 -21.96 -8.51
N THR D 431 -11.62 -22.93 -7.86
CA THR D 431 -12.03 -24.33 -7.86
C THR D 431 -11.71 -25.02 -9.19
N THR D 432 -11.38 -24.22 -10.20
CA THR D 432 -10.95 -24.65 -11.53
C THR D 432 -10.61 -23.40 -12.30
N PRO D 433 -9.76 -23.50 -13.33
CA PRO D 433 -9.62 -22.36 -14.24
C PRO D 433 -10.95 -22.08 -14.92
N ASN D 434 -11.39 -20.82 -14.85
CA ASN D 434 -12.67 -20.43 -15.44
C ASN D 434 -12.53 -20.37 -16.95
N LYS D 435 -12.58 -21.53 -17.57
CA LYS D 435 -12.47 -21.66 -19.01
C LYS D 435 -13.51 -22.66 -19.51
N LEU D 436 -13.98 -22.42 -20.73
CA LEU D 436 -14.96 -23.28 -21.38
C LEU D 436 -14.41 -23.67 -22.75
N LEU D 437 -14.36 -24.97 -23.02
CA LEU D 437 -13.86 -25.47 -24.29
C LEU D 437 -14.84 -26.49 -24.85
N ARG D 438 -15.31 -26.24 -26.07
CA ARG D 438 -16.18 -27.18 -26.76
C ARG D 438 -15.70 -27.36 -28.19
N LEU D 439 -15.90 -28.55 -28.73
CA LEU D 439 -15.41 -28.93 -30.05
C LEU D 439 -16.56 -29.51 -30.85
N GLU D 440 -16.85 -28.91 -32.00
CA GLU D 440 -17.87 -29.45 -32.89
C GLU D 440 -17.26 -30.56 -33.75
N ASP D 441 -18.13 -31.37 -34.35
CA ASP D 441 -17.65 -32.42 -35.25
C ASP D 441 -17.04 -31.82 -36.50
N ASP D 442 -17.36 -30.56 -36.82
CA ASP D 442 -16.77 -29.90 -37.97
C ASP D 442 -15.32 -29.48 -37.72
N GLY D 443 -14.83 -29.63 -36.49
CA GLY D 443 -13.54 -29.10 -36.12
C GLY D 443 -13.58 -27.71 -35.54
N THR D 444 -14.73 -27.04 -35.60
CA THR D 444 -14.83 -25.70 -35.04
C THR D 444 -14.68 -25.75 -33.53
N LEU D 445 -13.87 -24.86 -32.99
CA LEU D 445 -13.69 -24.75 -31.55
C LEU D 445 -14.43 -23.54 -31.03
N LEU D 446 -15.00 -23.69 -29.83
CA LEU D 446 -15.51 -22.55 -29.07
C LEU D 446 -14.77 -22.52 -27.75
N TYR D 447 -14.19 -21.37 -27.43
CA TYR D 447 -13.32 -21.23 -26.27
C TYR D 447 -13.69 -19.95 -25.56
N THR D 448 -13.87 -20.03 -24.25
CA THR D 448 -14.39 -18.92 -23.47
C THR D 448 -13.72 -18.91 -22.10
N MET D 449 -13.64 -17.73 -21.50
CA MET D 449 -13.00 -17.60 -20.21
C MET D 449 -13.45 -16.31 -19.54
N ARG D 450 -13.56 -16.35 -18.22
CA ARG D 450 -13.98 -15.19 -17.44
C ARG D 450 -12.75 -14.39 -17.07
N LEU D 451 -12.76 -13.10 -17.41
CA LEU D 451 -11.62 -12.22 -17.21
C LEU D 451 -12.06 -10.95 -16.48
N THR D 452 -11.17 -10.41 -15.67
CA THR D 452 -11.30 -9.07 -15.11
C THR D 452 -10.09 -8.25 -15.54
N ILE D 453 -10.34 -7.14 -16.22
CA ILE D 453 -9.27 -6.35 -16.83
C ILE D 453 -9.31 -4.95 -16.26
N SER D 454 -8.16 -4.46 -15.83
CA SER D 454 -7.98 -3.05 -15.49
C SER D 454 -7.26 -2.37 -16.63
N ALA D 455 -7.92 -1.39 -17.25
CA ALA D 455 -7.47 -0.86 -18.52
C ALA D 455 -7.39 0.65 -18.48
N GLU D 456 -6.46 1.20 -19.24
CA GLU D 456 -6.29 2.64 -19.33
C GLU D 456 -7.49 3.27 -20.03
N CYS D 457 -7.87 4.48 -19.59
CA CYS D 457 -8.91 5.26 -20.24
C CYS D 457 -8.36 6.67 -20.48
N PRO D 458 -8.40 7.18 -21.71
CA PRO D 458 -7.81 8.52 -21.98
C PRO D 458 -8.80 9.66 -21.72
N MET D 459 -8.96 10.01 -20.45
CA MET D 459 -9.88 11.09 -20.10
C MET D 459 -9.24 12.45 -20.36
N GLN D 460 -10.10 13.42 -20.66
CA GLN D 460 -9.72 14.83 -20.66
C GLN D 460 -10.55 15.55 -19.61
N LEU D 461 -9.87 16.18 -18.65
CA LEU D 461 -10.51 16.70 -17.44
C LEU D 461 -10.58 18.21 -17.40
N GLU D 462 -10.51 18.88 -18.55
CA GLU D 462 -10.64 20.34 -18.55
C GLU D 462 -12.02 20.78 -18.12
N ASP D 463 -13.04 19.94 -18.37
CA ASP D 463 -14.42 20.25 -18.03
C ASP D 463 -14.95 19.43 -16.87
N PHE D 464 -14.13 19.21 -15.84
CA PHE D 464 -14.37 18.13 -14.89
C PHE D 464 -15.81 17.85 -14.45
N PRO D 465 -16.50 18.76 -13.75
CA PRO D 465 -17.75 18.34 -13.12
C PRO D 465 -18.78 17.83 -14.11
N MET D 466 -18.66 18.20 -15.38
CA MET D 466 -19.55 17.77 -16.44
C MET D 466 -18.77 17.22 -17.62
N ASP D 467 -17.80 16.36 -17.33
CA ASP D 467 -16.99 15.77 -18.38
C ASP D 467 -17.66 14.49 -18.90
N ALA D 468 -17.10 13.98 -19.99
CA ALA D 468 -17.56 12.72 -20.57
C ALA D 468 -16.34 12.00 -21.13
N HIS D 469 -16.45 10.68 -21.24
CA HIS D 469 -15.31 9.87 -21.63
C HIS D 469 -15.71 8.82 -22.64
N ALA D 470 -14.72 8.38 -23.41
CA ALA D 470 -14.79 7.18 -24.22
C ALA D 470 -13.65 6.28 -23.78
N CYS D 471 -13.96 5.28 -22.95
CA CYS D 471 -12.95 4.37 -22.45
C CYS D 471 -12.82 3.19 -23.39
N PRO D 472 -11.66 2.99 -24.04
CA PRO D 472 -11.55 1.93 -25.04
C PRO D 472 -11.12 0.60 -24.43
N LEU D 473 -11.32 -0.45 -25.23
CA LEU D 473 -10.82 -1.78 -24.91
C LEU D 473 -10.32 -2.39 -26.22
N LYS D 474 -9.00 -2.43 -26.39
CA LYS D 474 -8.38 -2.83 -27.65
C LYS D 474 -7.58 -4.10 -27.44
N PHE D 475 -7.84 -5.10 -28.27
CA PHE D 475 -7.21 -6.40 -28.11
C PHE D 475 -6.98 -7.04 -29.47
N GLY D 476 -6.01 -7.95 -29.51
CA GLY D 476 -5.67 -8.63 -30.74
C GLY D 476 -4.51 -9.58 -30.49
N SER D 477 -4.15 -10.30 -31.55
CA SER D 477 -3.09 -11.29 -31.43
C SER D 477 -1.78 -10.61 -31.04
N TYR D 478 -0.97 -11.33 -30.26
CA TYR D 478 0.30 -10.76 -29.83
C TYR D 478 1.41 -11.00 -30.83
N ALA D 479 1.58 -12.23 -31.31
CA ALA D 479 2.69 -12.58 -32.18
C ALA D 479 2.29 -12.71 -33.64
N TYR D 480 1.10 -13.23 -33.92
CA TYR D 480 0.70 -13.51 -35.30
C TYR D 480 0.17 -12.24 -35.95
N PRO D 481 0.76 -11.78 -37.05
CA PRO D 481 0.30 -10.55 -37.70
C PRO D 481 -0.92 -10.80 -38.58
N ASN D 482 -1.36 -9.72 -39.25
CA ASN D 482 -2.52 -9.80 -40.12
C ASN D 482 -2.32 -10.79 -41.26
N SER D 483 -1.09 -11.05 -41.67
CA SER D 483 -0.84 -12.02 -42.72
C SER D 483 -1.26 -13.43 -42.30
N GLU D 484 -1.40 -13.68 -41.01
CA GLU D 484 -1.62 -15.01 -40.46
C GLU D 484 -2.98 -15.16 -39.79
N VAL D 485 -3.28 -14.32 -38.81
CA VAL D 485 -4.48 -14.45 -38.01
C VAL D 485 -5.23 -13.11 -38.01
N VAL D 486 -6.54 -13.19 -38.20
CA VAL D 486 -7.40 -12.01 -38.26
C VAL D 486 -8.60 -12.26 -37.37
N TYR D 487 -9.05 -11.22 -36.68
CA TYR D 487 -10.19 -11.31 -35.78
C TYR D 487 -11.42 -10.74 -36.46
N VAL D 488 -12.58 -11.31 -36.15
CA VAL D 488 -13.86 -10.81 -36.66
C VAL D 488 -14.89 -10.93 -35.55
N TRP D 489 -15.73 -9.90 -35.41
CA TRP D 489 -16.81 -9.94 -34.45
C TRP D 489 -17.79 -11.04 -34.85
N THR D 490 -18.32 -11.77 -33.86
CA THR D 490 -19.10 -12.97 -34.19
C THR D 490 -20.35 -12.64 -34.98
N ASN D 491 -21.09 -11.62 -34.59
CA ASN D 491 -22.31 -11.21 -35.29
C ASN D 491 -22.08 -10.01 -36.19
N GLY D 492 -20.86 -9.51 -36.27
CA GLY D 492 -20.54 -8.41 -37.15
C GLY D 492 -21.01 -7.08 -36.62
N SER D 493 -22.32 -6.91 -36.49
CA SER D 493 -22.87 -5.65 -36.04
C SER D 493 -22.46 -5.37 -34.59
N THR D 494 -22.92 -4.24 -34.08
CA THR D 494 -22.61 -3.87 -32.70
C THR D 494 -23.16 -4.88 -31.70
N LYS D 495 -23.95 -5.84 -32.17
CA LYS D 495 -24.52 -6.86 -31.29
C LYS D 495 -23.54 -7.99 -31.04
N SER D 496 -22.24 -7.72 -31.19
CA SER D 496 -21.19 -8.65 -30.83
C SER D 496 -20.51 -8.30 -29.52
N VAL D 497 -20.89 -7.19 -28.88
CA VAL D 497 -20.47 -6.87 -27.52
C VAL D 497 -21.72 -6.55 -26.72
N VAL D 498 -21.83 -7.12 -25.53
CA VAL D 498 -23.03 -7.03 -24.71
C VAL D 498 -22.64 -6.66 -23.29
N VAL D 499 -23.52 -5.92 -22.63
CA VAL D 499 -23.39 -5.59 -21.22
C VAL D 499 -24.60 -6.16 -20.49
N ALA D 500 -24.35 -6.86 -19.38
CA ALA D 500 -25.44 -7.43 -18.61
C ALA D 500 -26.36 -6.32 -18.10
N GLU D 501 -27.66 -6.61 -18.06
CA GLU D 501 -28.62 -5.60 -17.65
C GLU D 501 -28.33 -5.09 -16.25
N ASP D 502 -28.00 -5.99 -15.32
CA ASP D 502 -27.71 -5.64 -13.95
C ASP D 502 -26.22 -5.48 -13.67
N GLY D 503 -25.43 -5.18 -14.70
CA GLY D 503 -23.99 -5.25 -14.55
C GLY D 503 -23.32 -3.99 -14.05
N SER D 504 -23.99 -2.84 -14.12
CA SER D 504 -23.32 -1.57 -13.85
C SER D 504 -22.90 -1.50 -12.40
N ARG D 505 -21.58 -1.53 -12.17
CA ARG D 505 -21.01 -1.24 -10.85
C ARG D 505 -20.40 0.15 -10.79
N LEU D 506 -20.88 1.07 -11.64
CA LEU D 506 -20.46 2.46 -11.61
C LEU D 506 -21.36 3.23 -10.65
N ASN D 507 -20.76 3.77 -9.59
CA ASN D 507 -21.52 4.62 -8.69
C ASN D 507 -21.43 6.08 -9.12
N GLN D 508 -20.38 6.43 -9.87
CA GLN D 508 -20.07 7.81 -10.20
C GLN D 508 -20.34 8.18 -11.65
N TYR D 509 -20.81 7.24 -12.48
CA TYR D 509 -20.93 7.47 -13.91
C TYR D 509 -22.20 6.84 -14.46
N HIS D 510 -22.58 7.31 -15.64
CA HIS D 510 -23.50 6.60 -16.53
C HIS D 510 -22.71 6.00 -17.68
N LEU D 511 -22.91 4.71 -17.93
CA LEU D 511 -22.40 4.09 -19.15
C LEU D 511 -23.43 4.36 -20.25
N MET D 512 -23.18 5.38 -21.06
CA MET D 512 -24.21 5.86 -21.96
C MET D 512 -24.38 4.98 -23.18
N GLY D 513 -23.31 4.36 -23.65
CA GLY D 513 -23.37 3.55 -24.85
C GLY D 513 -22.02 2.95 -25.15
N GLN D 514 -21.93 2.37 -26.35
CA GLN D 514 -20.72 1.69 -26.78
C GLN D 514 -20.58 1.80 -28.29
N THR D 515 -19.35 1.63 -28.75
CA THR D 515 -19.06 1.62 -30.18
C THR D 515 -18.01 0.55 -30.46
N VAL D 516 -18.23 -0.25 -31.49
CA VAL D 516 -17.44 -1.42 -31.79
C VAL D 516 -16.79 -1.23 -33.16
N GLY D 517 -15.49 -1.45 -33.23
CA GLY D 517 -14.76 -1.28 -34.49
C GLY D 517 -13.51 -2.12 -34.60
N THR D 518 -12.78 -1.97 -35.70
CA THR D 518 -11.59 -2.75 -35.98
C THR D 518 -10.54 -1.86 -36.61
N GLU D 519 -9.27 -2.27 -36.53
CA GLU D 519 -8.18 -1.45 -37.02
C GLU D 519 -7.02 -2.34 -37.46
N ASN D 520 -6.16 -1.79 -38.32
CA ASN D 520 -4.89 -2.39 -38.70
C ASN D 520 -3.79 -1.54 -38.09
N ILE D 521 -3.26 -1.98 -36.95
CA ILE D 521 -2.12 -1.29 -36.37
C ILE D 521 -0.83 -1.82 -37.00
N SER D 522 0.18 -0.97 -37.01
CA SER D 522 1.51 -1.35 -37.48
C SER D 522 2.52 -1.16 -36.37
N THR D 523 3.42 -2.12 -36.21
CA THR D 523 4.41 -2.08 -35.15
C THR D 523 5.73 -2.59 -35.70
N SER D 524 6.68 -2.83 -34.80
CA SER D 524 7.98 -3.35 -35.21
C SER D 524 7.96 -4.86 -35.32
N THR D 525 6.77 -5.44 -35.47
CA THR D 525 6.65 -6.89 -35.59
C THR D 525 5.72 -7.28 -36.74
N GLY D 526 5.15 -6.29 -37.43
CA GLY D 526 4.20 -6.52 -38.49
C GLY D 526 2.99 -5.66 -38.28
N GLU D 527 1.90 -5.97 -38.99
CA GLU D 527 0.65 -5.25 -38.85
C GLU D 527 -0.42 -6.19 -38.31
N TYR D 528 -1.04 -5.78 -37.20
CA TYR D 528 -2.02 -6.61 -36.51
C TYR D 528 -3.40 -6.06 -36.76
N THR D 529 -4.40 -6.94 -36.80
CA THR D 529 -5.79 -6.53 -36.94
C THR D 529 -6.38 -6.39 -35.54
N ILE D 530 -6.44 -5.15 -35.04
CA ILE D 530 -6.94 -4.89 -33.70
C ILE D 530 -8.46 -4.87 -33.71
N MET D 531 -9.05 -5.46 -32.68
CA MET D 531 -10.45 -5.23 -32.35
C MET D 531 -10.54 -4.13 -31.31
N THR D 532 -11.50 -3.22 -31.49
CA THR D 532 -11.65 -2.07 -30.62
C THR D 532 -13.10 -1.95 -30.16
N ALA D 533 -13.28 -1.65 -28.87
CA ALA D 533 -14.58 -1.34 -28.31
C ALA D 533 -14.45 -0.16 -27.37
N HIS D 534 -15.35 0.81 -27.52
CA HIS D 534 -15.37 2.01 -26.71
C HIS D 534 -16.63 2.05 -25.87
N PHE D 535 -16.49 2.34 -24.58
CA PHE D 535 -17.61 2.55 -23.69
C PHE D 535 -17.69 4.04 -23.35
N HIS D 536 -18.87 4.63 -23.58
CA HIS D 536 -19.04 6.07 -23.42
C HIS D 536 -19.59 6.35 -22.02
N LEU D 537 -18.87 7.17 -21.27
CA LEU D 537 -19.21 7.46 -19.87
C LEU D 537 -19.46 8.95 -19.71
N LYS D 538 -20.46 9.28 -18.89
CA LYS D 538 -20.70 10.65 -18.47
C LYS D 538 -20.85 10.67 -16.96
N ARG D 539 -20.30 11.70 -16.33
CA ARG D 539 -20.22 11.75 -14.88
C ARG D 539 -21.52 12.24 -14.26
N LYS D 540 -21.87 11.66 -13.11
CA LYS D 540 -23.06 12.08 -12.37
C LYS D 540 -22.70 13.27 -11.50
N ILE D 541 -23.39 14.40 -11.71
CA ILE D 541 -23.08 15.62 -10.98
C ILE D 541 -23.65 15.60 -9.57
N GLY D 542 -24.51 14.63 -9.24
CA GLY D 542 -25.23 14.68 -7.99
C GLY D 542 -24.32 14.78 -6.77
N TYR D 543 -23.21 14.04 -6.76
CA TYR D 543 -22.30 14.09 -5.63
C TYR D 543 -21.77 15.49 -5.41
N PHE D 544 -21.25 16.11 -6.48
CA PHE D 544 -20.53 17.36 -6.34
C PHE D 544 -21.45 18.51 -6.00
N VAL D 545 -22.71 18.48 -6.45
CA VAL D 545 -23.65 19.50 -6.02
C VAL D 545 -23.65 19.62 -4.50
N ILE D 546 -23.98 18.52 -3.82
CA ILE D 546 -24.18 18.59 -2.38
C ILE D 546 -22.85 18.64 -1.63
N GLN D 547 -21.79 18.04 -2.16
CA GLN D 547 -20.54 17.97 -1.41
C GLN D 547 -19.56 19.09 -1.70
N THR D 548 -19.68 19.77 -2.84
CA THR D 548 -18.72 20.83 -3.16
C THR D 548 -19.37 22.14 -3.55
N TYR D 549 -20.44 22.11 -4.36
CA TYR D 549 -21.04 23.38 -4.78
C TYR D 549 -21.85 24.03 -3.66
N LEU D 550 -22.61 23.23 -2.90
CA LEU D 550 -23.30 23.79 -1.74
C LEU D 550 -22.33 24.39 -0.74
N PRO D 551 -21.24 23.72 -0.38
CA PRO D 551 -20.26 24.39 0.51
C PRO D 551 -19.73 25.71 -0.02
N CYS D 552 -19.36 25.80 -1.30
CA CYS D 552 -18.86 27.07 -1.83
C CYS D 552 -19.95 28.15 -1.79
N ILE D 553 -21.14 27.81 -2.27
CA ILE D 553 -22.21 28.79 -2.31
C ILE D 553 -22.55 29.25 -0.90
N MET D 554 -22.60 28.31 0.04
CA MET D 554 -22.97 28.65 1.40
C MET D 554 -21.87 29.44 2.09
N THR D 555 -20.60 29.21 1.73
CA THR D 555 -19.54 30.05 2.26
C THR D 555 -19.62 31.46 1.71
N VAL D 556 -20.00 31.62 0.45
CA VAL D 556 -20.25 32.96 -0.07
C VAL D 556 -21.40 33.62 0.68
N ILE D 557 -22.47 32.86 0.93
CA ILE D 557 -23.60 33.42 1.69
C ILE D 557 -23.17 33.82 3.09
N LEU D 558 -22.36 32.98 3.74
CA LEU D 558 -21.88 33.30 5.08
C LEU D 558 -20.97 34.52 5.08
N SER D 559 -20.21 34.72 4.01
CA SER D 559 -19.43 35.94 3.88
C SER D 559 -20.33 37.13 3.58
N GLN D 560 -21.41 36.89 2.84
CA GLN D 560 -22.27 37.99 2.40
C GLN D 560 -23.07 38.57 3.55
N VAL D 561 -23.47 37.75 4.52
CA VAL D 561 -24.32 38.23 5.60
C VAL D 561 -23.61 39.26 6.47
N SER D 562 -22.29 39.35 6.39
CA SER D 562 -21.57 40.30 7.23
C SER D 562 -21.79 41.74 6.80
N PHE D 563 -22.43 41.96 5.64
CA PHE D 563 -22.74 43.33 5.23
C PHE D 563 -23.96 43.89 5.95
N TRP D 564 -24.72 43.06 6.66
CA TRP D 564 -25.83 43.54 7.46
C TRP D 564 -25.46 43.81 8.92
N LEU D 565 -24.24 43.48 9.32
CA LEU D 565 -23.78 43.81 10.67
C LEU D 565 -23.45 45.29 10.76
N ASN D 566 -23.77 45.88 11.91
CA ASN D 566 -23.47 47.28 12.15
C ASN D 566 -21.95 47.49 12.09
N ARG D 567 -21.54 48.58 11.44
CA ARG D 567 -20.13 48.76 11.12
C ARG D 567 -19.27 49.02 12.35
N GLU D 568 -19.87 49.30 13.50
CA GLU D 568 -19.06 49.49 14.70
C GLU D 568 -18.61 48.16 15.31
N SER D 569 -19.28 47.05 14.96
CA SER D 569 -18.86 45.73 15.43
C SER D 569 -17.67 45.18 14.66
N VAL D 570 -16.52 45.85 14.77
CA VAL D 570 -15.37 45.47 13.95
C VAL D 570 -14.95 44.02 14.19
N PRO D 571 -14.85 43.53 15.42
CA PRO D 571 -14.40 42.13 15.61
C PRO D 571 -15.27 41.12 14.89
N ALA D 572 -16.60 41.27 14.93
CA ALA D 572 -17.46 40.30 14.27
C ALA D 572 -17.38 40.43 12.75
N ARG D 573 -17.35 41.66 12.25
CA ARG D 573 -17.18 41.86 10.82
C ARG D 573 -15.89 41.22 10.33
N THR D 574 -14.83 41.31 11.13
CA THR D 574 -13.57 40.66 10.77
C THR D 574 -13.68 39.14 10.85
N VAL D 575 -14.36 38.65 11.89
CA VAL D 575 -14.47 37.21 12.09
C VAL D 575 -15.17 36.57 10.92
N PHE D 576 -16.29 37.15 10.48
CA PHE D 576 -17.02 36.58 9.35
C PHE D 576 -16.11 36.41 8.15
N GLY D 577 -15.43 37.48 7.75
CA GLY D 577 -14.59 37.43 6.58
C GLY D 577 -13.45 36.45 6.71
N VAL D 578 -12.71 36.50 7.82
CA VAL D 578 -11.54 35.64 7.93
C VAL D 578 -11.93 34.17 8.05
N THR D 579 -12.97 33.86 8.82
CA THR D 579 -13.36 32.46 8.95
C THR D 579 -13.95 31.91 7.66
N THR D 580 -14.71 32.71 6.90
CA THR D 580 -15.18 32.23 5.61
C THR D 580 -14.03 32.07 4.63
N VAL D 581 -13.00 32.92 4.72
CA VAL D 581 -11.82 32.71 3.89
C VAL D 581 -11.15 31.39 4.25
N LEU D 582 -11.04 31.10 5.55
CA LEU D 582 -10.46 29.82 5.96
C LEU D 582 -11.29 28.66 5.42
N THR D 583 -12.62 28.78 5.49
CA THR D 583 -13.49 27.75 4.94
C THR D 583 -13.20 27.54 3.46
N MET D 584 -13.10 28.64 2.71
CA MET D 584 -12.84 28.53 1.28
C MET D 584 -11.49 27.89 1.01
N THR D 585 -10.46 28.26 1.77
CA THR D 585 -9.14 27.68 1.55
C THR D 585 -9.17 26.18 1.80
N THR D 586 -9.76 25.75 2.91
CA THR D 586 -9.82 24.32 3.20
C THR D 586 -10.65 23.58 2.17
N LEU D 587 -11.77 24.16 1.75
CA LEU D 587 -12.61 23.52 0.74
C LEU D 587 -11.86 23.36 -0.57
N SER D 588 -11.18 24.42 -1.01
CA SER D 588 -10.43 24.35 -2.26
C SER D 588 -9.34 23.30 -2.18
N ILE D 589 -8.61 23.26 -1.07
CA ILE D 589 -7.56 22.26 -0.92
C ILE D 589 -8.15 20.86 -0.97
N SER D 590 -9.28 20.65 -0.28
CA SER D 590 -9.88 19.32 -0.25
C SER D 590 -10.37 18.90 -1.62
N ALA D 591 -10.97 19.83 -2.38
CA ALA D 591 -11.58 19.46 -3.65
C ALA D 591 -10.55 18.88 -4.62
N ARG D 592 -9.43 19.57 -4.79
CA ARG D 592 -8.38 19.11 -5.69
C ARG D 592 -7.47 18.06 -5.07
N ASN D 593 -7.79 17.56 -3.88
CA ASN D 593 -7.13 16.37 -3.38
C ASN D 593 -7.43 15.16 -4.25
N SER D 594 -8.48 15.24 -5.05
CA SER D 594 -8.84 14.21 -6.02
C SER D 594 -8.13 14.48 -7.34
N LEU D 595 -8.50 13.69 -8.37
CA LEU D 595 -8.02 13.88 -9.73
C LEU D 595 -6.54 13.53 -9.84
N PRO D 596 -6.07 13.11 -11.02
CA PRO D 596 -4.66 12.71 -11.15
C PRO D 596 -3.68 13.85 -11.27
N LYS D 597 -3.79 14.86 -10.41
CA LYS D 597 -2.73 15.85 -10.23
C LYS D 597 -2.29 16.49 -11.54
N VAL D 598 -3.25 16.77 -12.42
CA VAL D 598 -2.94 17.35 -13.72
C VAL D 598 -2.68 18.86 -13.55
N ALA D 599 -2.12 19.47 -14.59
CA ALA D 599 -1.63 20.83 -14.47
C ALA D 599 -2.66 21.90 -14.81
N TYR D 600 -3.62 21.61 -15.67
CA TYR D 600 -4.53 22.65 -16.14
C TYR D 600 -5.71 22.83 -15.19
N ALA D 601 -6.33 24.00 -15.24
CA ALA D 601 -7.45 24.33 -14.38
C ALA D 601 -8.73 23.79 -14.98
N THR D 602 -9.48 23.01 -14.21
CA THR D 602 -10.74 22.44 -14.67
C THR D 602 -11.87 23.45 -14.47
N ALA D 603 -13.09 23.02 -14.78
CA ALA D 603 -14.25 23.87 -14.56
C ALA D 603 -14.56 24.05 -13.09
N MET D 604 -14.10 23.15 -12.22
CA MET D 604 -14.31 23.34 -10.79
C MET D 604 -13.36 24.38 -10.22
N ASP D 605 -12.15 24.48 -10.79
CA ASP D 605 -11.23 25.52 -10.36
C ASP D 605 -11.79 26.90 -10.65
N TRP D 606 -12.38 27.09 -11.84
CA TRP D 606 -12.93 28.39 -12.21
C TRP D 606 -14.21 28.73 -11.45
N PHE D 607 -14.77 27.80 -10.68
CA PHE D 607 -15.87 28.09 -9.77
C PHE D 607 -15.38 28.37 -8.36
N ILE D 608 -14.49 27.52 -7.85
CA ILE D 608 -13.94 27.72 -6.52
C ILE D 608 -13.16 29.03 -6.46
N ALA D 609 -12.44 29.38 -7.54
CA ALA D 609 -11.70 30.62 -7.56
C ALA D 609 -12.62 31.85 -7.55
N VAL D 610 -13.75 31.78 -8.23
CA VAL D 610 -14.67 32.92 -8.22
C VAL D 610 -15.34 33.06 -6.86
N CYS D 611 -15.73 31.93 -6.25
CA CYS D 611 -16.26 32.01 -4.89
C CYS D 611 -15.23 32.60 -3.94
N TYR D 612 -13.97 32.19 -4.08
CA TYR D 612 -12.90 32.77 -3.28
C TYR D 612 -12.73 34.26 -3.57
N ALA D 613 -12.93 34.66 -4.82
CA ALA D 613 -12.85 36.07 -5.16
C ALA D 613 -13.92 36.89 -4.42
N PHE D 614 -15.15 36.40 -4.40
CA PHE D 614 -16.18 37.10 -3.62
C PHE D 614 -15.84 37.10 -2.14
N VAL D 615 -15.41 35.95 -1.61
CA VAL D 615 -15.14 35.84 -0.17
C VAL D 615 -13.98 36.74 0.24
N PHE D 616 -13.08 37.05 -0.70
CA PHE D 616 -11.95 37.92 -0.38
C PHE D 616 -12.32 39.39 -0.58
N SER D 617 -13.00 39.70 -1.68
CA SER D 617 -13.41 41.07 -1.91
C SER D 617 -14.38 41.55 -0.83
N ALA D 618 -15.12 40.65 -0.20
CA ALA D 618 -15.98 41.08 0.91
C ALA D 618 -15.15 41.64 2.05
N LEU D 619 -14.07 40.94 2.42
CA LEU D 619 -13.20 41.44 3.48
C LEU D 619 -12.51 42.73 3.05
N ILE D 620 -12.12 42.82 1.78
CA ILE D 620 -11.51 44.08 1.33
C ILE D 620 -12.52 45.23 1.41
N GLU D 621 -13.79 44.97 1.09
CA GLU D 621 -14.81 46.01 1.18
C GLU D 621 -15.01 46.43 2.63
N PHE D 622 -15.04 45.46 3.55
CA PHE D 622 -15.12 45.82 4.96
C PHE D 622 -13.91 46.66 5.39
N ALA D 623 -12.73 46.30 4.89
CA ALA D 623 -11.55 47.07 5.24
C ALA D 623 -11.67 48.51 4.74
N THR D 624 -12.20 48.70 3.53
CA THR D 624 -12.41 50.04 3.03
C THR D 624 -13.39 50.82 3.91
N VAL D 625 -14.48 50.17 4.32
CA VAL D 625 -15.42 50.83 5.23
C VAL D 625 -14.70 51.25 6.50
N ASN D 626 -13.97 50.32 7.12
CA ASN D 626 -13.41 50.60 8.43
C ASN D 626 -12.30 51.63 8.35
N TYR D 627 -11.65 51.76 7.19
CA TYR D 627 -10.82 52.92 6.94
C TYR D 627 -11.67 54.18 6.95
N PHE D 628 -12.62 54.30 6.03
CA PHE D 628 -13.30 55.58 5.84
C PHE D 628 -14.19 55.95 7.02
N THR D 629 -14.87 54.99 7.62
CA THR D 629 -15.74 55.33 8.75
C THR D 629 -14.96 55.84 9.95
N LYS D 630 -13.65 55.57 10.01
CA LYS D 630 -12.80 56.05 11.08
C LYS D 630 -11.69 56.95 10.55
N SER D 631 -11.88 57.56 9.39
CA SER D 631 -10.86 58.43 8.81
C SER D 631 -11.51 59.52 7.97
N ALA D 636 -13.58 61.65 8.92
CA ALA D 636 -14.80 60.97 8.51
C ALA D 636 -15.16 61.35 7.07
N ALA D 637 -16.04 60.56 6.45
CA ALA D 637 -16.45 60.78 5.08
C ALA D 637 -17.89 60.32 4.89
N SER D 638 -18.42 60.58 3.69
CA SER D 638 -19.75 60.11 3.31
C SER D 638 -19.68 58.66 2.87
N ILE D 639 -19.41 57.76 3.82
CA ILE D 639 -19.17 56.36 3.48
C ILE D 639 -20.44 55.51 3.59
N SER D 640 -21.52 56.06 4.12
CA SER D 640 -22.70 55.27 4.42
C SER D 640 -23.31 54.61 3.19
N LYS D 641 -23.04 55.11 1.99
CA LYS D 641 -23.57 54.49 0.79
C LYS D 641 -23.02 53.08 0.60
N ILE D 642 -21.75 52.87 0.97
CA ILE D 642 -20.99 51.72 0.48
C ILE D 642 -21.61 50.41 0.95
N ASP D 643 -21.99 50.31 2.22
CA ASP D 643 -22.58 49.05 2.69
C ASP D 643 -23.91 48.79 2.00
N LYS D 644 -24.74 49.84 1.83
CA LYS D 644 -26.04 49.63 1.21
C LYS D 644 -25.89 49.19 -0.24
N MET D 645 -24.88 49.73 -0.95
CA MET D 645 -24.65 49.30 -2.33
C MET D 645 -24.02 47.92 -2.39
N SER D 646 -23.16 47.58 -1.42
CA SER D 646 -22.56 46.25 -1.38
C SER D 646 -23.62 45.18 -1.16
N ARG D 647 -24.58 45.46 -0.28
CA ARG D 647 -25.66 44.52 -0.04
C ARG D 647 -26.42 44.19 -1.32
N ILE D 648 -26.39 45.07 -2.31
CA ILE D 648 -27.01 44.81 -3.60
C ILE D 648 -26.01 44.11 -4.52
N VAL D 649 -24.79 44.65 -4.58
CA VAL D 649 -23.86 44.23 -5.62
C VAL D 649 -23.38 42.80 -5.40
N PHE D 650 -22.96 42.46 -4.18
CA PHE D 650 -22.36 41.14 -3.98
C PHE D 650 -23.32 40.01 -4.34
N PRO D 651 -24.53 39.92 -3.79
CA PRO D 651 -25.43 38.85 -4.22
C PRO D 651 -25.80 38.90 -5.69
N VAL D 652 -26.01 40.10 -6.24
CA VAL D 652 -26.37 40.20 -7.66
C VAL D 652 -25.25 39.65 -8.52
N LEU D 653 -24.02 40.09 -8.28
CA LEU D 653 -22.91 39.62 -9.08
C LEU D 653 -22.70 38.13 -8.94
N PHE D 654 -22.78 37.61 -7.70
CA PHE D 654 -22.57 36.18 -7.52
C PHE D 654 -23.64 35.36 -8.21
N GLY D 655 -24.91 35.79 -8.12
CA GLY D 655 -25.96 35.07 -8.81
C GLY D 655 -25.79 35.10 -10.31
N THR D 656 -25.41 36.25 -10.85
CA THR D 656 -25.16 36.34 -12.29
C THR D 656 -24.07 35.36 -12.71
N PHE D 657 -22.96 35.35 -11.97
CA PHE D 657 -21.88 34.42 -12.28
C PHE D 657 -22.36 32.98 -12.22
N ASN D 658 -23.08 32.63 -11.16
CA ASN D 658 -23.53 31.26 -10.99
C ASN D 658 -24.40 30.84 -12.17
N LEU D 659 -25.34 31.70 -12.56
CA LEU D 659 -26.24 31.37 -13.64
C LEU D 659 -25.49 31.19 -14.96
N VAL D 660 -24.59 32.13 -15.29
CA VAL D 660 -23.90 32.02 -16.57
C VAL D 660 -22.93 30.84 -16.59
N TYR D 661 -22.27 30.58 -15.47
CA TYR D 661 -21.37 29.43 -15.37
C TYR D 661 -22.12 28.12 -15.60
N TRP D 662 -23.23 27.94 -14.89
CA TRP D 662 -23.98 26.71 -15.05
C TRP D 662 -24.60 26.61 -16.44
N ALA D 663 -24.92 27.74 -17.05
CA ALA D 663 -25.41 27.70 -18.43
C ALA D 663 -24.30 27.24 -19.38
N THR D 664 -23.09 27.77 -19.22
CA THR D 664 -22.02 27.47 -20.15
C THR D 664 -21.42 26.08 -19.95
N TYR D 665 -21.65 25.45 -18.79
CA TYR D 665 -21.23 24.07 -18.62
C TYR D 665 -22.37 23.04 -18.70
N LEU D 666 -23.63 23.47 -18.64
CA LEU D 666 -24.72 22.52 -18.88
C LEU D 666 -25.03 22.42 -20.37
N ASN D 667 -25.11 23.56 -21.06
CA ASN D 667 -25.34 23.57 -22.49
C ASN D 667 -24.04 23.58 -23.28
N ARG D 668 -22.99 23.00 -22.70
CA ARG D 668 -21.70 22.91 -23.35
C ARG D 668 -21.78 22.11 -24.65
N PRO E 31 -6.06 -59.31 4.72
CA PRO E 31 -4.94 -59.48 5.64
C PRO E 31 -3.99 -58.28 5.60
N GLY E 32 -3.08 -58.24 4.63
CA GLY E 32 -2.24 -57.08 4.43
C GLY E 32 -2.95 -56.04 3.59
N ASN E 33 -4.00 -55.44 4.17
CA ASN E 33 -4.87 -54.55 3.40
C ASN E 33 -4.11 -53.40 2.79
N MET E 34 -3.00 -52.98 3.40
CA MET E 34 -2.22 -51.87 2.87
C MET E 34 -1.75 -52.16 1.46
N SER E 35 -1.38 -53.41 1.17
CA SER E 35 -0.96 -53.77 -0.17
C SER E 35 -2.12 -53.96 -1.13
N PHE E 36 -3.32 -54.24 -0.62
CA PHE E 36 -4.46 -54.49 -1.51
C PHE E 36 -5.12 -53.20 -1.95
N VAL E 37 -5.41 -52.29 -1.02
CA VAL E 37 -6.06 -51.04 -1.39
C VAL E 37 -5.19 -50.26 -2.36
N LYS E 38 -3.87 -50.40 -2.26
CA LYS E 38 -2.96 -49.79 -3.22
C LYS E 38 -3.34 -50.17 -4.65
N GLU E 39 -3.34 -51.47 -4.94
CA GLU E 39 -3.66 -51.90 -6.29
C GLU E 39 -5.12 -51.66 -6.63
N THR E 40 -6.01 -51.59 -5.64
CA THR E 40 -7.40 -51.25 -5.96
C THR E 40 -7.53 -49.81 -6.45
N VAL E 41 -6.84 -48.88 -5.78
CA VAL E 41 -6.85 -47.49 -6.25
C VAL E 41 -6.18 -47.39 -7.61
N ASP E 42 -5.12 -48.17 -7.82
CA ASP E 42 -4.52 -48.21 -9.16
C ASP E 42 -5.52 -48.71 -10.19
N LYS E 43 -6.30 -49.74 -9.84
CA LYS E 43 -7.38 -50.19 -10.70
C LYS E 43 -8.30 -49.05 -11.06
N LEU E 44 -8.71 -48.24 -10.07
CA LEU E 44 -9.60 -47.14 -10.36
C LEU E 44 -8.98 -46.11 -11.29
N LEU E 45 -7.73 -45.72 -11.03
CA LEU E 45 -7.13 -44.63 -11.80
C LEU E 45 -6.47 -45.08 -13.10
N LYS E 46 -6.37 -46.38 -13.35
CA LYS E 46 -5.75 -46.83 -14.59
C LYS E 46 -6.74 -46.69 -15.73
N GLY E 47 -6.36 -45.95 -16.76
CA GLY E 47 -7.21 -45.73 -17.90
C GLY E 47 -8.31 -44.71 -17.68
N TYR E 48 -8.27 -43.96 -16.58
CA TYR E 48 -9.31 -43.00 -16.24
C TYR E 48 -9.14 -41.74 -17.09
N ASP E 49 -10.13 -41.46 -17.93
CA ASP E 49 -10.06 -40.33 -18.85
C ASP E 49 -10.55 -39.08 -18.13
N ILE E 50 -9.63 -38.21 -17.74
CA ILE E 50 -9.98 -37.03 -16.97
C ILE E 50 -10.80 -36.03 -17.78
N ARG E 51 -10.68 -36.05 -19.11
CA ARG E 51 -11.35 -35.04 -19.92
C ARG E 51 -12.86 -35.18 -19.90
N LEU E 52 -13.39 -36.38 -19.67
CA LEU E 52 -14.80 -36.65 -19.81
C LEU E 52 -15.48 -36.67 -18.44
N ARG E 53 -16.62 -35.99 -18.35
CA ARG E 53 -17.36 -35.97 -17.11
C ARG E 53 -18.00 -37.34 -16.86
N PRO E 54 -18.42 -37.61 -15.63
CA PRO E 54 -19.13 -38.85 -15.36
C PRO E 54 -20.37 -38.99 -16.23
N ASP E 55 -20.60 -40.21 -16.70
CA ASP E 55 -21.74 -40.49 -17.57
C ASP E 55 -21.76 -39.56 -18.78
N PHE E 56 -20.59 -39.30 -19.36
CA PHE E 56 -20.50 -38.46 -20.53
C PHE E 56 -21.40 -39.00 -21.64
N GLY E 57 -22.15 -38.10 -22.26
CA GLY E 57 -23.04 -38.50 -23.32
C GLY E 57 -24.37 -38.99 -22.79
N GLY E 58 -24.40 -39.33 -21.51
CA GLY E 58 -25.62 -39.73 -20.86
C GLY E 58 -26.22 -38.61 -20.05
N PRO E 59 -27.10 -38.93 -19.11
CA PRO E 59 -27.73 -37.90 -18.30
C PRO E 59 -26.70 -37.14 -17.48
N PRO E 60 -27.04 -35.97 -16.97
CA PRO E 60 -26.04 -35.14 -16.28
C PRO E 60 -25.58 -35.77 -14.98
N VAL E 61 -24.57 -35.14 -14.38
CA VAL E 61 -24.04 -35.54 -13.08
C VAL E 61 -24.59 -34.58 -12.05
N CYS E 62 -25.21 -35.12 -11.00
CA CYS E 62 -25.93 -34.32 -10.01
C CYS E 62 -24.98 -33.98 -8.86
N VAL E 63 -24.47 -32.76 -8.87
CA VAL E 63 -23.50 -32.31 -7.87
C VAL E 63 -24.19 -31.61 -6.72
N GLY E 64 -24.62 -32.37 -5.72
CA GLY E 64 -25.17 -31.76 -4.52
C GLY E 64 -24.10 -31.01 -3.75
N MET E 65 -24.50 -29.94 -3.06
CA MET E 65 -23.55 -29.06 -2.41
C MET E 65 -23.95 -28.77 -0.97
N ASN E 66 -22.92 -28.60 -0.15
CA ASN E 66 -23.03 -28.15 1.23
C ASN E 66 -22.05 -27.00 1.42
N ILE E 67 -22.34 -26.14 2.39
CA ILE E 67 -21.43 -25.08 2.79
C ILE E 67 -21.47 -24.97 4.30
N ASP E 68 -20.31 -24.68 4.90
CA ASP E 68 -20.22 -24.34 6.31
C ASP E 68 -19.53 -23.00 6.42
N ILE E 69 -20.29 -21.96 6.75
CA ILE E 69 -19.73 -20.62 6.81
C ILE E 69 -18.75 -20.54 7.97
N ALA E 70 -17.50 -20.23 7.67
CA ALA E 70 -16.52 -20.07 8.73
C ALA E 70 -16.69 -18.71 9.41
N SER E 71 -16.57 -17.63 8.64
CA SER E 71 -16.75 -16.30 9.17
C SER E 71 -16.82 -15.32 8.00
N ILE E 72 -17.38 -14.15 8.26
CA ILE E 72 -17.51 -13.10 7.25
C ILE E 72 -16.65 -11.92 7.68
N ASP E 73 -15.64 -11.61 6.89
CA ASP E 73 -14.76 -10.49 7.15
C ASP E 73 -15.39 -9.19 6.67
N MET E 74 -14.61 -8.12 6.64
CA MET E 74 -15.14 -6.78 6.45
C MET E 74 -16.17 -6.72 5.33
N VAL E 75 -17.37 -6.27 5.67
CA VAL E 75 -18.31 -5.77 4.68
C VAL E 75 -17.99 -4.31 4.46
N SER E 76 -17.83 -3.91 3.19
CA SER E 76 -17.29 -2.60 2.86
C SER E 76 -18.21 -1.85 1.93
N GLU E 77 -18.54 -0.60 2.30
CA GLU E 77 -19.28 0.26 1.40
C GLU E 77 -18.36 0.87 0.36
N VAL E 78 -17.18 1.32 0.77
CA VAL E 78 -16.27 1.98 -0.15
C VAL E 78 -15.88 1.03 -1.28
N ASN E 79 -15.75 -0.27 -1.00
CA ASN E 79 -15.47 -1.26 -2.02
C ASN E 79 -16.72 -1.94 -2.55
N MET E 80 -17.84 -1.82 -1.86
CA MET E 80 -19.10 -2.39 -2.34
C MET E 80 -19.00 -3.91 -2.46
N ASP E 81 -18.47 -4.55 -1.43
CA ASP E 81 -18.28 -6.00 -1.44
C ASP E 81 -18.19 -6.49 0.00
N TYR E 82 -18.09 -7.82 0.15
CA TYR E 82 -17.83 -8.45 1.43
C TYR E 82 -16.91 -9.63 1.23
N THR E 83 -16.18 -9.99 2.28
CA THR E 83 -15.22 -11.08 2.24
C THR E 83 -15.73 -12.22 3.11
N LEU E 84 -15.85 -13.40 2.51
CA LEU E 84 -16.46 -14.56 3.16
C LEU E 84 -15.50 -15.74 3.11
N THR E 85 -15.25 -16.35 4.27
CA THR E 85 -14.44 -17.55 4.39
C THR E 85 -15.35 -18.72 4.70
N MET E 86 -15.11 -19.87 4.07
CA MET E 86 -16.08 -20.96 4.18
C MET E 86 -15.44 -22.29 3.84
N TYR E 87 -16.10 -23.35 4.28
CA TYR E 87 -15.85 -24.71 3.82
C TYR E 87 -16.92 -25.07 2.80
N PHE E 88 -16.50 -25.53 1.62
CA PHE E 88 -17.39 -25.74 0.50
C PHE E 88 -17.26 -27.20 0.05
N GLN E 89 -18.39 -27.92 0.02
CA GLN E 89 -18.39 -29.35 -0.26
C GLN E 89 -19.26 -29.66 -1.46
N GLN E 90 -18.87 -30.70 -2.21
CA GLN E 90 -19.57 -31.14 -3.42
C GLN E 90 -19.60 -32.66 -3.45
N TYR E 91 -20.72 -33.21 -3.92
CA TYR E 91 -20.95 -34.66 -3.91
C TYR E 91 -21.41 -35.09 -5.28
N TRP E 92 -20.92 -36.23 -5.76
CA TRP E 92 -21.44 -36.80 -7.00
C TRP E 92 -20.99 -38.26 -7.08
N ARG E 93 -21.64 -39.00 -7.97
CA ARG E 93 -21.19 -40.36 -8.30
C ARG E 93 -20.40 -40.33 -9.59
N ASP E 94 -19.21 -40.91 -9.56
CA ASP E 94 -18.43 -41.20 -10.76
C ASP E 94 -18.30 -42.71 -10.83
N LYS E 95 -19.26 -43.36 -11.49
CA LYS E 95 -19.34 -44.81 -11.50
C LYS E 95 -18.06 -45.47 -11.98
N ARG E 96 -17.11 -44.70 -12.49
CA ARG E 96 -15.80 -45.24 -12.84
C ARG E 96 -14.94 -45.49 -11.59
N LEU E 97 -15.40 -45.04 -10.43
CA LEU E 97 -14.63 -45.16 -9.18
C LEU E 97 -15.27 -46.12 -8.19
N ALA E 98 -16.20 -46.97 -8.63
CA ALA E 98 -16.82 -47.92 -7.73
C ALA E 98 -15.85 -49.05 -7.39
N TYR E 99 -15.96 -49.55 -6.16
CA TYR E 99 -15.19 -50.71 -5.74
C TYR E 99 -15.96 -51.45 -4.65
N SER E 100 -15.60 -52.70 -4.43
CA SER E 100 -16.29 -53.55 -3.48
C SER E 100 -15.38 -54.35 -2.57
N GLY E 101 -14.07 -54.38 -2.81
CA GLY E 101 -13.18 -55.19 -2.00
C GLY E 101 -12.79 -54.57 -0.68
N ILE E 102 -13.03 -53.28 -0.51
CA ILE E 102 -12.62 -52.54 0.68
C ILE E 102 -13.87 -52.04 1.39
N PRO E 103 -14.01 -52.24 2.70
CA PRO E 103 -15.18 -51.71 3.40
C PRO E 103 -15.07 -50.26 3.84
N LEU E 104 -13.93 -49.62 3.63
CA LEU E 104 -13.72 -48.27 4.13
C LEU E 104 -14.40 -47.24 3.24
N ASN E 105 -14.87 -46.15 3.86
CA ASN E 105 -15.07 -44.89 3.14
C ASN E 105 -13.68 -44.30 2.93
N LEU E 106 -13.12 -44.64 1.77
CA LEU E 106 -11.70 -44.46 1.51
C LEU E 106 -11.31 -43.00 1.30
N THR E 107 -10.67 -42.40 2.29
CA THR E 107 -10.13 -41.06 2.12
C THR E 107 -8.75 -41.13 1.47
N LEU E 108 -8.46 -40.19 0.58
CA LEU E 108 -7.23 -40.18 -0.20
C LEU E 108 -6.53 -38.85 -0.08
N ASP E 109 -5.23 -38.85 -0.34
CA ASP E 109 -4.47 -37.61 -0.34
C ASP E 109 -5.04 -36.65 -1.37
N ASN E 110 -4.99 -35.35 -1.06
CA ASN E 110 -5.69 -34.37 -1.87
C ASN E 110 -5.15 -34.26 -3.30
N ARG E 111 -3.93 -34.74 -3.55
CA ARG E 111 -3.41 -34.71 -4.92
C ARG E 111 -4.32 -35.45 -5.89
N VAL E 112 -5.05 -36.45 -5.41
CA VAL E 112 -5.94 -37.20 -6.29
C VAL E 112 -6.97 -36.28 -6.95
N ALA E 113 -7.26 -35.13 -6.35
CA ALA E 113 -8.20 -34.21 -6.98
C ALA E 113 -7.71 -33.73 -8.32
N ASP E 114 -6.40 -33.64 -8.53
CA ASP E 114 -5.82 -33.28 -9.82
C ASP E 114 -5.78 -34.46 -10.79
N GLN E 115 -6.18 -35.64 -10.35
CA GLN E 115 -6.21 -36.82 -11.20
C GLN E 115 -7.62 -37.31 -11.48
N LEU E 116 -8.60 -36.88 -10.70
CA LEU E 116 -9.99 -37.21 -10.97
C LEU E 116 -10.67 -36.06 -11.70
N TRP E 117 -11.85 -36.35 -12.24
CA TRP E 117 -12.71 -35.29 -12.75
C TRP E 117 -13.46 -34.64 -11.60
N VAL E 118 -13.48 -33.31 -11.61
CA VAL E 118 -14.23 -32.55 -10.61
C VAL E 118 -15.01 -31.45 -11.31
N PRO E 119 -16.17 -31.09 -10.76
CA PRO E 119 -17.00 -30.11 -11.43
C PRO E 119 -16.32 -28.75 -11.51
N ASP E 120 -16.77 -27.95 -12.46
CA ASP E 120 -16.14 -26.67 -12.78
C ASP E 120 -16.85 -25.51 -12.09
N THR E 121 -17.43 -25.76 -10.93
CA THR E 121 -18.20 -24.75 -10.21
C THR E 121 -17.35 -23.53 -9.91
N TYR E 122 -17.98 -22.36 -10.04
CA TYR E 122 -17.32 -21.08 -9.76
C TYR E 122 -18.37 -20.10 -9.24
N PHE E 123 -17.89 -19.01 -8.66
CA PHE E 123 -18.74 -17.98 -8.07
C PHE E 123 -18.79 -16.79 -9.01
N LEU E 124 -19.97 -16.55 -9.60
CA LEU E 124 -20.05 -15.56 -10.66
C LEU E 124 -19.68 -14.17 -10.18
N ASN E 125 -20.03 -13.83 -8.94
CA ASN E 125 -19.87 -12.48 -8.44
C ASN E 125 -18.71 -12.34 -7.47
N ASP E 126 -17.71 -13.21 -7.55
CA ASP E 126 -16.53 -13.03 -6.72
C ASP E 126 -15.56 -12.07 -7.41
N LYS E 127 -14.93 -11.20 -6.62
CA LYS E 127 -13.95 -10.26 -7.13
C LYS E 127 -12.54 -10.79 -6.96
N LYS E 128 -12.26 -11.40 -5.81
CA LYS E 128 -10.97 -12.02 -5.54
C LYS E 128 -11.20 -13.13 -4.52
N SER E 129 -10.57 -14.27 -4.77
CA SER E 129 -10.77 -15.43 -3.92
C SER E 129 -9.57 -16.36 -4.07
N PHE E 130 -9.39 -17.23 -3.08
CA PHE E 130 -8.27 -18.15 -3.09
C PHE E 130 -8.59 -19.36 -2.21
N VAL E 131 -8.09 -20.51 -2.60
CA VAL E 131 -8.23 -21.73 -1.79
C VAL E 131 -7.07 -21.78 -0.82
N HIS E 132 -7.38 -21.95 0.46
CA HIS E 132 -6.38 -21.83 1.50
C HIS E 132 -5.35 -22.94 1.40
N GLY E 133 -4.08 -22.57 1.53
CA GLY E 133 -3.05 -23.54 1.80
C GLY E 133 -2.12 -23.03 2.88
N VAL E 134 -2.08 -23.72 4.03
CA VAL E 134 -1.17 -23.33 5.11
C VAL E 134 -0.02 -24.32 5.14
N THR E 135 -0.34 -25.58 5.44
CA THR E 135 0.63 -26.65 5.32
C THR E 135 0.54 -27.31 3.95
N VAL E 136 -0.67 -27.73 3.57
CA VAL E 136 -0.95 -28.21 2.22
C VAL E 136 -2.27 -27.59 1.77
N LYS E 137 -2.45 -27.55 0.45
CA LYS E 137 -3.66 -26.97 -0.10
C LYS E 137 -4.89 -27.62 0.52
N ASN E 138 -5.81 -26.79 1.00
CA ASN E 138 -6.96 -27.28 1.73
C ASN E 138 -7.97 -27.94 0.80
N ARG E 139 -7.84 -29.24 0.59
CA ARG E 139 -8.77 -30.00 -0.22
C ARG E 139 -9.00 -31.35 0.41
N MET E 140 -10.15 -31.94 0.12
CA MET E 140 -10.51 -33.25 0.65
C MET E 140 -11.11 -34.07 -0.49
N ILE E 141 -10.67 -35.32 -0.60
CA ILE E 141 -11.25 -36.29 -1.50
C ILE E 141 -11.56 -37.54 -0.70
N ARG E 142 -12.81 -37.98 -0.72
CA ARG E 142 -13.23 -39.15 0.02
C ARG E 142 -14.12 -40.01 -0.87
N LEU E 143 -13.55 -41.08 -1.42
CA LEU E 143 -14.30 -42.03 -2.20
C LEU E 143 -15.18 -42.88 -1.29
N HIS E 144 -16.05 -43.64 -1.90
CA HIS E 144 -16.88 -44.62 -1.19
C HIS E 144 -17.05 -45.83 -2.08
N PRO E 145 -17.47 -46.97 -1.52
CA PRO E 145 -17.64 -48.17 -2.36
C PRO E 145 -18.56 -47.97 -3.55
N ASP E 146 -19.63 -47.19 -3.41
CA ASP E 146 -20.58 -47.02 -4.50
C ASP E 146 -20.08 -46.03 -5.57
N GLY E 147 -18.94 -45.40 -5.34
CA GLY E 147 -18.38 -44.44 -6.26
C GLY E 147 -18.55 -43.00 -5.87
N THR E 148 -19.45 -42.68 -4.93
CA THR E 148 -19.67 -41.30 -4.56
C THR E 148 -18.35 -40.65 -4.14
N VAL E 149 -18.12 -39.43 -4.61
CA VAL E 149 -16.92 -38.68 -4.27
C VAL E 149 -17.34 -37.40 -3.56
N LEU E 150 -16.80 -37.19 -2.36
CA LEU E 150 -17.03 -35.97 -1.61
C LEU E 150 -15.80 -35.10 -1.74
N TYR E 151 -15.94 -33.96 -2.40
CA TYR E 151 -14.84 -33.06 -2.70
C TYR E 151 -15.07 -31.75 -1.97
N GLY E 152 -14.21 -31.43 -1.02
CA GLY E 152 -14.39 -30.26 -0.19
C GLY E 152 -13.20 -29.33 -0.28
N LEU E 153 -13.49 -28.04 -0.10
CA LEU E 153 -12.48 -26.99 -0.14
C LEU E 153 -12.73 -26.01 0.98
N ARG E 154 -11.68 -25.31 1.39
CA ARG E 154 -11.80 -24.15 2.26
C ARG E 154 -11.39 -22.92 1.46
N ILE E 155 -12.29 -21.95 1.38
CA ILE E 155 -12.19 -20.85 0.43
C ILE E 155 -12.38 -19.54 1.15
N THR E 156 -11.64 -18.52 0.73
CA THR E 156 -11.92 -17.13 1.09
C THR E 156 -12.27 -16.38 -0.19
N THR E 157 -13.46 -15.78 -0.22
CA THR E 157 -13.99 -15.17 -1.43
C THR E 157 -14.48 -13.76 -1.13
N THR E 158 -14.05 -12.80 -1.94
CA THR E 158 -14.47 -11.40 -1.82
C THR E 158 -15.56 -11.16 -2.87
N ALA E 159 -16.81 -11.27 -2.45
CA ALA E 159 -17.94 -11.20 -3.37
C ALA E 159 -18.51 -9.79 -3.41
N ALA E 160 -18.92 -9.36 -4.60
CA ALA E 160 -19.52 -8.05 -4.76
C ALA E 160 -20.85 -7.97 -4.01
N CYS E 161 -21.09 -6.81 -3.40
CA CYS E 161 -22.32 -6.57 -2.63
C CYS E 161 -22.75 -5.14 -2.94
N MET E 162 -23.73 -5.01 -3.84
CA MET E 162 -24.22 -3.71 -4.28
C MET E 162 -25.17 -3.18 -3.21
N MET E 163 -24.69 -2.23 -2.42
CA MET E 163 -25.46 -1.72 -1.29
C MET E 163 -26.25 -0.48 -1.70
N ASP E 164 -27.50 -0.42 -1.25
CA ASP E 164 -28.34 0.76 -1.44
C ASP E 164 -28.17 1.66 -0.22
N LEU E 165 -27.29 2.64 -0.34
CA LEU E 165 -26.93 3.49 0.80
C LEU E 165 -27.84 4.70 0.96
N ARG E 166 -28.96 4.75 0.23
CA ARG E 166 -29.84 5.91 0.35
C ARG E 166 -30.43 6.02 1.76
N ARG E 167 -30.63 4.90 2.44
CA ARG E 167 -31.13 4.91 3.81
C ARG E 167 -30.03 4.78 4.85
N TYR E 168 -28.77 4.85 4.43
CA TYR E 168 -27.65 4.73 5.36
C TYR E 168 -27.80 5.75 6.46
N PRO E 169 -27.47 5.41 7.73
CA PRO E 169 -27.07 4.10 8.27
C PRO E 169 -28.24 3.26 8.76
N LEU E 170 -29.47 3.55 8.34
CA LEU E 170 -30.65 2.82 8.79
C LEU E 170 -31.08 1.76 7.78
N ASP E 171 -30.13 1.13 7.11
CA ASP E 171 -30.40 0.34 5.91
C ASP E 171 -30.07 -1.12 6.14
N GLU E 172 -30.93 -1.99 5.60
CA GLU E 172 -30.60 -3.41 5.45
C GLU E 172 -29.91 -3.62 4.11
N GLN E 173 -29.14 -4.70 4.01
CA GLN E 173 -28.36 -4.98 2.81
C GLN E 173 -28.42 -6.45 2.47
N ASN E 174 -29.31 -6.81 1.54
CA ASN E 174 -29.24 -8.11 0.88
C ASN E 174 -28.07 -8.15 -0.08
N CYS E 175 -27.27 -9.21 0.02
CA CYS E 175 -26.36 -9.54 -1.06
C CYS E 175 -25.92 -10.99 -0.89
N THR E 176 -25.58 -11.60 -2.03
CA THR E 176 -25.55 -13.05 -2.16
C THR E 176 -24.21 -13.50 -2.67
N LEU E 177 -24.05 -14.82 -2.72
CA LEU E 177 -22.96 -15.50 -3.42
C LEU E 177 -23.58 -16.35 -4.52
N GLU E 178 -23.12 -16.15 -5.75
CA GLU E 178 -23.73 -16.78 -6.91
C GLU E 178 -22.84 -17.94 -7.37
N ILE E 179 -23.32 -19.17 -7.20
CA ILE E 179 -22.56 -20.37 -7.51
C ILE E 179 -23.11 -20.97 -8.80
N GLU E 180 -22.22 -21.30 -9.73
CA GLU E 180 -22.63 -21.70 -11.07
C GLU E 180 -21.55 -22.57 -11.69
N SER E 181 -21.97 -23.45 -12.60
CA SER E 181 -21.04 -24.26 -13.37
C SER E 181 -20.62 -23.50 -14.62
N TYR E 182 -19.31 -23.29 -14.78
CA TYR E 182 -18.84 -22.42 -15.84
C TYR E 182 -19.17 -22.99 -17.22
N GLY E 183 -18.79 -24.24 -17.48
CA GLY E 183 -18.84 -24.76 -18.83
C GLY E 183 -19.97 -25.73 -19.11
N TYR E 184 -20.27 -26.61 -18.16
CA TYR E 184 -21.29 -27.64 -18.37
C TYR E 184 -22.67 -27.05 -18.16
N THR E 185 -23.50 -27.15 -19.19
CA THR E 185 -24.84 -26.58 -19.13
C THR E 185 -25.75 -27.50 -18.31
N THR E 186 -27.02 -27.10 -18.23
CA THR E 186 -27.98 -27.84 -17.41
C THR E 186 -28.24 -29.25 -17.95
N ASP E 187 -27.84 -29.53 -19.19
CA ASP E 187 -27.92 -30.88 -19.73
C ASP E 187 -26.64 -31.67 -19.54
N ASP E 188 -25.70 -31.15 -18.77
CA ASP E 188 -24.48 -31.86 -18.41
C ASP E 188 -24.27 -31.92 -16.91
N ILE E 189 -24.60 -30.86 -16.18
CA ILE E 189 -24.43 -30.81 -14.73
C ILE E 189 -25.71 -30.29 -14.12
N GLU E 190 -26.07 -30.83 -12.96
CA GLU E 190 -27.19 -30.35 -12.16
C GLU E 190 -26.69 -30.08 -10.76
N PHE E 191 -27.28 -29.08 -10.11
CA PHE E 191 -26.96 -28.75 -8.73
C PHE E 191 -28.18 -28.92 -7.86
N TYR E 192 -27.93 -29.10 -6.56
CA TYR E 192 -28.96 -29.02 -5.54
C TYR E 192 -28.27 -28.83 -4.21
N TRP E 193 -29.03 -28.34 -3.23
CA TRP E 193 -28.55 -28.21 -1.86
C TRP E 193 -28.81 -29.51 -1.13
N ARG E 194 -27.77 -30.08 -0.52
CA ARG E 194 -27.94 -31.32 0.22
C ARG E 194 -28.55 -31.05 1.59
N GLY E 195 -29.66 -31.69 1.88
CA GLY E 195 -30.40 -31.38 3.09
C GLY E 195 -31.28 -30.17 2.97
N GLY E 196 -31.46 -29.65 1.77
CA GLY E 196 -32.35 -28.51 1.58
C GLY E 196 -31.86 -27.31 2.36
N ASP E 197 -32.79 -26.70 3.11
CA ASP E 197 -32.48 -25.46 3.81
C ASP E 197 -31.40 -25.63 4.87
N LYS E 198 -31.08 -26.86 5.25
CA LYS E 198 -30.03 -27.11 6.23
C LYS E 198 -28.65 -27.22 5.61
N ALA E 199 -28.53 -27.02 4.30
CA ALA E 199 -27.27 -27.25 3.61
C ALA E 199 -26.18 -26.28 4.06
N VAL E 200 -26.53 -25.09 4.51
CA VAL E 200 -25.56 -24.08 4.91
C VAL E 200 -25.61 -23.95 6.43
N THR E 201 -24.44 -24.04 7.06
CA THR E 201 -24.34 -23.97 8.52
C THR E 201 -23.29 -22.93 8.89
N GLY E 202 -23.38 -22.45 10.13
CA GLY E 202 -22.52 -21.40 10.61
C GLY E 202 -23.06 -20.00 10.44
N VAL E 203 -24.08 -19.83 9.61
CA VAL E 203 -24.72 -18.53 9.45
C VAL E 203 -25.50 -18.16 10.71
N GLU E 204 -25.84 -19.13 11.54
CA GLU E 204 -26.52 -18.85 12.80
C GLU E 204 -25.58 -18.37 13.88
N ARG E 205 -24.28 -18.45 13.64
CA ARG E 205 -23.25 -18.17 14.64
C ARG E 205 -22.47 -16.89 14.34
N ILE E 206 -22.38 -16.49 13.08
CA ILE E 206 -21.56 -15.34 12.72
C ILE E 206 -22.37 -14.05 12.83
N GLU E 207 -21.76 -13.04 13.43
CA GLU E 207 -22.32 -11.70 13.46
C GLU E 207 -21.18 -10.70 13.34
N LEU E 208 -21.49 -9.52 12.82
CA LEU E 208 -20.48 -8.53 12.47
C LEU E 208 -20.55 -7.33 13.40
N PRO E 209 -19.46 -6.57 13.53
CA PRO E 209 -19.52 -5.34 14.33
C PRO E 209 -20.57 -4.36 13.83
N GLN E 210 -20.72 -4.21 12.52
CA GLN E 210 -21.62 -3.20 11.97
C GLN E 210 -22.98 -3.75 11.59
N PHE E 211 -23.13 -5.08 11.50
CA PHE E 211 -24.37 -5.69 11.02
C PHE E 211 -24.72 -6.89 11.87
N SER E 212 -25.96 -7.35 11.73
CA SER E 212 -26.41 -8.61 12.30
C SER E 212 -27.19 -9.38 11.25
N ILE E 213 -26.95 -10.68 11.16
CA ILE E 213 -27.52 -11.50 10.09
C ILE E 213 -29.00 -11.73 10.41
N VAL E 214 -29.88 -10.91 9.83
CA VAL E 214 -31.30 -11.08 10.08
C VAL E 214 -31.78 -12.42 9.51
N GLU E 215 -31.34 -12.76 8.30
CA GLU E 215 -31.90 -13.91 7.61
C GLU E 215 -30.93 -14.35 6.52
N HIS E 216 -31.03 -15.63 6.16
CA HIS E 216 -30.32 -16.14 5.00
C HIS E 216 -31.26 -17.08 4.25
N ARG E 217 -31.13 -17.10 2.92
CA ARG E 217 -32.04 -17.87 2.09
C ARG E 217 -31.25 -18.57 1.00
N LEU E 218 -31.64 -19.79 0.68
CA LEU E 218 -30.94 -20.63 -0.29
C LEU E 218 -31.83 -20.81 -1.51
N VAL E 219 -31.27 -20.63 -2.71
CA VAL E 219 -32.04 -20.63 -3.94
C VAL E 219 -31.38 -21.54 -4.96
N SER E 220 -32.19 -22.03 -5.89
CA SER E 220 -31.69 -22.76 -7.05
C SER E 220 -32.56 -22.46 -8.26
N ARG E 221 -31.94 -22.29 -9.41
CA ARG E 221 -32.64 -21.92 -10.64
C ARG E 221 -31.67 -22.03 -11.80
N ASN E 222 -32.17 -21.71 -13.00
CA ASN E 222 -31.35 -21.72 -14.20
C ASN E 222 -31.06 -20.30 -14.67
N VAL E 223 -29.98 -20.16 -15.44
CA VAL E 223 -29.65 -18.92 -16.12
C VAL E 223 -29.27 -19.24 -17.56
N VAL E 224 -29.66 -18.35 -18.47
CA VAL E 224 -29.49 -18.58 -19.90
C VAL E 224 -28.57 -17.51 -20.46
N PHE E 225 -27.45 -17.93 -21.02
CA PHE E 225 -26.58 -17.09 -21.83
C PHE E 225 -26.69 -17.50 -23.28
N ALA E 226 -25.88 -16.85 -24.13
CA ALA E 226 -25.87 -17.19 -25.55
C ALA E 226 -25.30 -18.57 -25.80
N THR E 227 -24.55 -19.14 -24.85
CA THR E 227 -23.94 -20.45 -25.02
C THR E 227 -24.78 -21.57 -24.41
N GLY E 228 -25.84 -21.27 -23.70
CA GLY E 228 -26.74 -22.29 -23.21
C GLY E 228 -27.22 -21.96 -21.81
N ALA E 229 -28.10 -22.83 -21.31
CA ALA E 229 -28.66 -22.69 -19.97
C ALA E 229 -27.74 -23.38 -18.96
N TYR E 230 -27.61 -22.77 -17.79
CA TYR E 230 -26.73 -23.25 -16.74
C TYR E 230 -27.49 -23.40 -15.43
N PRO E 231 -27.08 -24.32 -14.57
CA PRO E 231 -27.69 -24.41 -13.23
C PRO E 231 -27.10 -23.37 -12.29
N ARG E 232 -27.93 -22.90 -11.37
CA ARG E 232 -27.54 -21.88 -10.41
C ARG E 232 -27.89 -22.26 -8.99
N LEU E 233 -26.92 -22.09 -8.09
CA LEU E 233 -27.13 -22.06 -6.65
C LEU E 233 -26.63 -20.73 -6.12
N SER E 234 -27.40 -20.13 -5.21
CA SER E 234 -27.04 -18.84 -4.64
C SER E 234 -27.41 -18.81 -3.17
N LEU E 235 -26.53 -18.21 -2.37
CA LEU E 235 -26.71 -18.05 -0.94
C LEU E 235 -26.92 -16.58 -0.65
N SER E 236 -28.07 -16.24 -0.06
CA SER E 236 -28.48 -14.85 0.15
C SER E 236 -28.49 -14.55 1.64
N PHE E 237 -27.83 -13.46 2.02
CA PHE E 237 -27.92 -12.93 3.37
C PHE E 237 -28.91 -11.78 3.40
N ARG E 238 -29.20 -11.28 4.60
CA ARG E 238 -29.91 -10.01 4.76
C ARG E 238 -29.38 -9.33 6.03
N LEU E 239 -28.36 -8.51 5.83
CA LEU E 239 -27.76 -7.80 6.94
C LEU E 239 -28.64 -6.64 7.39
N LYS E 240 -28.55 -6.29 8.67
CA LYS E 240 -29.15 -5.07 9.20
C LYS E 240 -28.11 -4.38 10.06
N ARG E 241 -28.00 -3.05 9.92
CA ARG E 241 -26.87 -2.35 10.47
C ARG E 241 -27.06 -2.07 11.96
N ASN E 242 -25.94 -2.02 12.70
CA ASN E 242 -25.94 -1.63 14.10
C ASN E 242 -25.76 -0.13 14.20
N ILE E 243 -26.62 0.52 14.99
CA ILE E 243 -26.67 1.98 15.05
C ILE E 243 -25.79 2.57 16.13
N GLY E 244 -25.09 1.75 16.91
CA GLY E 244 -24.32 2.28 18.03
C GLY E 244 -23.21 3.22 17.59
N TYR E 245 -22.44 2.81 16.57
CA TYR E 245 -21.34 3.66 16.12
C TYR E 245 -21.83 4.99 15.58
N PHE E 246 -23.01 5.00 14.95
CA PHE E 246 -23.57 6.23 14.43
C PHE E 246 -24.17 7.11 15.52
N ILE E 247 -24.70 6.50 16.59
CA ILE E 247 -25.07 7.31 17.75
C ILE E 247 -23.83 7.95 18.36
N LEU E 248 -22.72 7.22 18.40
CA LEU E 248 -21.50 7.79 18.98
C LEU E 248 -20.95 8.92 18.13
N GLN E 249 -20.82 8.68 16.82
CA GLN E 249 -20.09 9.62 15.96
C GLN E 249 -20.99 10.65 15.29
N THR E 250 -22.13 10.22 14.73
CA THR E 250 -22.93 11.07 13.87
C THR E 250 -23.95 11.91 14.64
N TYR E 251 -24.83 11.25 15.39
CA TYR E 251 -26.00 11.95 15.90
C TYR E 251 -25.69 12.75 17.15
N MET E 252 -25.01 12.15 18.12
CA MET E 252 -24.77 12.86 19.38
C MET E 252 -23.88 14.09 19.22
N PRO E 253 -22.74 14.03 18.53
CA PRO E 253 -21.97 15.27 18.33
C PRO E 253 -22.76 16.35 17.59
N SER E 254 -23.54 15.96 16.58
CA SER E 254 -24.33 16.94 15.85
C SER E 254 -25.37 17.58 16.76
N ILE E 255 -26.06 16.78 17.56
CA ILE E 255 -27.06 17.32 18.47
C ILE E 255 -26.41 18.24 19.48
N LEU E 256 -25.27 17.83 20.03
CA LEU E 256 -24.58 18.65 21.02
C LEU E 256 -24.18 19.99 20.42
N ILE E 257 -23.63 19.98 19.22
CA ILE E 257 -23.21 21.23 18.59
C ILE E 257 -24.42 22.09 18.27
N THR E 258 -25.53 21.49 17.87
CA THR E 258 -26.73 22.27 17.60
C THR E 258 -27.23 22.93 18.88
N ILE E 259 -27.26 22.19 19.98
CA ILE E 259 -27.76 22.75 21.23
C ILE E 259 -26.80 23.81 21.75
N LEU E 260 -25.50 23.60 21.56
CA LEU E 260 -24.53 24.63 21.94
C LEU E 260 -24.79 25.92 21.20
N SER E 261 -25.18 25.83 19.93
CA SER E 261 -25.50 27.03 19.16
C SER E 261 -26.61 27.83 19.82
N TRP E 262 -27.58 27.16 20.44
CA TRP E 262 -28.69 27.87 21.05
C TRP E 262 -28.27 28.69 22.26
N VAL E 263 -27.04 28.51 22.75
CA VAL E 263 -26.54 29.37 23.82
C VAL E 263 -26.51 30.83 23.38
N SER E 264 -26.51 31.09 22.07
CA SER E 264 -26.43 32.46 21.60
C SER E 264 -27.59 33.29 22.12
N PHE E 265 -28.80 32.73 22.13
CA PHE E 265 -29.98 33.48 22.53
C PHE E 265 -29.91 33.96 23.97
N TRP E 266 -29.05 33.35 24.78
CA TRP E 266 -28.90 33.72 26.19
C TRP E 266 -27.71 34.63 26.43
N ILE E 267 -26.69 34.57 25.56
CA ILE E 267 -25.64 35.58 25.63
C ILE E 267 -26.25 36.93 25.30
N ASN E 268 -25.75 37.98 25.96
CA ASN E 268 -26.27 39.31 25.72
C ASN E 268 -26.11 39.67 24.25
N TYR E 269 -27.13 40.32 23.69
CA TYR E 269 -27.13 40.66 22.27
C TYR E 269 -26.42 41.99 21.97
N ASP E 270 -25.90 42.67 23.00
CA ASP E 270 -25.01 43.80 22.75
C ASP E 270 -23.60 43.32 22.44
N ALA E 271 -23.16 42.22 23.06
CA ALA E 271 -21.82 41.67 22.86
C ALA E 271 -21.77 40.94 21.53
N SER E 272 -21.49 41.69 20.47
CA SER E 272 -21.53 41.13 19.12
C SER E 272 -20.42 40.12 18.89
N ALA E 273 -19.23 40.36 19.43
CA ALA E 273 -18.12 39.44 19.18
C ALA E 273 -18.46 38.03 19.64
N ALA E 274 -18.97 37.88 20.87
CA ALA E 274 -19.32 36.55 21.38
C ALA E 274 -20.50 35.98 20.61
N ARG E 275 -21.57 36.77 20.45
CA ARG E 275 -22.76 36.28 19.76
C ARG E 275 -22.39 35.71 18.40
N VAL E 276 -21.46 36.33 17.70
CA VAL E 276 -21.05 35.81 16.39
C VAL E 276 -20.13 34.61 16.56
N ALA E 277 -18.98 34.80 17.21
CA ALA E 277 -18.02 33.72 17.35
C ALA E 277 -18.68 32.40 17.70
N LEU E 278 -19.61 32.42 18.66
CA LEU E 278 -20.29 31.19 19.06
C LEU E 278 -20.94 30.50 17.87
N GLY E 279 -21.85 31.21 17.19
CA GLY E 279 -22.60 30.59 16.11
C GLY E 279 -21.72 30.18 14.95
N ILE E 280 -20.79 31.05 14.56
CA ILE E 280 -19.96 30.72 13.41
C ILE E 280 -19.05 29.54 13.73
N THR E 281 -18.59 29.42 14.97
CA THR E 281 -17.83 28.24 15.36
C THR E 281 -18.69 26.99 15.28
N THR E 282 -19.96 27.08 15.68
CA THR E 282 -20.83 25.92 15.55
C THR E 282 -21.02 25.54 14.08
N VAL E 283 -21.13 26.53 13.19
CA VAL E 283 -21.26 26.25 11.77
C VAL E 283 -20.03 25.50 11.27
N LEU E 284 -18.85 26.02 11.58
CA LEU E 284 -17.62 25.36 11.15
C LEU E 284 -17.49 23.97 11.74
N THR E 285 -17.94 23.78 12.98
CA THR E 285 -17.92 22.46 13.60
C THR E 285 -18.85 21.50 12.86
N MET E 286 -20.03 21.97 12.46
CA MET E 286 -20.92 21.13 11.66
C MET E 286 -20.20 20.65 10.41
N THR E 287 -19.57 21.56 9.67
CA THR E 287 -18.86 21.14 8.47
C THR E 287 -17.74 20.16 8.81
N THR E 288 -17.02 20.43 9.90
CA THR E 288 -15.88 19.59 10.27
C THR E 288 -16.31 18.17 10.63
N ILE E 289 -17.42 18.04 11.36
CA ILE E 289 -17.88 16.70 11.72
C ILE E 289 -18.54 16.01 10.53
N ASN E 290 -19.02 16.78 9.55
CA ASN E 290 -19.54 16.15 8.33
C ASN E 290 -18.41 15.56 7.50
N THR E 291 -17.34 16.32 7.30
CA THR E 291 -16.30 15.88 6.37
C THR E 291 -15.60 14.62 6.87
N HIS E 292 -15.27 14.56 8.16
CA HIS E 292 -14.54 13.42 8.69
C HIS E 292 -15.40 12.17 8.82
N LEU E 293 -16.71 12.28 8.66
CA LEU E 293 -17.59 11.12 8.61
C LEU E 293 -17.97 10.72 7.20
N ARG E 294 -17.92 11.66 6.26
CA ARG E 294 -18.22 11.36 4.87
C ARG E 294 -17.01 10.83 4.11
N GLU E 295 -15.80 11.13 4.57
CA GLU E 295 -14.60 10.74 3.82
C GLU E 295 -14.35 9.24 3.87
N THR E 296 -14.95 8.52 4.81
CA THR E 296 -14.82 7.07 4.91
C THR E 296 -15.92 6.34 4.14
N LEU E 297 -16.44 6.94 3.07
CA LEU E 297 -17.61 6.45 2.38
C LEU E 297 -17.44 6.77 0.90
N PRO E 298 -17.99 5.95 0.00
CA PRO E 298 -17.72 6.15 -1.43
C PRO E 298 -18.31 7.44 -1.96
N LYS E 299 -17.95 7.74 -3.21
CA LYS E 299 -18.36 8.98 -3.86
C LYS E 299 -19.77 8.83 -4.42
N ILE E 300 -20.71 8.42 -3.58
CA ILE E 300 -22.07 8.13 -4.07
C ILE E 300 -22.82 9.45 -4.29
N PRO E 301 -23.46 9.65 -5.47
CA PRO E 301 -24.13 10.91 -5.79
C PRO E 301 -25.60 10.97 -5.43
N TYR E 302 -25.91 10.88 -4.14
CA TYR E 302 -27.28 11.09 -3.68
C TYR E 302 -27.28 11.28 -2.18
N VAL E 303 -28.34 11.92 -1.69
CA VAL E 303 -28.40 12.31 -0.29
C VAL E 303 -28.75 11.09 0.56
N LYS E 304 -27.84 10.71 1.45
CA LYS E 304 -28.10 9.69 2.43
C LYS E 304 -29.07 10.19 3.49
N ALA E 305 -29.52 9.28 4.36
CA ALA E 305 -30.32 9.72 5.50
C ALA E 305 -29.51 10.64 6.41
N ILE E 306 -28.25 10.28 6.67
CA ILE E 306 -27.42 11.17 7.47
C ILE E 306 -27.02 12.43 6.72
N ASP E 307 -27.03 12.42 5.38
CA ASP E 307 -26.89 13.68 4.68
C ASP E 307 -28.06 14.60 4.98
N MET E 308 -29.28 14.05 5.01
CA MET E 308 -30.43 14.85 5.40
C MET E 308 -30.32 15.33 6.83
N TYR E 309 -29.85 14.46 7.75
CA TYR E 309 -29.70 14.87 9.14
C TYR E 309 -28.67 15.99 9.27
N LEU E 310 -27.51 15.82 8.62
CA LEU E 310 -26.46 16.83 8.70
C LEU E 310 -26.90 18.14 8.08
N MET E 311 -27.61 18.09 6.96
CA MET E 311 -28.06 19.34 6.35
C MET E 311 -29.14 20.01 7.19
N GLY E 312 -30.01 19.23 7.85
CA GLY E 312 -30.98 19.83 8.75
C GLY E 312 -30.32 20.49 9.95
N CYS E 313 -29.36 19.81 10.55
CA CYS E 313 -28.63 20.41 11.68
C CYS E 313 -27.86 21.64 11.22
N PHE E 314 -27.25 21.59 10.04
CA PHE E 314 -26.54 22.75 9.53
C PHE E 314 -27.48 23.91 9.28
N VAL E 315 -28.68 23.64 8.78
CA VAL E 315 -29.65 24.70 8.58
C VAL E 315 -30.04 25.31 9.91
N PHE E 316 -30.27 24.47 10.93
CA PHE E 316 -30.59 25.01 12.25
C PHE E 316 -29.48 25.91 12.77
N VAL E 317 -28.23 25.46 12.66
CA VAL E 317 -27.12 26.26 13.16
C VAL E 317 -26.95 27.54 12.36
N PHE E 318 -27.08 27.44 11.04
CA PHE E 318 -26.95 28.60 10.18
C PHE E 318 -28.04 29.63 10.49
N LEU E 319 -29.25 29.16 10.75
CA LEU E 319 -30.31 30.09 11.15
C LEU E 319 -30.05 30.65 12.55
N ALA E 320 -29.48 29.86 13.45
CA ALA E 320 -29.12 30.38 14.75
C ALA E 320 -28.15 31.54 14.65
N LEU E 321 -27.23 31.50 13.68
CA LEU E 321 -26.31 32.61 13.46
C LEU E 321 -26.95 33.77 12.72
N LEU E 322 -27.70 33.46 11.65
CA LEU E 322 -28.33 34.50 10.86
C LEU E 322 -29.41 35.22 11.67
N GLU E 323 -29.92 34.60 12.73
CA GLU E 323 -30.87 35.27 13.60
C GLU E 323 -30.19 36.35 14.44
N TYR E 324 -28.98 36.08 14.93
CA TYR E 324 -28.23 37.17 15.54
C TYR E 324 -27.95 38.27 14.53
N ALA E 325 -27.57 37.90 13.32
CA ALA E 325 -27.38 38.93 12.30
C ALA E 325 -28.64 39.77 12.14
N PHE E 326 -29.81 39.12 12.09
CA PHE E 326 -31.07 39.82 11.92
C PHE E 326 -31.32 40.80 13.06
N VAL E 327 -31.18 40.33 14.31
CA VAL E 327 -31.49 41.22 15.43
C VAL E 327 -30.47 42.36 15.50
N ASN E 328 -29.22 42.11 15.15
CA ASN E 328 -28.23 43.19 15.13
C ASN E 328 -28.53 44.20 14.03
N TYR E 329 -29.16 43.77 12.93
CA TYR E 329 -29.63 44.72 11.93
C TYR E 329 -30.88 45.45 12.40
N ILE E 330 -31.89 44.72 12.86
CA ILE E 330 -33.18 45.32 13.14
C ILE E 330 -33.11 46.25 14.33
N PHE E 331 -32.39 45.84 15.38
CA PHE E 331 -32.28 46.69 16.57
C PHE E 331 -31.77 48.08 16.19
N PHE E 332 -30.85 48.16 15.23
CA PHE E 332 -30.30 49.42 14.78
C PHE E 332 -31.15 50.10 13.70
N SER E 333 -32.22 49.47 13.25
CA SER E 333 -33.09 50.07 12.24
C SER E 333 -34.53 49.61 12.43
N LYS E 577 -34.58 49.87 20.99
CA LYS E 577 -35.90 49.48 20.51
C LYS E 577 -36.25 48.07 21.00
N GLY E 578 -37.53 47.85 21.31
CA GLY E 578 -37.96 46.57 21.81
C GLY E 578 -37.98 45.47 20.77
N ARG E 579 -37.73 45.81 19.51
CA ARG E 579 -37.75 44.83 18.44
C ARG E 579 -36.64 43.80 18.57
N ALA E 580 -35.65 44.02 19.44
CA ALA E 580 -34.56 43.06 19.60
C ALA E 580 -34.96 41.92 20.54
N ALA E 581 -35.32 42.25 21.77
CA ALA E 581 -35.76 41.22 22.71
C ALA E 581 -37.08 40.59 22.29
N ALA E 582 -37.94 41.36 21.63
CA ALA E 582 -39.30 40.91 21.32
C ALA E 582 -39.34 39.79 20.31
N ILE E 583 -38.21 39.34 19.77
CA ILE E 583 -38.18 38.16 18.91
C ILE E 583 -37.13 37.18 19.40
N ASP E 584 -36.16 37.65 20.18
CA ASP E 584 -35.22 36.73 20.83
C ASP E 584 -35.93 35.90 21.91
N ARG E 585 -36.78 36.56 22.69
CA ARG E 585 -37.59 35.85 23.68
C ARG E 585 -38.51 34.84 23.04
N TRP E 586 -38.82 34.99 21.75
CA TRP E 586 -39.51 33.94 21.03
C TRP E 586 -38.55 32.88 20.50
N SER E 587 -37.44 33.32 19.92
CA SER E 587 -36.47 32.38 19.36
C SER E 587 -36.05 31.34 20.37
N ARG E 588 -35.93 31.73 21.63
CA ARG E 588 -35.48 30.80 22.66
C ARG E 588 -36.35 29.54 22.69
N ILE E 589 -37.63 29.66 22.35
CA ILE E 589 -38.54 28.52 22.38
C ILE E 589 -38.78 28.00 20.96
N VAL E 590 -38.70 28.89 19.97
CA VAL E 590 -38.95 28.49 18.60
C VAL E 590 -37.89 27.49 18.12
N PHE E 591 -36.62 27.75 18.42
CA PHE E 591 -35.58 26.81 17.99
C PHE E 591 -35.75 25.42 18.59
N PRO E 592 -35.77 25.25 19.90
CA PRO E 592 -35.91 23.88 20.44
C PRO E 592 -37.19 23.21 20.01
N PHE E 593 -38.30 23.94 19.91
CA PHE E 593 -39.56 23.30 19.53
C PHE E 593 -39.49 22.76 18.10
N THR E 594 -39.00 23.57 17.16
CA THR E 594 -38.92 23.10 15.78
C THR E 594 -37.87 22.02 15.62
N PHE E 595 -36.79 22.06 16.39
CA PHE E 595 -35.81 20.97 16.32
C PHE E 595 -36.38 19.66 16.87
N SER E 596 -37.19 19.75 17.93
CA SER E 596 -37.88 18.56 18.43
C SER E 596 -38.83 18.01 17.37
N LEU E 597 -39.57 18.90 16.69
CA LEU E 597 -40.42 18.45 15.58
C LEU E 597 -39.59 17.79 14.49
N PHE E 598 -38.42 18.36 14.21
CA PHE E 598 -37.53 17.80 13.19
C PHE E 598 -37.15 16.37 13.53
N ASN E 599 -36.70 16.13 14.77
CA ASN E 599 -36.36 14.78 15.16
C ASN E 599 -37.57 13.85 15.15
N LEU E 600 -38.73 14.34 15.62
CA LEU E 600 -39.92 13.51 15.65
C LEU E 600 -40.30 13.03 14.26
N VAL E 601 -40.26 13.93 13.27
CA VAL E 601 -40.59 13.50 11.92
C VAL E 601 -39.51 12.59 11.36
N TYR E 602 -38.24 12.92 11.61
CA TYR E 602 -37.14 12.17 11.01
C TYR E 602 -37.15 10.71 11.44
N TRP E 603 -37.17 10.47 12.75
CA TRP E 603 -37.06 9.09 13.22
C TRP E 603 -38.29 8.27 12.84
N LEU E 604 -39.48 8.84 12.90
CA LEU E 604 -40.66 8.09 12.53
C LEU E 604 -40.76 7.87 11.02
N TYR E 605 -40.14 8.77 10.23
CA TYR E 605 -40.15 8.58 8.79
C TYR E 605 -39.18 7.49 8.36
N TYR E 606 -38.01 7.42 8.99
CA TYR E 606 -37.06 6.37 8.62
C TYR E 606 -37.29 5.05 9.36
N VAL E 607 -37.57 5.11 10.66
CA VAL E 607 -37.64 3.88 11.44
C VAL E 607 -38.99 3.18 11.25
N ASN E 608 -40.08 3.90 11.46
CA ASN E 608 -41.41 3.29 11.46
C ASN E 608 -42.12 3.39 10.12
N SER E 609 -41.50 3.95 9.09
CA SER E 609 -42.14 4.06 7.79
C SER E 609 -41.15 4.48 6.71
N GLN F 20 26.95 17.82 -18.96
CA GLN F 20 27.79 16.75 -18.34
C GLN F 20 28.50 17.26 -17.10
N VAL F 21 28.81 16.35 -16.18
CA VAL F 21 29.58 16.71 -14.99
C VAL F 21 31.03 16.90 -15.37
N GLN F 22 31.66 17.90 -14.78
CA GLN F 22 33.07 18.17 -15.00
C GLN F 22 33.75 18.39 -13.66
N LEU F 23 34.96 17.86 -13.52
CA LEU F 23 35.66 17.83 -12.26
C LEU F 23 37.03 18.45 -12.41
N VAL F 24 37.56 18.97 -11.30
CA VAL F 24 38.89 19.56 -11.25
C VAL F 24 39.56 19.14 -9.96
N GLU F 25 40.84 18.81 -10.03
CA GLU F 25 41.62 18.39 -8.89
C GLU F 25 42.54 19.52 -8.44
N SER F 26 43.06 19.37 -7.22
CA SER F 26 44.08 20.28 -6.72
C SER F 26 44.58 19.77 -5.38
N GLY F 27 45.86 20.00 -5.10
CA GLY F 27 46.47 19.64 -3.84
C GLY F 27 47.68 18.74 -3.93
N GLY F 28 47.96 18.13 -5.09
CA GLY F 28 49.09 17.23 -5.18
C GLY F 28 50.41 17.97 -5.28
N GLY F 29 51.45 17.37 -4.72
CA GLY F 29 52.76 17.99 -4.73
C GLY F 29 53.81 17.06 -4.15
N LEU F 30 54.97 17.63 -3.85
CA LEU F 30 56.12 16.87 -3.39
C LEU F 30 56.27 17.01 -1.88
N VAL F 31 56.69 15.93 -1.23
CA VAL F 31 56.90 15.93 0.21
C VAL F 31 57.95 16.97 0.57
N GLY F 422 56.00 12.09 5.26
CA GLY F 422 55.16 13.21 5.61
C GLY F 422 53.68 12.91 5.41
N SER F 423 52.87 13.97 5.30
CA SER F 423 51.45 13.82 5.10
C SER F 423 50.99 14.85 4.08
N LEU F 424 49.87 14.54 3.42
CA LEU F 424 49.38 15.38 2.34
C LEU F 424 47.87 15.20 2.21
N ARG F 425 47.24 16.14 1.52
CA ARG F 425 45.80 16.13 1.37
C ARG F 425 45.44 16.63 -0.03
N LEU F 426 44.39 16.07 -0.60
CA LEU F 426 43.95 16.42 -1.94
C LEU F 426 42.47 16.83 -1.92
N SER F 427 42.06 17.49 -2.99
CA SER F 427 40.70 17.99 -3.13
C SER F 427 40.25 17.82 -4.57
N CYS F 428 39.01 17.39 -4.74
CA CYS F 428 38.38 17.24 -6.05
C CYS F 428 37.05 17.99 -6.01
N ALA F 429 36.92 19.00 -6.87
CA ALA F 429 35.70 19.79 -6.95
C ALA F 429 34.92 19.39 -8.19
N ALA F 430 33.63 19.14 -8.02
CA ALA F 430 32.75 18.71 -9.10
C ALA F 430 31.76 19.82 -9.43
N SER F 431 31.29 19.81 -10.67
CA SER F 431 30.35 20.81 -11.15
C SER F 431 29.39 20.15 -12.13
N GLY F 432 28.22 20.77 -12.29
CA GLY F 432 27.25 20.25 -13.23
C GLY F 432 26.23 19.34 -12.55
N HIS F 433 25.86 18.27 -13.26
CA HIS F 433 24.84 17.35 -12.78
C HIS F 433 25.43 16.33 -11.83
N THR F 434 25.98 16.81 -10.70
CA THR F 434 26.58 15.90 -9.73
C THR F 434 25.56 15.01 -9.04
N PHE F 435 24.27 15.34 -9.15
CA PHE F 435 23.26 14.47 -8.54
C PHE F 435 23.19 13.11 -9.24
N ASN F 436 23.32 13.10 -10.57
CA ASN F 436 23.29 11.84 -11.30
C ASN F 436 24.56 11.02 -11.11
N TYR F 437 25.54 11.54 -10.37
CA TYR F 437 26.80 10.85 -10.10
C TYR F 437 27.05 10.85 -8.59
N PRO F 438 26.27 10.08 -7.84
CA PRO F 438 26.29 10.22 -6.38
C PRO F 438 27.57 9.76 -5.71
N ILE F 439 28.48 9.10 -6.43
CA ILE F 439 29.69 8.54 -5.83
C ILE F 439 30.89 9.06 -6.58
N MET F 440 31.95 9.37 -5.84
CA MET F 440 33.22 9.81 -6.42
C MET F 440 34.32 8.90 -5.91
N GLY F 441 35.23 8.52 -6.79
CA GLY F 441 36.32 7.62 -6.45
C GLY F 441 37.67 8.25 -6.72
N TRP F 442 38.65 7.89 -5.91
CA TRP F 442 40.03 8.30 -6.09
C TRP F 442 40.84 7.11 -6.57
N PHE F 443 41.49 7.26 -7.72
CA PHE F 443 42.36 6.26 -8.30
C PHE F 443 43.78 6.80 -8.35
N ARG F 444 44.71 5.94 -8.74
CA ARG F 444 46.07 6.40 -8.93
C ARG F 444 46.76 5.50 -9.93
N GLN F 445 47.80 6.03 -10.56
CA GLN F 445 48.53 5.30 -11.58
C GLN F 445 49.98 5.78 -11.60
N ALA F 446 50.84 4.96 -12.18
CA ALA F 446 52.26 5.25 -12.23
C ALA F 446 52.84 4.53 -13.43
N PRO F 447 54.00 4.97 -13.94
CA PRO F 447 54.61 4.26 -15.06
C PRO F 447 54.85 2.80 -14.71
N GLY F 448 54.45 1.91 -15.61
CA GLY F 448 54.59 0.49 -15.39
C GLY F 448 53.52 -0.13 -14.54
N LYS F 449 52.49 0.63 -14.15
CA LYS F 449 51.41 0.13 -13.32
C LYS F 449 50.06 0.37 -13.96
N GLU F 450 49.16 -0.58 -13.81
CA GLU F 450 47.77 -0.37 -14.14
C GLU F 450 47.13 0.57 -13.12
N ARG F 451 46.07 1.25 -13.55
CA ARG F 451 45.39 2.19 -12.68
C ARG F 451 44.89 1.49 -11.42
N GLU F 452 45.15 2.08 -10.26
CA GLU F 452 44.87 1.46 -8.97
C GLU F 452 43.83 2.26 -8.21
N PHE F 453 42.92 1.56 -7.55
CA PHE F 453 41.91 2.19 -6.72
C PHE F 453 42.50 2.62 -5.38
N VAL F 454 41.96 3.71 -4.82
CA VAL F 454 42.43 4.28 -3.56
C VAL F 454 41.30 4.43 -2.55
N GLY F 455 40.17 4.98 -2.98
CA GLY F 455 39.06 5.16 -2.05
C GLY F 455 37.85 5.69 -2.79
N ALA F 456 36.74 5.78 -2.04
CA ALA F 456 35.48 6.24 -2.60
C ALA F 456 34.66 6.92 -1.50
N ILE F 457 33.66 7.68 -1.94
CA ILE F 457 32.82 8.47 -1.05
C ILE F 457 31.46 8.67 -1.71
N SER F 458 30.43 8.74 -0.90
CA SER F 458 29.07 8.93 -1.37
C SER F 458 28.58 10.31 -0.96
N TRP F 459 28.11 11.09 -1.92
CA TRP F 459 27.57 12.41 -1.60
C TRP F 459 26.45 12.30 -0.58
N SER F 460 26.54 13.12 0.47
CA SER F 460 25.47 13.26 1.46
C SER F 460 25.38 12.06 2.39
N GLY F 461 26.10 10.98 2.08
CA GLY F 461 26.06 9.81 2.94
C GLY F 461 27.32 9.65 3.77
N GLY F 462 28.47 9.96 3.19
CA GLY F 462 29.73 9.87 3.89
C GLY F 462 30.27 8.47 4.07
N SER F 463 29.59 7.44 3.56
CA SER F 463 30.00 6.06 3.77
C SER F 463 31.14 5.68 2.83
N THR F 464 32.38 5.79 3.31
CA THR F 464 33.54 5.58 2.47
C THR F 464 33.90 4.10 2.37
N SER F 465 34.82 3.81 1.46
CA SER F 465 35.48 2.52 1.37
C SER F 465 36.85 2.76 0.77
N TYR F 466 37.83 1.97 1.19
CA TYR F 466 39.22 2.21 0.83
C TYR F 466 39.85 0.95 0.27
N ALA F 467 40.91 1.14 -0.49
CA ALA F 467 41.75 0.03 -0.91
C ALA F 467 42.56 -0.48 0.28
N ASP F 468 42.75 -1.80 0.32
CA ASP F 468 43.48 -2.39 1.44
C ASP F 468 44.90 -1.88 1.55
N SER F 469 45.45 -1.31 0.46
CA SER F 469 46.82 -0.83 0.49
C SER F 469 46.97 0.49 1.23
N VAL F 470 45.88 1.25 1.38
CA VAL F 470 45.93 2.55 2.03
C VAL F 470 44.96 2.59 3.20
N LYS F 471 44.18 1.53 3.35
CA LYS F 471 43.18 1.47 4.41
C LYS F 471 43.83 1.78 5.75
N ASP F 472 43.18 2.64 6.53
CA ASP F 472 43.66 3.09 7.84
C ASP F 472 44.76 4.14 7.75
N ARG F 473 45.16 4.54 6.54
CA ARG F 473 45.96 5.76 6.37
C ARG F 473 45.12 6.86 5.76
N PHE F 474 44.52 6.60 4.60
CA PHE F 474 43.76 7.63 3.92
C PHE F 474 42.32 7.65 4.39
N THR F 475 41.70 8.81 4.22
CA THR F 475 40.27 8.97 4.47
C THR F 475 39.72 9.94 3.43
N ILE F 476 38.42 9.82 3.15
CA ILE F 476 37.77 10.66 2.17
C ILE F 476 36.51 11.25 2.79
N SER F 477 36.24 12.51 2.48
CA SER F 477 35.08 13.22 3.00
C SER F 477 34.55 14.15 1.92
N ARG F 478 33.29 14.53 2.07
CA ARG F 478 32.59 15.32 1.05
C ARG F 478 32.02 16.60 1.68
N ASP F 479 32.43 17.73 1.12
CA ASP F 479 31.81 19.03 1.43
C ASP F 479 30.70 19.24 0.41
N ASN F 480 29.47 18.93 0.81
CA ASN F 480 28.36 18.94 -0.13
C ASN F 480 27.93 20.34 -0.53
N ALA F 481 28.30 21.36 0.24
CA ALA F 481 27.95 22.73 -0.10
C ALA F 481 28.87 23.29 -1.19
N LYS F 482 30.17 23.04 -1.08
CA LYS F 482 31.11 23.42 -2.11
C LYS F 482 31.15 22.42 -3.26
N ASN F 483 30.39 21.33 -3.16
CA ASN F 483 30.44 20.25 -4.14
C ASN F 483 31.88 19.80 -4.36
N THR F 484 32.56 19.52 -3.26
CA THR F 484 33.97 19.16 -3.28
C THR F 484 34.22 17.98 -2.36
N VAL F 485 35.16 17.13 -2.73
CA VAL F 485 35.56 15.97 -1.95
C VAL F 485 37.06 16.07 -1.66
N TYR F 486 37.46 15.57 -0.50
CA TYR F 486 38.82 15.68 -0.04
C TYR F 486 39.34 14.32 0.41
N LEU F 487 40.60 14.04 0.08
CA LEU F 487 41.27 12.79 0.45
C LEU F 487 42.45 13.12 1.34
N GLU F 488 42.47 12.51 2.52
CA GLU F 488 43.57 12.71 3.47
C GLU F 488 44.67 11.70 3.15
N MET F 489 45.80 12.18 2.64
CA MET F 489 46.89 11.29 2.25
C MET F 489 47.91 11.18 3.38
N ASN F 490 47.46 10.60 4.49
CA ASN F 490 48.24 10.63 5.72
C ASN F 490 49.46 9.71 5.63
N ASN F 491 50.50 10.09 6.38
CA ASN F 491 51.65 9.24 6.65
C ASN F 491 52.19 8.63 5.36
N LEU F 492 52.74 9.50 4.51
CA LEU F 492 53.20 9.08 3.20
C LEU F 492 54.26 8.00 3.29
N LYS F 493 54.25 7.09 2.32
CA LYS F 493 55.31 6.13 2.09
C LYS F 493 55.77 6.22 0.64
N PRO F 494 57.03 5.89 0.35
CA PRO F 494 57.56 6.15 -1.00
C PRO F 494 56.73 5.57 -2.12
N GLU F 495 56.16 4.38 -1.95
CA GLU F 495 55.39 3.77 -3.02
C GLU F 495 54.13 4.57 -3.36
N ASP F 496 53.75 5.51 -2.50
CA ASP F 496 52.57 6.33 -2.75
C ASP F 496 52.81 7.38 -3.82
N THR F 497 53.97 7.37 -4.48
CA THR F 497 54.25 8.32 -5.56
C THR F 497 53.48 7.92 -6.80
N ALA F 498 52.49 8.73 -7.18
CA ALA F 498 51.63 8.40 -8.30
C ALA F 498 50.77 9.61 -8.64
N VAL F 499 50.11 9.55 -9.78
CA VAL F 499 49.17 10.59 -10.22
C VAL F 499 47.79 10.16 -9.80
N TYR F 500 47.13 10.97 -8.99
CA TYR F 500 45.94 10.55 -8.25
C TYR F 500 44.67 11.06 -8.93
N TYR F 501 44.34 10.44 -10.07
CA TYR F 501 43.16 10.84 -10.82
C TYR F 501 41.93 10.78 -9.93
N CYS F 502 41.08 11.80 -10.07
CA CYS F 502 39.75 11.80 -9.47
C CYS F 502 38.71 11.47 -10.52
N ALA F 503 37.66 10.76 -10.11
CA ALA F 503 36.68 10.29 -11.07
C ALA F 503 35.31 10.20 -10.42
N ALA F 504 34.28 10.22 -11.25
CA ALA F 504 32.89 10.19 -10.80
C ALA F 504 32.21 8.93 -11.33
N LYS F 505 31.22 8.45 -10.58
CA LYS F 505 30.58 7.16 -10.85
C LYS F 505 29.08 7.36 -10.95
N GLY F 506 28.46 6.63 -11.88
CA GLY F 506 27.04 6.81 -12.11
C GLY F 506 26.19 6.20 -11.00
N ARG F 507 24.89 6.41 -11.11
CA ARG F 507 23.97 5.90 -10.11
C ARG F 507 23.98 4.38 -10.06
N TYR F 508 23.93 3.73 -11.23
CA TYR F 508 23.74 2.28 -11.30
C TYR F 508 24.92 1.56 -11.95
N SER F 509 26.11 2.14 -11.95
CA SER F 509 27.25 1.40 -12.47
C SER F 509 27.66 0.32 -11.47
N GLY F 510 28.68 -0.46 -11.86
CA GLY F 510 29.04 -1.64 -11.10
C GLY F 510 30.01 -1.41 -9.95
N GLY F 511 31.01 -2.29 -9.84
CA GLY F 511 31.90 -2.25 -8.70
C GLY F 511 32.70 -0.97 -8.67
N LEU F 512 33.10 -0.58 -7.45
CA LEU F 512 33.82 0.67 -7.25
C LEU F 512 35.31 0.55 -7.52
N TYR F 513 35.88 -0.65 -7.41
CA TYR F 513 37.31 -0.83 -7.53
C TYR F 513 37.81 -0.78 -8.96
N TYR F 514 36.93 -0.70 -9.95
CA TYR F 514 37.30 -0.89 -11.34
C TYR F 514 37.15 0.41 -12.12
N PRO F 515 38.23 0.96 -12.68
CA PRO F 515 38.14 2.29 -13.30
C PRO F 515 37.10 2.39 -14.39
N THR F 516 36.83 1.32 -15.11
CA THR F 516 35.96 1.40 -16.28
C THR F 516 34.57 1.89 -15.93
N ASN F 517 34.17 1.81 -14.67
CA ASN F 517 32.84 2.23 -14.27
C ASN F 517 32.72 3.73 -14.05
N TYR F 518 33.83 4.47 -14.07
CA TYR F 518 33.84 5.89 -13.76
C TYR F 518 33.93 6.69 -15.05
N ASP F 519 32.98 7.61 -15.25
CA ASP F 519 32.85 8.32 -16.51
C ASP F 519 33.78 9.52 -16.59
N TYR F 520 33.58 10.50 -15.72
CA TYR F 520 34.26 11.79 -15.81
C TYR F 520 35.48 11.78 -14.91
N TRP F 521 36.60 12.27 -15.43
CA TRP F 521 37.91 12.13 -14.78
C TRP F 521 38.58 13.47 -14.63
N GLY F 522 39.33 13.63 -13.56
CA GLY F 522 40.08 14.84 -13.33
C GLY F 522 41.38 14.86 -14.11
N GLN F 523 42.15 15.93 -13.92
CA GLN F 523 43.37 16.10 -14.69
C GLN F 523 44.57 15.38 -14.06
N GLY F 524 44.37 14.69 -12.94
CA GLY F 524 45.42 13.83 -12.43
C GLY F 524 46.63 14.54 -11.84
N THR F 525 46.48 15.09 -10.65
CA THR F 525 47.61 15.70 -9.97
C THR F 525 48.66 14.66 -9.61
N GLN F 526 49.93 15.01 -9.86
CA GLN F 526 51.03 14.18 -9.40
C GLN F 526 51.23 14.34 -7.90
N VAL F 527 51.79 13.31 -7.29
CA VAL F 527 52.29 13.36 -5.92
C VAL F 527 53.67 12.72 -5.91
N THR F 528 54.57 13.28 -5.11
CA THR F 528 55.94 12.78 -5.03
C THR F 528 56.39 12.74 -3.58
N VAL F 529 57.14 11.69 -3.24
CA VAL F 529 57.67 11.52 -1.89
C VAL F 529 59.18 11.32 -1.94
C1 NAG G . -12.21 -37.89 21.48
C2 NAG G . -11.95 -37.96 22.99
C3 NAG G . -11.19 -39.24 23.33
C4 NAG G . -11.94 -40.46 22.81
C5 NAG G . -12.20 -40.28 21.32
C6 NAG G . -13.03 -41.40 20.74
C7 NAG G . -11.72 -35.83 24.21
C8 NAG G . -10.75 -34.74 24.58
N2 NAG G . -11.22 -36.82 23.45
O3 NAG G . -11.03 -39.29 24.72
O4 NAG G . -11.12 -41.59 23.07
O5 NAG G . -12.88 -39.07 21.10
O6 NAG G . -13.47 -41.05 19.44
O7 NAG G . -12.88 -35.80 24.58
C1 NAG G . -11.87 -42.58 23.81
C2 NAG G . -11.15 -43.93 23.69
C3 NAG G . -11.88 -44.99 24.52
C4 NAG G . -12.02 -44.51 25.96
C5 NAG G . -12.71 -43.14 25.96
C6 NAG G . -12.89 -42.56 27.34
C7 NAG G . -9.98 -45.04 21.83
C8 NAG G . -10.10 -45.43 20.39
N2 NAG G . -11.06 -44.39 22.34
O3 NAG G . -11.17 -46.19 24.43
O4 NAG G . -12.77 -45.47 26.66
O5 NAG G . -11.95 -42.24 25.18
O6 NAG G . -13.45 -41.26 27.24
O7 NAG G . -8.99 -45.29 22.49
C1 NAG H . 7.21 -21.15 -4.67
C2 NAG H . 5.71 -20.99 -4.98
C3 NAG H . 5.35 -21.75 -6.23
C4 NAG H . 6.22 -21.21 -7.36
C5 NAG H . 7.68 -21.44 -6.96
C6 NAG H . 8.69 -21.04 -8.02
C7 NAG H . 5.10 -22.47 -3.08
C8 NAG H . 4.15 -22.61 -1.93
N2 NAG H . 4.94 -21.38 -3.83
O3 NAG H . 3.98 -21.58 -6.48
O4 NAG H . 5.88 -21.73 -8.64
O5 NAG H . 7.96 -20.70 -5.77
O6 NAG H . 8.71 -19.64 -8.14
O7 NAG H . 5.96 -23.33 -3.29
C1 NAG H . 5.55 -23.14 -8.77
C2 NAG H . 4.52 -23.25 -9.89
C3 NAG H . 4.14 -24.72 -10.13
C4 NAG H . 5.39 -25.56 -10.36
C5 NAG H . 6.35 -25.31 -9.19
C6 NAG H . 7.65 -26.08 -9.30
C7 NAG H . 3.03 -21.29 -10.12
C8 NAG H . 1.74 -20.67 -9.64
N2 NAG H . 3.34 -22.48 -9.57
O3 NAG H . 3.26 -24.73 -11.22
O4 NAG H . 5.02 -26.93 -10.44
O5 NAG H . 6.67 -23.94 -9.10
O6 NAG H . 8.45 -25.80 -8.17
O7 NAG H . 3.73 -20.73 -10.97
C1 BMA H . 4.43 -27.37 -11.70
C2 BMA H . 5.40 -27.09 -12.84
C3 BMA H . 4.97 -27.80 -14.15
C4 BMA H . 4.39 -29.21 -14.02
C5 BMA H . 3.89 -29.63 -12.63
C6 BMA H . 4.36 -31.04 -12.24
O2 BMA H . 6.69 -27.45 -12.45
O3 BMA H . 6.11 -27.75 -14.98
O4 BMA H . 3.32 -29.25 -14.95
O5 BMA H . 4.15 -28.76 -11.55
O6 BMA H . 3.70 -31.36 -11.03
C1 NAG I . 37.58 -19.81 -13.61
C2 NAG I . 38.73 -19.14 -14.37
C3 NAG I . 39.98 -19.17 -13.52
C4 NAG I . 39.76 -18.60 -12.12
C5 NAG I . 38.49 -19.20 -11.52
C6 NAG I . 38.07 -18.56 -10.21
C7 NAG I . 38.61 -19.30 -16.82
C8 NAG I . 39.01 -20.15 -18.01
N2 NAG I . 38.99 -19.78 -15.63
O3 NAG I . 40.99 -18.46 -14.20
O4 NAG I . 40.91 -18.95 -11.38
O5 NAG I . 37.40 -19.09 -12.42
O6 NAG I . 36.80 -19.03 -9.84
O7 NAG I . 37.98 -18.26 -16.96
C1 NAG I . 41.35 -17.93 -10.47
C2 NAG I . 42.58 -18.47 -9.74
C3 NAG I . 43.11 -17.45 -8.75
C4 NAG I . 43.31 -16.09 -9.38
C5 NAG I . 42.07 -15.70 -10.20
C6 NAG I . 42.23 -14.42 -10.96
C7 NAG I . 41.30 -19.91 -8.21
C8 NAG I . 41.21 -21.31 -7.65
N2 NAG I . 42.29 -19.71 -9.09
O3 NAG I . 44.30 -17.97 -8.21
O4 NAG I . 43.52 -15.17 -8.33
O5 NAG I . 41.73 -16.73 -11.11
O6 NAG I . 41.08 -14.19 -11.75
O7 NAG I . 40.51 -19.04 -7.87
C1 BMA I . 44.84 -14.57 -8.34
C2 BMA I . 44.84 -13.61 -7.16
C3 BMA I . 46.23 -13.05 -6.84
C4 BMA I . 47.44 -13.97 -7.09
C5 BMA I . 47.20 -15.24 -7.90
C6 BMA I . 47.84 -16.48 -7.28
O2 BMA I . 44.28 -14.29 -6.06
O3 BMA I . 46.17 -12.62 -5.50
O4 BMA I . 48.39 -13.15 -7.74
O5 BMA I . 45.85 -15.56 -8.23
O6 BMA I . 47.66 -17.55 -8.19
C1 NAG J . 23.34 -5.37 15.90
C2 NAG J . 24.84 -5.16 16.08
C3 NAG J . 25.60 -6.48 16.14
C4 NAG J . 24.97 -7.48 17.09
C5 NAG J . 23.49 -7.58 16.78
C6 NAG J . 22.70 -8.46 17.73
C7 NAG J . 26.27 -3.37 15.16
C8 NAG J . 26.68 -2.68 13.89
N2 NAG J . 25.37 -4.35 15.02
O3 NAG J . 26.92 -6.19 16.51
O4 NAG J . 25.61 -8.73 16.89
O5 NAG J . 22.89 -6.31 16.84
O6 NAG J . 22.70 -7.87 19.01
O7 NAG J . 26.74 -3.03 16.23
C1 NAG J . 26.69 -9.03 17.80
C2 NAG J . 26.72 -10.54 17.97
C3 NAG J . 27.96 -11.05 18.70
C4 NAG J . 29.22 -10.42 18.13
C5 NAG J . 29.03 -8.91 18.12
C6 NAG J . 30.24 -8.14 17.63
C7 NAG J . 24.53 -11.65 18.14
C8 NAG J . 23.43 -12.01 19.11
N2 NAG J . 25.56 -10.98 18.69
O3 NAG J . 27.97 -12.44 18.59
O4 NAG J . 30.29 -10.83 18.95
O5 NAG J . 27.92 -8.57 17.31
O6 NAG J . 29.97 -6.76 17.68
O7 NAG J . 24.47 -11.92 16.96
C1 BMA J . 31.28 -11.56 18.19
C2 BMA J . 32.55 -11.61 19.03
C3 BMA J . 33.63 -12.42 18.28
C4 BMA J . 33.15 -13.75 17.65
C5 BMA J . 31.68 -13.77 17.20
C6 BMA J . 31.04 -15.16 17.15
O2 BMA J . 32.23 -12.14 20.29
O3 BMA J . 34.71 -12.59 19.18
O4 BMA J . 33.99 -13.91 16.53
O5 BMA J . 30.83 -12.87 17.90
O6 BMA J . 31.15 -15.83 18.39
C1 MAN J . 30.44 -17.09 18.23
C2 MAN J . 30.22 -17.72 19.61
C3 MAN J . 31.58 -18.09 20.21
C4 MAN J . 32.30 -19.05 19.28
C5 MAN J . 32.43 -18.40 17.90
C6 MAN J . 33.00 -19.36 16.87
O2 MAN J . 29.40 -18.85 19.42
O3 MAN J . 31.36 -18.65 21.48
O4 MAN J . 33.55 -19.32 19.85
O5 MAN J . 31.16 -17.98 17.42
O6 MAN J . 32.00 -20.29 16.52
C1 MAN J . 32.14 -17.92 22.46
C2 MAN J . 32.25 -18.78 23.72
C3 MAN J . 30.91 -18.86 24.45
C4 MAN J . 30.34 -17.46 24.67
C5 MAN J . 30.24 -16.76 23.31
C6 MAN J . 29.73 -15.34 23.44
O2 MAN J . 33.23 -18.18 24.53
O3 MAN J . 31.12 -19.54 25.66
O4 MAN J . 29.07 -17.62 25.28
O5 MAN J . 31.54 -16.69 22.74
O6 MAN J . 29.37 -14.87 22.16
C1 MAN J . 35.68 -11.52 18.95
C2 MAN J . 37.09 -12.09 19.18
C3 MAN J . 37.36 -12.36 20.66
C4 MAN J . 37.01 -11.15 21.51
C5 MAN J . 35.57 -10.72 21.21
C6 MAN J . 35.20 -9.47 21.97
O2 MAN J . 37.98 -11.13 18.66
O3 MAN J . 38.72 -12.70 20.77
O4 MAN J . 37.17 -11.54 22.87
O5 MAN J . 35.44 -10.44 19.83
O6 MAN J . 35.33 -9.71 23.35
C1 NAG K . 20.71 10.74 -17.79
C2 NAG K . 21.01 11.49 -19.09
C3 NAG K . 22.25 10.97 -19.79
C4 NAG K . 23.40 11.02 -18.81
C5 NAG K . 23.08 10.01 -17.70
C6 NAG K . 24.12 9.98 -16.60
C7 NAG K . 19.05 12.44 -20.27
C8 NAG K . 17.94 12.09 -21.22
N2 NAG K . 19.88 11.41 -19.97
O3 NAG K . 22.49 11.80 -20.90
O4 NAG K . 24.63 10.85 -19.51
O5 NAG K . 21.86 10.35 -17.07
O6 NAG K . 23.80 8.97 -15.67
O7 NAG K . 19.18 13.55 -19.80
C1 NAG K . 25.03 9.55 -19.96
C2 NAG K . 26.22 9.78 -20.90
C3 NAG K . 27.01 8.52 -21.25
C4 NAG K . 27.28 7.73 -19.99
C5 NAG K . 25.97 7.46 -19.27
C6 NAG K . 26.17 6.62 -18.03
C7 NAG K . 25.99 11.72 -22.38
C8 NAG K . 25.47 12.17 -23.72
N2 NAG K . 25.80 10.42 -22.10
O3 NAG K . 28.21 8.90 -21.88
O4 NAG K . 27.90 6.53 -20.38
O5 NAG K . 25.39 8.69 -18.90
O6 NAG K . 24.94 6.44 -17.36
O7 NAG K . 26.55 12.50 -21.62
C1 BMA K . 28.43 8.29 -23.17
C2 BMA K . 29.44 9.17 -23.89
C3 BMA K . 29.77 8.54 -25.26
C4 BMA K . 30.23 7.08 -25.17
C5 BMA K . 29.44 6.25 -24.15
C6 BMA K . 30.18 5.01 -23.65
O2 BMA K . 30.56 9.30 -23.05
O3 BMA K . 30.62 9.44 -25.98
O4 BMA K . 30.02 6.57 -26.48
O5 BMA K . 28.91 6.96 -23.04
O6 BMA K . 31.43 5.38 -23.10
C1 MAN K . 32.06 4.20 -22.59
C2 MAN K . 33.26 4.61 -21.74
C3 MAN K . 34.27 5.37 -22.59
C4 MAN K . 34.60 4.61 -23.87
C5 MAN K . 33.36 4.02 -24.56
C6 MAN K . 33.74 3.00 -25.60
O2 MAN K . 33.82 3.41 -21.23
O3 MAN K . 35.38 5.58 -21.73
O4 MAN K . 35.23 5.51 -24.76
O5 MAN K . 32.51 3.37 -23.62
O6 MAN K . 34.30 3.66 -26.71
C1 MAN K . 36.43 6.34 -22.40
C2 MAN K . 37.54 6.62 -21.37
C3 MAN K . 37.20 7.78 -20.43
C4 MAN K . 36.69 8.98 -21.23
C5 MAN K . 35.48 8.52 -22.02
C6 MAN K . 34.87 9.67 -22.79
O2 MAN K . 38.69 6.89 -22.12
O3 MAN K . 38.37 8.08 -19.71
O4 MAN K . 36.39 10.02 -20.32
O5 MAN K . 35.88 7.53 -22.94
O6 MAN K . 35.85 10.20 -23.66
C1 MAN K . 32.02 9.42 -25.62
C2 MAN K . 32.55 10.82 -25.96
C3 MAN K . 32.58 11.01 -27.47
C4 MAN K . 33.44 9.94 -28.11
C5 MAN K . 32.87 8.57 -27.74
C6 MAN K . 33.81 7.45 -28.19
O2 MAN K . 33.83 10.93 -25.40
O3 MAN K . 33.09 12.31 -27.72
O4 MAN K . 33.42 10.16 -29.51
O5 MAN K . 32.72 8.43 -26.33
O6 MAN K . 35.03 7.56 -27.50
C1 NAG L . 11.41 -12.67 -43.00
C2 NAG L . 10.81 -12.13 -44.32
C3 NAG L . 11.88 -11.39 -45.10
C4 NAG L . 12.50 -10.27 -44.25
C5 NAG L . 12.99 -10.90 -42.95
C6 NAG L . 13.58 -9.90 -41.97
C7 NAG L . 8.96 -13.40 -45.33
C8 NAG L . 8.64 -14.57 -46.23
N2 NAG L . 10.28 -13.19 -45.13
O3 NAG L . 11.28 -10.88 -46.26
O4 NAG L . 13.55 -9.70 -45.01
O5 NAG L . 11.93 -11.57 -42.30
O6 NAG L . 13.92 -10.56 -40.78
O7 NAG L . 8.08 -12.71 -44.83
C1 NAG L . 13.80 -8.30 -44.75
C2 NAG L . 13.74 -7.55 -46.10
C3 NAG L . 13.98 -6.06 -45.92
C4 NAG L . 13.02 -5.51 -44.88
C5 NAG L . 13.09 -6.34 -43.61
C6 NAG L . 12.09 -5.92 -42.55
C7 NAG L . 14.40 -9.03 -47.94
C8 NAG L . 15.58 -9.48 -48.78
N2 NAG L . 14.70 -8.12 -47.00
O3 NAG L . 13.80 -5.46 -47.18
O4 NAG L . 13.37 -4.17 -44.64
O5 NAG L . 12.84 -7.70 -43.90
O6 NAG L . 10.79 -6.05 -43.06
O7 NAG L . 13.29 -9.49 -48.11
C1 BMA L . 14.73 -4.39 -47.46
C2 BMA L . 14.58 -4.10 -48.94
C3 BMA L . 15.36 -2.85 -49.39
C4 BMA L . 15.43 -1.69 -48.39
C5 BMA L . 15.01 -1.98 -46.94
C6 BMA L . 14.10 -0.88 -46.38
O2 BMA L . 13.21 -3.99 -49.20
O3 BMA L . 14.77 -2.47 -50.61
O4 BMA L . 16.77 -1.24 -48.42
O5 BMA L . 14.45 -3.25 -46.67
O6 BMA L . 14.86 0.31 -46.36
C1 NAG M . -6.95 -4.07 -42.76
C2 NAG M . -8.31 -3.42 -43.10
C3 NAG M . -9.13 -4.36 -43.98
C4 NAG M . -8.32 -4.76 -45.20
C5 NAG M . -6.99 -5.37 -44.74
C6 NAG M . -6.10 -5.75 -45.90
C7 NAG M . -9.59 -1.89 -41.67
C8 NAG M . -10.33 -1.77 -40.36
N2 NAG M . -9.06 -3.10 -41.91
O3 NAG M . -10.31 -3.69 -44.33
O4 NAG M . -9.08 -5.71 -45.90
O5 NAG M . -6.30 -4.44 -43.95
O6 NAG M . -6.82 -6.54 -46.79
O7 NAG M . -9.50 -0.93 -42.42
C1 NAG M . -6.57 -6.11 -48.14
C2 NAG M . -7.12 -7.18 -49.09
C3 NAG M . -6.82 -6.77 -50.52
C4 NAG M . -7.42 -5.40 -50.79
C5 NAG M . -6.92 -4.40 -49.72
C6 NAG M . -7.52 -3.03 -49.87
C7 NAG M . -7.19 -9.45 -48.15
C8 NAG M . -6.39 -10.71 -47.93
N2 NAG M . -6.53 -8.45 -48.78
O3 NAG M . -7.35 -7.75 -51.38
O4 NAG M . -7.01 -5.01 -52.08
O5 NAG M . -7.22 -4.88 -48.43
O6 NAG M . -8.92 -3.12 -49.71
O7 NAG M . -8.36 -9.35 -47.79
C1 NAG N . -31.77 -11.51 -1.56
C2 NAG N . -33.04 -12.28 -1.22
C3 NAG N . -33.34 -13.36 -2.25
C4 NAG N . -33.31 -12.81 -3.67
C5 NAG N . -32.02 -12.03 -3.88
C6 NAG N . -31.98 -11.32 -5.21
C7 NAG N . -33.39 -12.29 1.20
C8 NAG N . -33.13 -13.07 2.46
N2 NAG N . -32.92 -12.85 0.09
O3 NAG N . -34.61 -13.88 -1.94
O4 NAG N . -33.34 -13.92 -4.54
O5 NAG N . -31.84 -11.06 -2.88
O6 NAG N . -33.06 -10.42 -5.28
O7 NAG N . -33.98 -11.23 1.22
C1 NAG N . -34.67 -14.30 -4.96
C2 NAG N . -34.51 -15.04 -6.28
C3 NAG N . -35.81 -15.66 -6.75
C4 NAG N . -36.47 -16.46 -5.64
C5 NAG N . -36.60 -15.54 -4.42
C6 NAG N . -37.29 -16.17 -3.24
C7 NAG N . -32.73 -14.13 -7.70
C8 NAG N . -32.45 -13.12 -8.80
N2 NAG N . -34.00 -14.17 -7.30
O3 NAG N . -35.52 -16.45 -7.87
O4 NAG N . -37.72 -16.88 -6.12
O5 NAG N . -35.30 -15.13 -4.01
O6 NAG N . -37.38 -15.22 -2.20
O7 NAG N . -31.84 -14.83 -7.25
C1 BMA N . -37.94 -18.26 -5.74
C2 BMA N . -39.46 -18.46 -5.72
C3 BMA N . -39.75 -19.92 -5.34
C4 BMA N . -39.05 -20.93 -6.26
C5 BMA N . -37.63 -20.54 -6.68
C6 BMA N . -37.19 -21.10 -8.02
O2 BMA N . -39.98 -18.10 -6.97
O3 BMA N . -41.15 -20.02 -5.16
O4 BMA N . -39.01 -22.14 -5.53
O5 BMA N . -37.34 -19.15 -6.67
O6 BMA N . -37.93 -20.49 -9.06
C1 MAN N . -37.24 -20.70 -10.31
C2 MAN N . -38.00 -19.95 -11.39
C3 MAN N . -39.39 -20.54 -11.54
C4 MAN N . -39.30 -22.03 -11.83
C5 MAN N . -38.47 -22.72 -10.75
C6 MAN N . -38.19 -24.17 -11.09
O2 MAN N . -37.25 -20.10 -12.58
O3 MAN N . -40.04 -19.84 -12.58
O4 MAN N . -40.62 -22.52 -11.86
O5 MAN N . -37.21 -22.09 -10.61
O6 MAN N . -37.31 -24.71 -10.13
C1 MAN N . -41.37 -19.47 -12.16
C2 MAN N . -42.12 -18.98 -13.41
C3 MAN N . -41.47 -17.69 -13.91
C4 MAN N . -41.41 -16.66 -12.79
C5 MAN N . -40.69 -17.26 -11.58
C6 MAN N . -40.70 -16.31 -10.40
O2 MAN N . -43.45 -18.77 -13.03
O3 MAN N . -42.22 -17.24 -15.01
O4 MAN N . -40.71 -15.54 -13.31
O5 MAN N . -41.34 -18.46 -11.18
O6 MAN N . -41.96 -16.40 -9.77
C1 MAN N . -41.91 -20.42 -6.32
C2 MAN N . -43.35 -19.92 -6.08
C3 MAN N . -43.91 -20.63 -4.86
C4 MAN N . -43.87 -22.14 -5.06
C5 MAN N . -42.44 -22.59 -5.42
C6 MAN N . -42.44 -24.03 -5.86
O2 MAN N . -44.08 -20.23 -7.25
O3 MAN N . -45.22 -20.16 -4.66
O4 MAN N . -44.31 -22.73 -3.86
O5 MAN N . -41.91 -21.81 -6.48
O6 MAN N . -41.12 -24.42 -6.14
C1 NAG O . -19.66 -44.07 4.84
C2 NAG O . -20.11 -44.81 6.11
C3 NAG O . -21.64 -44.94 6.15
C4 NAG O . -22.29 -43.57 5.99
C5 NAG O . -21.77 -42.98 4.68
C6 NAG O . -22.36 -41.63 4.35
C7 NAG O . -18.51 -46.46 6.97
C8 NAG O . -18.07 -47.89 6.84
N2 NAG O . -19.53 -46.12 6.16
O3 NAG O . -21.99 -45.58 7.34
O4 NAG O . -23.70 -43.68 5.94
O5 NAG O . -20.36 -42.85 4.78
O6 NAG O . -23.73 -41.79 4.06
O7 NAG O . -17.95 -45.68 7.73
C1 NAG O . -24.33 -43.68 7.24
C2 NAG O . -24.80 -42.27 7.64
C3 NAG O . -25.53 -42.31 8.99
C4 NAG O . -26.68 -43.31 8.93
C5 NAG O . -26.11 -44.66 8.46
C6 NAG O . -27.16 -45.74 8.32
C7 NAG O . -22.74 -41.33 8.64
C8 NAG O . -21.72 -40.23 8.49
N2 NAG O . -23.71 -41.34 7.71
O3 NAG O . -25.95 -41.02 9.29
O4 NAG O . -27.27 -43.44 10.21
O5 NAG O . -25.46 -44.52 7.22
O6 NAG O . -28.18 -45.31 7.45
O7 NAG O . -22.66 -42.13 9.56
C1 BMA O . -28.16 -42.39 10.66
C2 BMA O . -29.21 -42.09 9.59
C3 BMA O . -30.35 -41.18 10.11
C4 BMA O . -30.85 -41.46 11.54
C5 BMA O . -29.97 -42.37 12.42
C6 BMA O . -30.74 -43.56 12.99
O2 BMA O . -29.69 -43.30 9.08
O3 BMA O . -31.37 -41.28 9.16
O4 BMA O . -30.98 -40.19 12.15
O5 BMA O . -28.75 -42.84 11.87
O6 BMA O . -29.86 -44.29 13.81
C05 V8D P . 0.47 17.70 24.22
C06 V8D P . 0.81 16.24 24.35
C07 V8D P . 0.67 18.19 22.79
C08 V8D P . -1.28 17.94 26.03
C09 V8D P . -1.99 18.14 23.98
C10 V8D P . -0.18 15.31 24.10
C11 V8D P . 2.07 15.80 24.71
C12 V8D P . -2.63 18.19 25.99
C13 V8D P . -0.36 17.75 27.15
C14 V8D P . 0.07 13.96 24.20
C15 V8D P . 2.34 14.44 24.82
C16 V8D P . 1.34 13.53 24.56
C17 V8D P . 0.12 18.35 29.38
C18 V8D P . -0.56 18.69 30.68
N03 V8D P . -0.88 17.93 24.72
N04 V8D P . -3.05 18.30 24.72
O01 V8D P . -0.80 18.30 28.28
O02 V8D P . 0.70 17.18 27.09
N ABU Q . 17.05 -23.78 11.35
CD ABU Q . 15.61 -24.03 11.46
CB ABU Q . 15.35 -25.29 12.27
CG ABU Q . 13.87 -25.63 12.35
C ABU Q . 13.46 -26.58 13.48
O ABU Q . 12.80 -26.07 14.41
OXT ABU Q . 13.80 -27.77 13.39
N1 EPE R . 26.94 -10.15 -8.92
C2 EPE R . 25.77 -9.29 -8.93
C3 EPE R . 25.47 -8.56 -10.23
N4 EPE R . 25.84 -9.26 -11.44
C5 EPE R . 26.13 -10.64 -11.17
C6 EPE R . 27.29 -10.70 -10.22
C7 EPE R . 24.89 -9.09 -12.51
C8 EPE R . 24.89 -7.70 -13.12
O8 EPE R . 23.98 -7.65 -14.20
C9 EPE R . 28.08 -9.56 -8.26
C10 EPE R . 29.24 -10.54 -8.14
S EPE R . 30.47 -9.99 -6.93
O1S EPE R . 29.68 -9.63 -5.75
O2S EPE R . 31.35 -11.16 -6.73
O3S EPE R . 31.16 -8.85 -7.56
C1 NAG S . -4.82 -21.77 -11.77
C2 NAG S . -3.39 -21.50 -11.30
C3 NAG S . -2.45 -22.29 -12.20
C4 NAG S . -2.84 -23.76 -12.14
C5 NAG S . -4.35 -23.96 -12.38
C6 NAG S . -4.79 -25.39 -12.20
C7 NAG S . -3.11 -19.28 -10.27
C8 NAG S . -2.77 -17.83 -10.55
N2 NAG S . -3.09 -20.09 -11.34
O3 NAG S . -1.14 -22.06 -11.77
O4 NAG S . -2.09 -24.42 -13.13
O5 NAG S . -5.11 -23.13 -11.52
O6 NAG S . -4.11 -26.20 -13.14
O7 NAG S . -3.39 -19.66 -9.14
C05 V8D T . -23.25 20.68 5.47
C06 V8D T . -23.46 19.42 4.67
C07 V8D T . -22.07 20.50 6.41
C08 V8D T . -24.03 22.55 3.93
C09 V8D T . -21.89 22.41 4.30
C10 V8D T . -24.52 18.58 5.00
C11 V8D T . -22.64 19.08 3.62
C12 V8D T . -23.35 23.53 3.26
C13 V8D T . -25.47 22.30 3.96
C14 V8D T . -24.76 17.42 4.29
C15 V8D T . -22.86 17.91 2.90
C16 V8D T . -23.92 17.08 3.23
C17 V8D T . -27.54 23.32 3.43
C18 V8D T . -28.05 22.36 2.38
N03 V8D T . -23.07 21.83 4.61
N04 V8D T . -22.03 23.44 3.49
O01 V8D T . -26.11 23.31 3.39
O02 V8D T . -26.00 21.33 4.43
N ABU U . -21.23 -18.37 -17.26
CD ABU U . -20.47 -19.42 -17.93
CB ABU U . -19.92 -18.94 -19.26
CG ABU U . -21.03 -18.57 -20.22
C ABU U . -20.62 -18.28 -21.68
O ABU U . -20.73 -17.09 -22.06
OXT ABU U . -20.23 -19.24 -22.37
#